data_1Q0W
#
_entry.id   1Q0W
#
_cell.length_a   1.000
_cell.length_b   1.000
_cell.length_c   1.000
_cell.angle_alpha   90.00
_cell.angle_beta   90.00
_cell.angle_gamma   90.00
#
_symmetry.space_group_name_H-M   'P 1'
#
loop_
_entity.id
_entity.type
_entity.pdbx_description
1 polymer 'Vacuolar protein sorting-associated protein VPS27'
2 polymer Ubiquitin
#
loop_
_entity_poly.entity_id
_entity_poly.type
_entity_poly.pdbx_seq_one_letter_code
_entity_poly.pdbx_strand_id
1 'polypeptide(L)' YPEDEEELIRKAIELSLKESRNSA A
2 'polypeptide(L)' MQIFVKTLTGKTITLEVESSDTIDNVKSKIQDKEGIPPDQQRLIFAGKQLEDGRTLSDYNIQKESTLHLVLRLRGG B
#
# COMPACT_ATOMS: atom_id res chain seq x y z
N TYR A 1 -3.89 -14.39 -19.03
CA TYR A 1 -4.19 -15.09 -17.75
C TYR A 1 -5.36 -14.44 -17.02
N PRO A 2 -6.31 -15.26 -16.53
CA PRO A 2 -7.49 -14.75 -15.81
C PRO A 2 -7.16 -14.38 -14.36
N GLU A 3 -6.09 -13.62 -14.18
CA GLU A 3 -5.67 -13.19 -12.84
C GLU A 3 -5.07 -11.79 -12.90
N ASP A 4 -5.81 -10.85 -13.49
CA ASP A 4 -5.36 -9.47 -13.61
C ASP A 4 -5.01 -8.89 -12.25
N GLU A 5 -5.71 -9.34 -11.20
CA GLU A 5 -5.46 -8.86 -9.86
C GLU A 5 -4.07 -9.25 -9.36
N GLU A 6 -3.73 -10.53 -9.52
CA GLU A 6 -2.43 -11.02 -9.09
C GLU A 6 -1.29 -10.34 -9.84
N GLU A 7 -1.39 -10.31 -11.17
CA GLU A 7 -0.37 -9.67 -11.99
C GLU A 7 -0.22 -8.21 -11.59
N LEU A 8 -1.34 -7.55 -11.35
CA LEU A 8 -1.34 -6.16 -10.95
C LEU A 8 -0.58 -5.97 -9.65
N ILE A 9 -0.81 -6.87 -8.70
CA ILE A 9 -0.14 -6.81 -7.40
C ILE A 9 1.38 -6.88 -7.57
N ARG A 10 1.86 -7.85 -8.35
CA ARG A 10 3.29 -8.00 -8.56
C ARG A 10 3.83 -6.85 -9.42
N LYS A 11 3.01 -6.37 -10.35
CA LYS A 11 3.41 -5.26 -11.21
C LYS A 11 3.80 -4.09 -10.32
N ALA A 12 2.97 -3.82 -9.32
CA ALA A 12 3.24 -2.76 -8.37
C ALA A 12 4.47 -3.11 -7.54
N ILE A 13 4.60 -4.40 -7.23
CA ILE A 13 5.73 -4.90 -6.45
C ILE A 13 7.04 -4.53 -7.11
N GLU A 14 7.14 -4.79 -8.41
CA GLU A 14 8.35 -4.50 -9.17
C GLU A 14 8.59 -3.00 -9.25
N LEU A 15 7.53 -2.25 -9.54
CA LEU A 15 7.64 -0.79 -9.65
C LEU A 15 8.20 -0.18 -8.36
N SER A 16 7.70 -0.63 -7.22
CA SER A 16 8.15 -0.13 -5.93
C SER A 16 9.60 -0.51 -5.68
N LEU A 17 9.96 -1.75 -5.99
CA LEU A 17 11.32 -2.24 -5.79
C LEU A 17 12.32 -1.38 -6.55
N LYS A 18 11.96 -0.98 -7.76
CA LYS A 18 12.83 -0.15 -8.60
C LYS A 18 13.19 1.14 -7.88
N GLU A 19 12.18 1.80 -7.30
CA GLU A 19 12.39 3.06 -6.59
C GLU A 19 13.23 2.84 -5.34
N SER A 20 12.86 1.84 -4.55
CA SER A 20 13.59 1.54 -3.32
C SER A 20 14.84 0.72 -3.60
N ARG A 21 15.56 1.11 -4.66
CA ARG A 21 16.79 0.42 -5.05
C ARG A 21 17.86 0.56 -3.97
N ASN A 22 18.02 1.78 -3.46
CA ASN A 22 19.03 2.05 -2.43
C ASN A 22 18.52 1.63 -1.05
N SER A 23 17.88 0.46 -0.99
CA SER A 23 17.34 -0.07 0.27
C SER A 23 16.54 1.00 1.01
N ALA A 24 15.73 1.75 0.27
CA ALA A 24 14.91 2.81 0.85
C ALA A 24 14.00 3.44 -0.21
N MET B 1 4.46 11.60 11.56
CA MET B 1 4.88 10.90 10.32
C MET B 1 3.82 11.01 9.23
N GLN B 2 4.27 11.17 7.99
CA GLN B 2 3.37 11.31 6.85
C GLN B 2 3.80 10.40 5.70
N ILE B 3 2.82 9.87 4.97
CA ILE B 3 3.09 8.99 3.84
C ILE B 3 2.07 9.21 2.72
N PHE B 4 2.51 9.08 1.49
CA PHE B 4 1.64 9.27 0.33
C PHE B 4 1.11 7.96 -0.21
N VAL B 5 -0.21 7.87 -0.36
CA VAL B 5 -0.84 6.68 -0.91
C VAL B 5 -1.06 6.87 -2.41
N LYS B 6 -0.48 5.97 -3.19
CA LYS B 6 -0.60 6.05 -4.65
C LYS B 6 -1.59 5.01 -5.17
N THR B 7 -2.64 5.48 -5.81
CA THR B 7 -3.65 4.58 -6.37
C THR B 7 -3.16 4.00 -7.69
N LEU B 8 -3.51 2.74 -7.95
CA LEU B 8 -3.09 2.06 -9.17
C LEU B 8 -3.43 2.92 -10.39
N THR B 9 -4.56 3.61 -10.34
CA THR B 9 -4.97 4.47 -11.44
C THR B 9 -3.97 5.59 -11.69
N GLY B 10 -3.46 6.17 -10.61
CA GLY B 10 -2.49 7.25 -10.74
C GLY B 10 -2.85 8.47 -9.93
N LYS B 11 -2.86 8.33 -8.61
CA LYS B 11 -3.20 9.45 -7.74
C LYS B 11 -2.57 9.31 -6.35
N THR B 12 -1.68 10.24 -6.02
CA THR B 12 -1.00 10.24 -4.73
C THR B 12 -1.73 11.15 -3.74
N ILE B 13 -1.81 10.72 -2.49
CA ILE B 13 -2.49 11.52 -1.47
C ILE B 13 -1.78 11.47 -0.13
N THR B 14 -1.66 12.64 0.50
CA THR B 14 -1.01 12.73 1.82
C THR B 14 -1.80 11.97 2.86
N LEU B 15 -1.09 11.26 3.74
CA LEU B 15 -1.74 10.49 4.80
C LEU B 15 -0.84 10.39 6.02
N GLU B 16 -1.21 11.11 7.07
CA GLU B 16 -0.46 11.11 8.32
C GLU B 16 -0.81 9.88 9.16
N VAL B 17 0.22 9.18 9.63
CA VAL B 17 0.03 7.99 10.46
C VAL B 17 1.21 7.78 11.41
N GLU B 18 0.89 7.52 12.67
CA GLU B 18 1.92 7.30 13.69
C GLU B 18 2.67 6.00 13.41
N SER B 19 3.98 6.03 13.58
CA SER B 19 4.82 4.85 13.35
C SER B 19 4.36 3.68 14.21
N SER B 20 4.04 3.97 15.46
CA SER B 20 3.58 2.94 16.40
C SER B 20 2.29 2.30 15.91
N ASP B 21 1.38 3.13 15.40
CA ASP B 21 0.09 2.65 14.90
C ASP B 21 0.27 1.60 13.81
N THR B 22 -0.48 0.52 13.90
CA THR B 22 -0.42 -0.56 12.92
C THR B 22 -1.06 -0.16 11.60
N ILE B 23 -1.00 -1.06 10.64
CA ILE B 23 -1.58 -0.83 9.32
C ILE B 23 -3.09 -0.63 9.40
N ASP B 24 -3.74 -1.43 10.25
CA ASP B 24 -5.19 -1.35 10.42
C ASP B 24 -5.64 0.10 10.60
N ASN B 25 -4.90 0.85 11.41
CA ASN B 25 -5.22 2.25 11.66
C ASN B 25 -5.15 3.05 10.36
N VAL B 26 -4.09 2.81 9.60
CA VAL B 26 -3.89 3.50 8.32
C VAL B 26 -5.07 3.25 7.39
N LYS B 27 -5.47 1.99 7.28
CA LYS B 27 -6.59 1.62 6.42
C LYS B 27 -7.85 2.34 6.87
N SER B 28 -8.03 2.47 8.18
CA SER B 28 -9.20 3.14 8.73
C SER B 28 -9.28 4.58 8.20
N LYS B 29 -8.15 5.29 8.31
CA LYS B 29 -8.09 6.68 7.83
C LYS B 29 -8.38 6.74 6.33
N ILE B 30 -7.79 5.81 5.59
CA ILE B 30 -7.98 5.76 4.14
C ILE B 30 -9.45 5.57 3.81
N GLN B 31 -10.13 4.75 4.59
CA GLN B 31 -11.54 4.48 4.39
C GLN B 31 -12.37 5.74 4.58
N ASP B 32 -12.12 6.45 5.68
CA ASP B 32 -12.84 7.66 5.99
C ASP B 32 -12.66 8.74 4.92
N LYS B 33 -11.43 8.91 4.46
CA LYS B 33 -11.12 9.93 3.45
C LYS B 33 -11.56 9.51 2.05
N GLU B 34 -10.97 8.44 1.54
CA GLU B 34 -11.26 7.96 0.18
C GLU B 34 -12.61 7.22 0.10
N GLY B 35 -12.91 6.42 1.13
CA GLY B 35 -14.15 5.68 1.13
C GLY B 35 -14.00 4.30 0.51
N ILE B 36 -13.05 3.53 1.02
CA ILE B 36 -12.79 2.19 0.52
C ILE B 36 -12.49 1.22 1.66
N PRO B 37 -13.14 0.05 1.67
CA PRO B 37 -12.95 -0.96 2.72
C PRO B 37 -11.48 -1.39 2.85
N PRO B 38 -11.00 -1.57 4.09
CA PRO B 38 -9.61 -1.97 4.36
C PRO B 38 -9.25 -3.30 3.70
N ASP B 39 -10.15 -4.28 3.83
CA ASP B 39 -9.92 -5.61 3.26
C ASP B 39 -9.79 -5.52 1.74
N GLN B 40 -10.65 -4.73 1.12
CA GLN B 40 -10.64 -4.57 -0.33
C GLN B 40 -9.31 -4.00 -0.82
N GLN B 41 -8.93 -2.86 -0.26
CA GLN B 41 -7.67 -2.20 -0.64
C GLN B 41 -6.47 -2.93 -0.06
N ARG B 42 -5.39 -2.99 -0.82
CA ARG B 42 -4.16 -3.66 -0.38
C ARG B 42 -2.94 -2.83 -0.75
N LEU B 43 -2.17 -2.44 0.25
CA LEU B 43 -0.96 -1.64 0.04
C LEU B 43 0.26 -2.52 -0.21
N ILE B 44 1.16 -2.06 -1.06
CA ILE B 44 2.38 -2.79 -1.38
C ILE B 44 3.59 -1.87 -1.29
N PHE B 45 4.68 -2.40 -0.74
CA PHE B 45 5.91 -1.63 -0.58
C PHE B 45 7.10 -2.56 -0.32
N ALA B 46 8.25 -2.20 -0.87
CA ALA B 46 9.47 -2.99 -0.70
C ALA B 46 9.23 -4.44 -1.12
N GLY B 47 8.46 -4.61 -2.19
CA GLY B 47 8.16 -5.95 -2.68
C GLY B 47 7.47 -6.81 -1.65
N LYS B 48 6.63 -6.19 -0.82
CA LYS B 48 5.90 -6.91 0.22
C LYS B 48 4.59 -6.21 0.56
N GLN B 49 3.50 -6.98 0.58
CA GLN B 49 2.19 -6.43 0.88
C GLN B 49 2.05 -6.18 2.39
N LEU B 50 1.65 -4.96 2.74
CA LEU B 50 1.48 -4.58 4.14
C LEU B 50 0.33 -5.34 4.78
N GLU B 51 0.62 -6.03 5.89
CA GLU B 51 -0.39 -6.79 6.62
C GLU B 51 -1.18 -5.88 7.56
N ASP B 52 -2.49 -6.12 7.63
CA ASP B 52 -3.37 -5.32 8.49
C ASP B 52 -3.22 -5.72 9.96
N GLY B 53 -1.98 -5.80 10.44
CA GLY B 53 -1.75 -6.17 11.83
C GLY B 53 -0.28 -6.13 12.19
N ARG B 54 0.43 -5.11 11.71
CA ARG B 54 1.86 -4.96 11.98
C ARG B 54 2.24 -3.49 12.07
N THR B 55 3.05 -3.16 13.08
CA THR B 55 3.49 -1.79 13.28
C THR B 55 4.44 -1.32 12.17
N LEU B 56 4.31 -0.05 11.79
CA LEU B 56 5.15 0.53 10.75
C LEU B 56 6.63 0.49 11.12
N SER B 57 6.91 0.61 12.42
CA SER B 57 8.29 0.61 12.91
C SER B 57 9.08 -0.58 12.38
N ASP B 58 8.49 -1.77 12.45
CA ASP B 58 9.15 -2.97 11.97
C ASP B 58 9.50 -2.84 10.50
N TYR B 59 8.57 -2.30 9.72
CA TYR B 59 8.77 -2.10 8.29
C TYR B 59 9.89 -1.11 8.03
N ASN B 60 10.05 -0.15 8.95
CA ASN B 60 11.08 0.87 8.82
C ASN B 60 10.83 1.70 7.56
N ILE B 61 9.57 2.09 7.37
CA ILE B 61 9.17 2.87 6.19
C ILE B 61 9.79 4.27 6.24
N GLN B 62 10.35 4.68 5.10
CA GLN B 62 10.97 6.00 4.99
C GLN B 62 9.91 7.09 5.11
N LYS B 63 10.33 8.26 5.59
CA LYS B 63 9.43 9.38 5.75
C LYS B 63 8.87 9.83 4.40
N GLU B 64 7.56 10.04 4.34
CA GLU B 64 6.89 10.47 3.12
C GLU B 64 7.06 9.45 2.00
N SER B 65 6.95 8.16 2.33
CA SER B 65 7.08 7.10 1.35
C SER B 65 5.77 6.85 0.61
N THR B 66 5.88 6.41 -0.64
CA THR B 66 4.71 6.12 -1.46
C THR B 66 4.31 4.66 -1.34
N LEU B 67 3.01 4.41 -1.14
CA LEU B 67 2.50 3.05 -1.01
C LEU B 67 1.61 2.71 -2.21
N HIS B 68 1.87 1.56 -2.84
CA HIS B 68 1.09 1.13 -3.99
C HIS B 68 -0.26 0.56 -3.57
N LEU B 69 -1.32 1.08 -4.19
CA LEU B 69 -2.69 0.64 -3.90
C LEU B 69 -3.09 -0.49 -4.85
N VAL B 70 -3.73 -1.53 -4.30
CA VAL B 70 -4.18 -2.66 -5.11
C VAL B 70 -5.49 -3.20 -4.58
N LEU B 71 -6.56 -3.02 -5.36
CA LEU B 71 -7.88 -3.49 -4.96
C LEU B 71 -8.10 -4.94 -5.36
N ARG B 72 -8.45 -5.78 -4.38
CA ARG B 72 -8.68 -7.19 -4.63
C ARG B 72 -9.85 -7.39 -5.59
N LEU B 73 -9.64 -8.23 -6.60
CA LEU B 73 -10.67 -8.50 -7.60
C LEU B 73 -11.83 -9.28 -7.00
N ARG B 74 -13.05 -8.89 -7.36
CA ARG B 74 -14.24 -9.55 -6.85
C ARG B 74 -14.27 -11.03 -7.25
N GLY B 75 -14.69 -11.88 -6.32
CA GLY B 75 -14.75 -13.31 -6.59
C GLY B 75 -15.63 -13.64 -7.77
N GLY B 76 -16.76 -12.95 -7.88
CA GLY B 76 -17.68 -13.19 -8.98
C GLY B 76 -17.03 -13.03 -10.33
N TYR A 1 4.11 12.10 21.31
CA TYR A 1 5.14 12.00 20.22
C TYR A 1 5.29 10.54 19.77
N PRO A 2 4.19 9.91 19.31
CA PRO A 2 4.22 8.53 18.84
C PRO A 2 4.82 8.38 17.45
N GLU A 3 5.88 9.14 17.18
CA GLU A 3 6.57 9.09 15.89
C GLU A 3 5.66 9.54 14.74
N ASP A 4 6.20 10.38 13.87
CA ASP A 4 5.45 10.88 12.72
C ASP A 4 5.07 9.74 11.77
N GLU A 5 5.94 8.73 11.72
CA GLU A 5 5.70 7.57 10.86
C GLU A 5 4.39 6.89 11.20
N GLU A 6 4.18 6.62 12.49
CA GLU A 6 2.96 5.96 12.94
C GLU A 6 1.73 6.74 12.53
N GLU A 7 1.80 8.07 12.65
CA GLU A 7 0.69 8.93 12.27
C GLU A 7 0.31 8.72 10.81
N LEU A 8 1.33 8.57 9.96
CA LEU A 8 1.12 8.36 8.54
C LEU A 8 0.41 7.03 8.28
N ILE A 9 0.97 5.96 8.85
CA ILE A 9 0.40 4.62 8.71
C ILE A 9 -1.04 4.57 9.21
N ARG A 10 -1.27 5.00 10.44
CA ARG A 10 -2.62 4.99 11.02
C ARG A 10 -3.55 5.88 10.21
N LYS A 11 -3.04 7.00 9.72
CA LYS A 11 -3.86 7.90 8.92
C LYS A 11 -4.46 7.12 7.76
N ALA A 12 -3.61 6.32 7.11
CA ALA A 12 -4.05 5.49 6.01
C ALA A 12 -5.01 4.42 6.52
N ILE A 13 -4.78 3.98 7.76
CA ILE A 13 -5.61 2.95 8.39
C ILE A 13 -7.07 3.40 8.47
N GLU A 14 -7.30 4.56 9.06
CA GLU A 14 -8.65 5.10 9.22
C GLU A 14 -9.28 5.43 7.88
N LEU A 15 -8.54 6.14 7.03
CA LEU A 15 -9.05 6.52 5.71
C LEU A 15 -9.47 5.29 4.91
N SER A 16 -8.68 4.22 5.02
CA SER A 16 -8.98 2.99 4.30
C SER A 16 -10.25 2.33 4.84
N LEU A 17 -10.37 2.28 6.17
CA LEU A 17 -11.53 1.67 6.81
C LEU A 17 -12.82 2.37 6.38
N LYS A 18 -12.78 3.70 6.31
CA LYS A 18 -13.95 4.49 5.92
C LYS A 18 -14.46 4.06 4.55
N GLU A 19 -13.53 3.89 3.61
CA GLU A 19 -13.89 3.48 2.25
C GLU A 19 -14.60 2.14 2.26
N SER A 20 -14.04 1.18 2.99
CA SER A 20 -14.62 -0.15 3.10
C SER A 20 -15.72 -0.18 4.15
N ARG A 21 -16.63 0.80 4.08
CA ARG A 21 -17.73 0.88 5.03
C ARG A 21 -18.54 -0.41 5.03
N ASN A 22 -18.78 -0.94 6.22
CA ASN A 22 -19.53 -2.18 6.37
C ASN A 22 -18.88 -3.31 5.56
N SER A 23 -19.65 -3.98 4.72
CA SER A 23 -19.12 -5.06 3.89
C SER A 23 -18.17 -4.51 2.82
N ALA A 24 -18.25 -5.08 1.62
CA ALA A 24 -17.40 -4.64 0.52
C ALA A 24 -15.93 -4.75 0.87
N MET B 1 -4.50 -7.79 -12.72
CA MET B 1 -5.03 -6.49 -13.21
C MET B 1 -4.02 -5.36 -12.99
N GLN B 2 -4.51 -4.19 -12.58
CA GLN B 2 -3.63 -3.04 -12.34
C GLN B 2 -4.10 -2.24 -11.13
N ILE B 3 -3.16 -1.94 -10.23
CA ILE B 3 -3.46 -1.19 -9.02
C ILE B 3 -2.72 0.14 -8.99
N PHE B 4 -3.34 1.14 -8.38
CA PHE B 4 -2.74 2.47 -8.28
C PHE B 4 -2.07 2.68 -6.92
N VAL B 5 -0.81 3.12 -6.95
CA VAL B 5 -0.09 3.41 -5.72
C VAL B 5 -0.37 4.85 -5.31
N LYS B 6 -0.87 5.04 -4.09
CA LYS B 6 -1.20 6.38 -3.63
C LYS B 6 -0.77 6.61 -2.18
N THR B 7 -0.25 7.80 -1.92
CA THR B 7 0.18 8.18 -0.58
C THR B 7 -1.05 8.45 0.30
N LEU B 8 -0.90 9.32 1.30
CA LEU B 8 -2.02 9.65 2.17
C LEU B 8 -3.17 10.23 1.36
N THR B 9 -2.93 11.38 0.74
CA THR B 9 -3.94 12.05 -0.08
C THR B 9 -3.27 12.91 -1.14
N GLY B 10 -2.42 12.29 -1.95
CA GLY B 10 -1.73 13.04 -3.00
C GLY B 10 -1.30 12.19 -4.18
N LYS B 11 0.00 11.98 -4.29
CA LYS B 11 0.58 11.22 -5.40
C LYS B 11 -0.15 9.89 -5.64
N THR B 12 -0.42 9.60 -6.91
CA THR B 12 -1.09 8.37 -7.33
C THR B 12 -0.62 7.99 -8.73
N ILE B 13 -0.28 6.71 -8.92
CA ILE B 13 0.21 6.24 -10.22
C ILE B 13 -0.16 4.77 -10.49
N THR B 14 -0.46 4.49 -11.76
CA THR B 14 -0.81 3.14 -12.19
C THR B 14 0.35 2.17 -11.97
N LEU B 15 0.02 0.94 -11.61
CA LEU B 15 1.04 -0.08 -11.40
C LEU B 15 0.45 -1.47 -11.71
N GLU B 16 0.91 -2.06 -12.81
CA GLU B 16 0.42 -3.36 -13.24
C GLU B 16 0.89 -4.46 -12.29
N VAL B 17 -0.05 -5.34 -11.91
CA VAL B 17 0.25 -6.45 -11.02
C VAL B 17 -0.68 -7.63 -11.28
N GLU B 18 -0.10 -8.81 -11.45
CA GLU B 18 -0.87 -10.02 -11.71
C GLU B 18 -1.48 -10.56 -10.42
N SER B 19 -2.71 -11.07 -10.50
CA SER B 19 -3.39 -11.62 -9.34
C SER B 19 -2.51 -12.66 -8.64
N SER B 20 -1.87 -13.51 -9.44
CA SER B 20 -1.01 -14.56 -8.91
C SER B 20 0.20 -13.97 -8.19
N ASP B 21 0.74 -12.88 -8.74
CA ASP B 21 1.90 -12.21 -8.15
C ASP B 21 1.65 -11.83 -6.70
N THR B 22 2.62 -12.13 -5.84
CA THR B 22 2.51 -11.82 -4.43
C THR B 22 2.83 -10.36 -4.16
N ILE B 23 2.62 -9.93 -2.91
CA ILE B 23 2.89 -8.55 -2.52
C ILE B 23 4.34 -8.16 -2.79
N ASP B 24 5.25 -9.08 -2.50
CA ASP B 24 6.67 -8.84 -2.72
C ASP B 24 6.93 -8.47 -4.18
N ASN B 25 6.33 -9.23 -5.10
CA ASN B 25 6.47 -8.97 -6.52
C ASN B 25 5.97 -7.57 -6.86
N VAL B 26 4.88 -7.17 -6.22
CA VAL B 26 4.30 -5.85 -6.44
C VAL B 26 5.31 -4.77 -6.05
N LYS B 27 5.97 -4.97 -4.92
CA LYS B 27 6.97 -4.02 -4.43
C LYS B 27 8.11 -3.86 -5.43
N SER B 28 8.60 -4.99 -5.94
CA SER B 28 9.71 -4.96 -6.90
C SER B 28 9.33 -4.13 -8.13
N LYS B 29 8.13 -4.37 -8.66
CA LYS B 29 7.65 -3.63 -9.83
C LYS B 29 7.54 -2.14 -9.52
N ILE B 30 6.98 -1.83 -8.36
CA ILE B 30 6.81 -0.43 -7.95
C ILE B 30 8.17 0.26 -7.86
N GLN B 31 9.16 -0.44 -7.34
CA GLN B 31 10.51 0.10 -7.22
C GLN B 31 11.09 0.36 -8.60
N ASP B 32 10.82 -0.55 -9.53
CA ASP B 32 11.30 -0.43 -10.88
C ASP B 32 10.71 0.78 -11.60
N LYS B 33 9.41 0.97 -11.46
CA LYS B 33 8.72 2.07 -12.11
C LYS B 33 8.87 3.37 -11.32
N GLU B 34 8.34 3.37 -10.10
CA GLU B 34 8.39 4.55 -9.23
C GLU B 34 9.82 4.92 -8.84
N GLY B 35 10.65 3.91 -8.59
CA GLY B 35 12.02 4.16 -8.20
C GLY B 35 12.16 4.40 -6.70
N ILE B 36 11.58 3.50 -5.91
CA ILE B 36 11.62 3.60 -4.46
C ILE B 36 11.74 2.21 -3.82
N PRO B 37 12.67 2.05 -2.85
CA PRO B 37 12.87 0.78 -2.16
C PRO B 37 11.61 0.27 -1.47
N PRO B 38 11.33 -1.04 -1.58
CA PRO B 38 10.14 -1.65 -0.96
C PRO B 38 10.13 -1.52 0.55
N ASP B 39 11.32 -1.63 1.16
CA ASP B 39 11.46 -1.53 2.61
C ASP B 39 10.89 -0.22 3.14
N GLN B 40 11.27 0.89 2.52
CA GLN B 40 10.79 2.20 2.96
C GLN B 40 9.29 2.33 2.80
N GLN B 41 8.79 2.11 1.60
CA GLN B 41 7.36 2.21 1.33
C GLN B 41 6.58 1.10 2.02
N ARG B 42 5.46 1.47 2.66
CA ARG B 42 4.62 0.52 3.36
C ARG B 42 3.20 0.56 2.81
N LEU B 43 2.73 -0.59 2.31
CA LEU B 43 1.39 -0.68 1.74
C LEU B 43 0.34 -0.92 2.82
N ILE B 44 -0.82 -0.29 2.66
CA ILE B 44 -1.92 -0.43 3.60
C ILE B 44 -3.25 -0.46 2.87
N PHE B 45 -4.14 -1.34 3.30
CA PHE B 45 -5.45 -1.48 2.67
C PHE B 45 -6.42 -2.22 3.59
N ALA B 46 -7.69 -1.81 3.55
CA ALA B 46 -8.72 -2.42 4.37
C ALA B 46 -8.29 -2.47 5.84
N GLY B 47 -7.61 -1.41 6.27
CA GLY B 47 -7.14 -1.35 7.65
C GLY B 47 -6.21 -2.49 7.99
N LYS B 48 -5.31 -2.83 7.05
CA LYS B 48 -4.36 -3.91 7.26
C LYS B 48 -3.16 -3.76 6.31
N GLN B 49 -1.98 -3.83 6.89
CA GLN B 49 -0.74 -3.70 6.12
C GLN B 49 -0.54 -4.91 5.20
N LEU B 50 -0.14 -4.65 3.97
CA LEU B 50 0.10 -5.71 2.99
C LEU B 50 1.34 -6.53 3.39
N GLU B 51 1.12 -7.82 3.62
CA GLU B 51 2.22 -8.72 4.00
C GLU B 51 3.03 -9.13 2.78
N ASP B 52 4.35 -9.07 2.92
CA ASP B 52 5.25 -9.43 1.82
C ASP B 52 5.39 -10.94 1.66
N GLY B 53 4.27 -11.64 1.54
CA GLY B 53 4.32 -13.08 1.37
C GLY B 53 2.95 -13.71 1.15
N ARG B 54 2.07 -12.98 0.46
CA ARG B 54 0.73 -13.49 0.17
C ARG B 54 0.24 -12.98 -1.18
N THR B 55 -0.37 -13.89 -1.94
CA THR B 55 -0.90 -13.56 -3.27
C THR B 55 -2.07 -12.59 -3.19
N LEU B 56 -2.15 -11.70 -4.17
CA LEU B 56 -3.23 -10.70 -4.22
C LEU B 56 -4.60 -11.38 -4.26
N SER B 57 -4.67 -12.52 -4.96
CA SER B 57 -5.91 -13.26 -5.09
C SER B 57 -6.55 -13.51 -3.73
N ASP B 58 -5.73 -13.85 -2.74
CA ASP B 58 -6.22 -14.11 -1.40
C ASP B 58 -6.94 -12.88 -0.83
N TYR B 59 -6.35 -11.71 -1.08
CA TYR B 59 -6.92 -10.44 -0.61
C TYR B 59 -8.17 -10.08 -1.40
N ASN B 60 -8.22 -10.50 -2.67
CA ASN B 60 -9.34 -10.19 -3.54
C ASN B 60 -9.44 -8.69 -3.80
N ILE B 61 -8.28 -8.07 -4.00
CA ILE B 61 -8.21 -6.63 -4.25
C ILE B 61 -8.97 -6.26 -5.52
N GLN B 62 -9.80 -5.22 -5.42
CA GLN B 62 -10.57 -4.75 -6.56
C GLN B 62 -9.66 -4.10 -7.59
N LYS B 63 -9.98 -4.31 -8.87
CA LYS B 63 -9.18 -3.74 -9.95
C LYS B 63 -9.06 -2.23 -9.83
N GLU B 64 -7.86 -1.72 -10.08
CA GLU B 64 -7.59 -0.29 -10.00
C GLU B 64 -7.77 0.23 -8.58
N SER B 65 -7.32 -0.55 -7.60
CA SER B 65 -7.42 -0.16 -6.20
C SER B 65 -6.18 0.63 -5.77
N THR B 66 -6.40 1.67 -4.97
CA THR B 66 -5.30 2.49 -4.49
C THR B 66 -4.73 1.96 -3.18
N LEU B 67 -3.43 1.65 -3.18
CA LEU B 67 -2.76 1.15 -1.99
C LEU B 67 -2.08 2.29 -1.24
N HIS B 68 -2.36 2.39 0.06
CA HIS B 68 -1.76 3.44 0.89
C HIS B 68 -0.27 3.18 1.10
N LEU B 69 0.55 4.16 0.75
CA LEU B 69 2.00 4.04 0.91
C LEU B 69 2.49 4.87 2.10
N VAL B 70 3.39 4.30 2.90
CA VAL B 70 3.95 4.99 4.06
C VAL B 70 5.47 4.94 4.03
N LEU B 71 6.10 6.11 4.14
CA LEU B 71 7.56 6.19 4.12
C LEU B 71 8.15 5.78 5.48
N ARG B 72 9.05 4.82 5.45
CA ARG B 72 9.71 4.34 6.66
C ARG B 72 10.82 5.29 7.10
N LEU B 73 10.82 5.63 8.39
CA LEU B 73 11.83 6.53 8.94
C LEU B 73 13.16 5.82 9.05
N ARG B 74 14.23 6.54 8.70
CA ARG B 74 15.59 5.98 8.76
C ARG B 74 16.62 7.05 8.45
N GLY B 75 17.63 7.15 9.30
CA GLY B 75 18.68 8.14 9.11
C GLY B 75 19.46 7.91 7.84
N GLY B 76 19.64 8.98 7.06
CA GLY B 76 20.37 8.87 5.81
C GLY B 76 19.75 7.87 4.86
N TYR A 1 6.28 8.58 23.04
CA TYR A 1 7.27 9.15 22.09
C TYR A 1 6.61 9.63 20.81
N PRO A 2 6.97 10.83 20.32
CA PRO A 2 6.40 11.40 19.09
C PRO A 2 6.54 10.46 17.89
N GLU A 3 5.55 10.50 17.01
CA GLU A 3 5.56 9.65 15.81
C GLU A 3 4.79 10.30 14.67
N ASP A 4 5.43 10.37 13.50
CA ASP A 4 4.82 10.97 12.33
C ASP A 4 4.20 9.91 11.42
N GLU A 5 4.94 8.84 11.18
CA GLU A 5 4.47 7.75 10.32
C GLU A 5 3.14 7.17 10.80
N GLU A 6 2.99 7.03 12.11
CA GLU A 6 1.76 6.47 12.67
C GLU A 6 0.54 7.30 12.29
N GLU A 7 0.70 8.62 12.32
CA GLU A 7 -0.41 9.52 11.98
C GLU A 7 -0.86 9.32 10.53
N LEU A 8 0.08 9.36 9.61
CA LEU A 8 -0.22 9.18 8.19
C LEU A 8 -0.84 7.80 7.94
N ILE A 9 -0.37 6.80 8.66
CA ILE A 9 -0.87 5.44 8.50
C ILE A 9 -2.35 5.32 8.91
N ARG A 10 -2.69 5.82 10.09
CA ARG A 10 -4.09 5.75 10.52
C ARG A 10 -4.96 6.51 9.54
N LYS A 11 -4.45 7.63 9.03
CA LYS A 11 -5.19 8.40 8.04
C LYS A 11 -5.49 7.49 6.85
N ALA A 12 -4.49 6.72 6.47
CA ALA A 12 -4.62 5.77 5.39
C ALA A 12 -5.61 4.69 5.78
N ILE A 13 -5.66 4.38 7.08
CA ILE A 13 -6.56 3.38 7.61
C ILE A 13 -8.02 3.79 7.41
N GLU A 14 -8.32 5.05 7.73
CA GLU A 14 -9.67 5.57 7.60
C GLU A 14 -10.08 5.61 6.13
N LEU A 15 -9.18 6.07 5.27
CA LEU A 15 -9.45 6.16 3.84
C LEU A 15 -9.81 4.79 3.26
N SER A 16 -9.02 3.78 3.63
CA SER A 16 -9.25 2.42 3.14
C SER A 16 -10.60 1.89 3.62
N LEU A 17 -10.91 2.11 4.89
CA LEU A 17 -12.18 1.65 5.46
C LEU A 17 -13.37 2.25 4.72
N LYS A 18 -13.31 3.55 4.45
CA LYS A 18 -14.40 4.23 3.74
C LYS A 18 -14.61 3.61 2.37
N GLU A 19 -13.53 3.35 1.66
CA GLU A 19 -13.61 2.74 0.34
C GLU A 19 -14.24 1.36 0.40
N SER A 20 -13.76 0.55 1.34
CA SER A 20 -14.26 -0.81 1.53
C SER A 20 -15.60 -0.80 2.25
N ARG A 21 -16.64 -0.31 1.58
CA ARG A 21 -17.98 -0.26 2.16
C ARG A 21 -18.64 -1.64 2.20
N ASN A 22 -17.82 -2.67 2.40
CA ASN A 22 -18.33 -4.05 2.47
C ASN A 22 -18.88 -4.36 3.86
N SER A 23 -19.66 -3.43 4.41
CA SER A 23 -20.24 -3.60 5.73
C SER A 23 -19.15 -3.82 6.78
N ALA A 24 -18.04 -3.11 6.63
CA ALA A 24 -16.92 -3.23 7.55
C ALA A 24 -17.27 -2.63 8.91
N MET B 1 -3.45 -7.33 -14.54
CA MET B 1 -3.78 -6.62 -13.28
C MET B 1 -3.19 -5.21 -13.27
N GLN B 2 -3.97 -4.27 -12.75
CA GLN B 2 -3.53 -2.87 -12.67
C GLN B 2 -3.92 -2.26 -11.34
N ILE B 3 -3.02 -1.50 -10.75
CA ILE B 3 -3.26 -0.86 -9.46
C ILE B 3 -2.51 0.46 -9.35
N PHE B 4 -3.15 1.46 -8.74
CA PHE B 4 -2.53 2.76 -8.57
C PHE B 4 -1.95 2.94 -7.18
N VAL B 5 -0.69 3.34 -7.12
CA VAL B 5 -0.01 3.57 -5.85
C VAL B 5 -0.26 5.00 -5.38
N LYS B 6 -0.61 5.15 -4.11
CA LYS B 6 -0.90 6.46 -3.53
C LYS B 6 0.00 6.75 -2.33
N THR B 7 0.59 7.94 -2.32
CA THR B 7 1.47 8.34 -1.22
C THR B 7 0.94 9.60 -0.53
N LEU B 8 1.31 9.79 0.73
CA LEU B 8 0.87 10.94 1.51
C LEU B 8 1.60 12.22 1.07
N THR B 9 1.75 12.40 -0.23
CA THR B 9 2.41 13.57 -0.78
C THR B 9 1.82 13.93 -2.15
N GLY B 10 0.53 13.68 -2.31
CA GLY B 10 -0.15 13.98 -3.55
C GLY B 10 0.49 13.29 -4.75
N LYS B 11 0.72 11.98 -4.62
CA LYS B 11 1.33 11.22 -5.71
C LYS B 11 0.53 9.97 -6.03
N THR B 12 0.35 9.70 -7.32
CA THR B 12 -0.40 8.55 -7.79
C THR B 12 0.25 7.99 -9.06
N ILE B 13 0.43 6.67 -9.12
CA ILE B 13 1.05 6.07 -10.31
C ILE B 13 0.53 4.67 -10.62
N THR B 14 0.37 4.39 -11.91
CA THR B 14 -0.11 3.09 -12.38
C THR B 14 0.94 2.01 -12.11
N LEU B 15 0.49 0.80 -11.81
CA LEU B 15 1.40 -0.30 -11.55
C LEU B 15 0.78 -1.61 -12.01
N GLU B 16 1.42 -2.25 -13.00
CA GLU B 16 0.95 -3.50 -13.54
C GLU B 16 1.53 -4.69 -12.79
N VAL B 17 0.68 -5.66 -12.47
CA VAL B 17 1.10 -6.86 -11.75
C VAL B 17 0.24 -8.05 -12.16
N GLU B 18 0.17 -9.06 -11.30
CA GLU B 18 -0.61 -10.26 -11.56
C GLU B 18 -1.10 -10.87 -10.25
N SER B 19 -2.31 -11.41 -10.27
CA SER B 19 -2.90 -12.03 -9.09
C SER B 19 -1.94 -13.02 -8.44
N SER B 20 -1.21 -13.76 -9.28
CA SER B 20 -0.25 -14.75 -8.80
C SER B 20 0.89 -14.08 -8.02
N ASP B 21 1.41 -12.98 -8.56
CA ASP B 21 2.51 -12.27 -7.92
C ASP B 21 2.14 -11.84 -6.50
N THR B 22 3.04 -12.11 -5.57
CA THR B 22 2.85 -11.76 -4.16
C THR B 22 3.12 -10.27 -3.92
N ILE B 23 2.63 -9.77 -2.78
CA ILE B 23 2.84 -8.37 -2.41
C ILE B 23 4.31 -7.98 -2.52
N ASP B 24 5.18 -8.90 -2.12
CA ASP B 24 6.62 -8.66 -2.19
C ASP B 24 7.03 -8.29 -3.60
N ASN B 25 6.48 -9.01 -4.58
CA ASN B 25 6.77 -8.74 -5.98
C ASN B 25 6.41 -7.31 -6.33
N VAL B 26 5.22 -6.88 -5.91
CA VAL B 26 4.76 -5.53 -6.16
C VAL B 26 5.76 -4.53 -5.59
N LYS B 27 6.30 -4.86 -4.41
CA LYS B 27 7.29 -4.02 -3.76
C LYS B 27 8.52 -3.87 -4.65
N SER B 28 8.93 -4.97 -5.26
CA SER B 28 10.08 -4.97 -6.15
C SER B 28 9.85 -3.98 -7.29
N LYS B 29 8.65 -4.03 -7.87
CA LYS B 29 8.29 -3.13 -8.96
C LYS B 29 8.32 -1.67 -8.50
N ILE B 30 7.71 -1.41 -7.34
CA ILE B 30 7.67 -0.06 -6.78
C ILE B 30 9.08 0.46 -6.53
N GLN B 31 9.95 -0.42 -6.04
CA GLN B 31 11.33 -0.04 -5.76
C GLN B 31 12.04 0.39 -7.04
N ASP B 32 11.83 -0.38 -8.11
CA ASP B 32 12.45 -0.07 -9.39
C ASP B 32 11.96 1.27 -9.92
N LYS B 33 10.68 1.55 -9.74
CA LYS B 33 10.07 2.79 -10.22
C LYS B 33 10.48 3.99 -9.36
N GLU B 34 9.99 4.04 -8.13
CA GLU B 34 10.26 5.15 -7.21
C GLU B 34 11.66 5.08 -6.60
N GLY B 35 12.11 3.87 -6.28
CA GLY B 35 13.42 3.72 -5.66
C GLY B 35 13.32 3.72 -4.15
N ILE B 36 12.22 3.18 -3.63
CA ILE B 36 11.97 3.10 -2.20
C ILE B 36 12.14 1.68 -1.68
N PRO B 37 12.82 1.49 -0.54
CA PRO B 37 13.02 0.16 0.04
C PRO B 37 11.70 -0.57 0.27
N PRO B 38 11.63 -1.86 -0.08
CA PRO B 38 10.42 -2.67 0.09
C PRO B 38 9.95 -2.71 1.55
N ASP B 39 10.89 -2.94 2.46
CA ASP B 39 10.58 -3.01 3.88
C ASP B 39 10.15 -1.65 4.43
N GLN B 40 10.88 -0.60 4.06
CA GLN B 40 10.58 0.74 4.53
C GLN B 40 9.16 1.18 4.15
N GLN B 41 8.84 1.09 2.87
CA GLN B 41 7.50 1.47 2.40
C GLN B 41 6.45 0.47 2.87
N ARG B 42 5.29 0.97 3.26
CA ARG B 42 4.21 0.12 3.74
C ARG B 42 2.91 0.38 2.99
N LEU B 43 2.36 -0.67 2.38
CA LEU B 43 1.12 -0.56 1.63
C LEU B 43 -0.08 -0.89 2.51
N ILE B 44 -1.12 -0.06 2.45
CA ILE B 44 -2.32 -0.25 3.24
C ILE B 44 -3.54 -0.41 2.33
N PHE B 45 -4.42 -1.34 2.70
CA PHE B 45 -5.64 -1.58 1.92
C PHE B 45 -6.67 -2.34 2.76
N ALA B 46 -7.93 -2.01 2.55
CA ALA B 46 -9.02 -2.65 3.27
C ALA B 46 -8.78 -2.59 4.78
N GLY B 47 -8.25 -1.47 5.25
CA GLY B 47 -7.97 -1.30 6.65
C GLY B 47 -7.02 -2.36 7.19
N LYS B 48 -6.02 -2.72 6.39
CA LYS B 48 -5.04 -3.73 6.78
C LYS B 48 -3.82 -3.69 5.87
N GLN B 49 -2.63 -3.72 6.48
CA GLN B 49 -1.39 -3.68 5.71
C GLN B 49 -1.22 -4.97 4.90
N LEU B 50 -0.84 -4.82 3.63
CA LEU B 50 -0.65 -5.97 2.76
C LEU B 50 0.52 -6.82 3.25
N GLU B 51 0.27 -8.11 3.44
CA GLU B 51 1.30 -9.03 3.91
C GLU B 51 2.31 -9.34 2.81
N ASP B 52 3.60 -9.24 3.13
CA ASP B 52 4.65 -9.51 2.18
C ASP B 52 4.69 -11.00 1.82
N GLY B 53 4.84 -11.29 0.54
CA GLY B 53 4.90 -12.67 0.09
C GLY B 53 3.55 -13.37 0.13
N ARG B 54 2.51 -12.68 -0.35
CA ARG B 54 1.17 -13.25 -0.39
C ARG B 54 0.50 -12.97 -1.73
N THR B 55 -0.09 -14.01 -2.30
CA THR B 55 -0.77 -13.90 -3.59
C THR B 55 -1.92 -12.89 -3.54
N LEU B 56 -2.01 -12.06 -4.58
CA LEU B 56 -3.06 -11.06 -4.66
C LEU B 56 -4.44 -11.72 -4.76
N SER B 57 -4.49 -12.87 -5.43
CA SER B 57 -5.75 -13.60 -5.60
C SER B 57 -6.43 -13.82 -4.25
N ASP B 58 -5.64 -14.17 -3.24
CA ASP B 58 -6.18 -14.40 -1.90
C ASP B 58 -6.91 -13.15 -1.40
N TYR B 59 -6.29 -12.00 -1.60
CA TYR B 59 -6.88 -10.72 -1.18
C TYR B 59 -8.09 -10.38 -2.05
N ASN B 60 -8.06 -10.83 -3.29
CA ASN B 60 -9.14 -10.58 -4.25
C ASN B 60 -9.25 -9.07 -4.51
N ILE B 61 -8.11 -8.45 -4.80
CA ILE B 61 -8.06 -7.02 -5.07
C ILE B 61 -8.76 -6.69 -6.40
N GLN B 62 -9.67 -5.72 -6.35
CA GLN B 62 -10.40 -5.30 -7.54
C GLN B 62 -9.47 -4.63 -8.54
N LYS B 63 -9.72 -4.86 -9.82
CA LYS B 63 -8.90 -4.27 -10.88
C LYS B 63 -8.87 -2.74 -10.76
N GLU B 64 -7.70 -2.16 -11.02
CA GLU B 64 -7.52 -0.71 -10.95
C GLU B 64 -7.85 -0.19 -9.55
N SER B 65 -7.44 -0.96 -8.54
CA SER B 65 -7.69 -0.58 -7.15
C SER B 65 -6.63 0.39 -6.63
N THR B 66 -7.05 1.27 -5.74
CA THR B 66 -6.15 2.26 -5.15
C THR B 66 -5.48 1.68 -3.91
N LEU B 67 -4.16 1.80 -3.84
CA LEU B 67 -3.41 1.28 -2.70
C LEU B 67 -2.68 2.40 -1.96
N HIS B 68 -2.84 2.43 -0.65
CA HIS B 68 -2.20 3.45 0.18
C HIS B 68 -0.75 3.08 0.46
N LEU B 69 0.10 4.10 0.57
CA LEU B 69 1.52 3.89 0.83
C LEU B 69 1.98 4.82 1.95
N VAL B 70 2.84 4.31 2.82
CA VAL B 70 3.35 5.09 3.94
C VAL B 70 4.75 4.63 4.34
N LEU B 71 5.69 5.57 4.35
CA LEU B 71 7.07 5.27 4.71
C LEU B 71 7.19 5.03 6.21
N ARG B 72 7.94 3.97 6.57
CA ARG B 72 8.15 3.62 7.96
C ARG B 72 9.19 4.56 8.60
N LEU B 73 9.02 5.86 8.39
CA LEU B 73 9.93 6.87 8.93
C LEU B 73 11.34 6.72 8.35
N ARG B 74 11.90 7.83 7.90
CA ARG B 74 13.24 7.83 7.33
C ARG B 74 14.28 7.39 8.36
N GLY B 75 14.16 7.89 9.58
CA GLY B 75 15.08 7.54 10.64
C GLY B 75 16.46 8.10 10.41
N GLY B 76 17.07 8.61 11.47
CA GLY B 76 18.40 9.19 11.37
C GLY B 76 18.93 9.67 12.70
N TYR A 1 -6.61 -18.69 -17.16
CA TYR A 1 -6.86 -17.24 -17.02
C TYR A 1 -5.71 -16.53 -16.31
N PRO A 2 -5.21 -15.42 -16.87
CA PRO A 2 -4.09 -14.67 -16.27
C PRO A 2 -4.50 -13.98 -14.98
N GLU A 3 -3.69 -14.14 -13.94
CA GLU A 3 -3.97 -13.53 -12.64
C GLU A 3 -3.88 -12.01 -12.73
N ASP A 4 -4.91 -11.33 -12.24
CA ASP A 4 -4.96 -9.87 -12.26
C ASP A 4 -4.44 -9.30 -10.94
N GLU A 5 -4.89 -9.88 -9.84
CA GLU A 5 -4.49 -9.43 -8.51
C GLU A 5 -2.99 -9.61 -8.29
N GLU A 6 -2.50 -10.81 -8.57
CA GLU A 6 -1.09 -11.12 -8.38
C GLU A 6 -0.20 -10.30 -9.30
N GLU A 7 -0.58 -10.22 -10.58
CA GLU A 7 0.19 -9.45 -11.56
C GLU A 7 0.27 -7.99 -11.14
N LEU A 8 -0.85 -7.45 -10.70
CA LEU A 8 -0.93 -6.05 -10.27
C LEU A 8 -0.05 -5.81 -9.04
N ILE A 9 -0.20 -6.68 -8.04
CA ILE A 9 0.56 -6.59 -6.81
C ILE A 9 2.07 -6.61 -7.08
N ARG A 10 2.53 -7.65 -7.77
CA ARG A 10 3.95 -7.77 -8.08
C ARG A 10 4.41 -6.61 -8.95
N LYS A 11 3.54 -6.13 -9.83
CA LYS A 11 3.88 -5.00 -10.69
C LYS A 11 4.33 -3.84 -9.82
N ALA A 12 3.54 -3.57 -8.78
CA ALA A 12 3.86 -2.51 -7.84
C ALA A 12 5.14 -2.87 -7.08
N ILE A 13 5.32 -4.17 -6.83
CA ILE A 13 6.50 -4.66 -6.13
C ILE A 13 7.78 -4.32 -6.88
N GLU A 14 7.80 -4.61 -8.17
CA GLU A 14 8.97 -4.34 -9.00
C GLU A 14 9.22 -2.85 -9.11
N LEU A 15 8.17 -2.10 -9.43
CA LEU A 15 8.28 -0.64 -9.56
C LEU A 15 8.80 -0.02 -8.27
N SER A 16 8.36 -0.56 -7.14
CA SER A 16 8.78 -0.07 -5.84
C SER A 16 10.28 -0.31 -5.61
N LEU A 17 10.73 -1.52 -5.93
CA LEU A 17 12.13 -1.89 -5.75
C LEU A 17 13.04 -0.99 -6.58
N LYS A 18 12.74 -0.88 -7.86
CA LYS A 18 13.55 -0.05 -8.77
C LYS A 18 13.51 1.41 -8.34
N GLU A 19 12.33 1.87 -7.92
CA GLU A 19 12.16 3.25 -7.48
C GLU A 19 13.08 3.55 -6.31
N SER A 20 13.07 2.69 -5.30
CA SER A 20 13.91 2.85 -4.12
C SER A 20 15.29 2.29 -4.37
N ARG A 21 15.95 2.76 -5.43
CA ARG A 21 17.29 2.28 -5.77
C ARG A 21 18.19 2.26 -4.53
N ASN A 22 18.92 1.17 -4.35
CA ASN A 22 19.81 1.01 -3.21
C ASN A 22 19.02 1.16 -1.91
N SER A 23 17.84 0.55 -1.88
CA SER A 23 16.97 0.61 -0.71
C SER A 23 17.59 -0.10 0.48
N ALA A 24 18.10 -1.31 0.25
CA ALA A 24 18.71 -2.11 1.29
C ALA A 24 19.38 -3.35 0.71
N MET B 1 2.98 12.23 10.38
CA MET B 1 3.53 12.10 9.00
C MET B 1 2.44 11.69 8.01
N GLN B 2 2.35 12.44 6.91
CA GLN B 2 1.35 12.15 5.88
C GLN B 2 1.95 11.35 4.73
N ILE B 3 1.18 10.39 4.22
CA ILE B 3 1.62 9.54 3.12
C ILE B 3 0.52 9.43 2.07
N PHE B 4 0.92 9.37 0.80
CA PHE B 4 -0.05 9.28 -0.29
C PHE B 4 -0.27 7.84 -0.73
N VAL B 5 -1.52 7.40 -0.69
CA VAL B 5 -1.87 6.06 -1.14
C VAL B 5 -2.15 6.09 -2.63
N LYS B 6 -1.53 5.18 -3.37
CA LYS B 6 -1.71 5.15 -4.82
C LYS B 6 -1.85 3.73 -5.35
N THR B 7 -2.93 3.50 -6.08
CA THR B 7 -3.18 2.20 -6.68
C THR B 7 -2.27 2.01 -7.89
N LEU B 8 -1.84 0.76 -8.11
CA LEU B 8 -0.96 0.45 -9.22
C LEU B 8 -1.48 1.06 -10.51
N THR B 9 -2.79 1.13 -10.66
CA THR B 9 -3.41 1.69 -11.85
C THR B 9 -3.07 3.18 -12.04
N GLY B 10 -3.23 3.99 -10.99
CA GLY B 10 -2.92 5.40 -11.10
C GLY B 10 -3.51 6.25 -9.99
N LYS B 11 -4.72 5.90 -9.55
CA LYS B 11 -5.42 6.66 -8.51
C LYS B 11 -4.48 7.00 -7.34
N THR B 12 -4.65 8.19 -6.77
CA THR B 12 -3.82 8.64 -5.65
C THR B 12 -4.59 9.59 -4.74
N ILE B 13 -4.44 9.41 -3.42
CA ILE B 13 -5.12 10.25 -2.44
C ILE B 13 -4.28 10.44 -1.18
N THR B 14 -4.32 11.65 -0.61
CA THR B 14 -3.58 11.96 0.60
C THR B 14 -4.11 11.14 1.77
N LEU B 15 -3.20 10.68 2.63
CA LEU B 15 -3.61 9.90 3.80
C LEU B 15 -2.59 10.06 4.92
N GLU B 16 -2.99 10.80 5.96
CA GLU B 16 -2.12 11.07 7.10
C GLU B 16 -2.24 9.96 8.15
N VAL B 17 -1.10 9.53 8.68
CA VAL B 17 -1.06 8.48 9.70
C VAL B 17 0.16 8.63 10.59
N GLU B 18 -0.07 8.61 11.90
CA GLU B 18 1.02 8.73 12.86
C GLU B 18 1.90 7.49 12.83
N SER B 19 3.21 7.70 12.91
CA SER B 19 4.17 6.60 12.89
C SER B 19 3.85 5.57 13.96
N SER B 20 3.38 6.04 15.11
CA SER B 20 3.03 5.17 16.22
C SER B 20 1.95 4.16 15.82
N ASP B 21 0.90 4.66 15.16
CA ASP B 21 -0.19 3.81 14.72
C ASP B 21 0.30 2.72 13.77
N THR B 22 -0.19 1.50 13.97
CA THR B 22 0.21 0.37 13.13
C THR B 22 -0.40 0.49 11.73
N ILE B 23 -0.61 -0.66 11.08
CA ILE B 23 -1.18 -0.69 9.74
C ILE B 23 -2.71 -0.63 9.81
N ASP B 24 -3.28 -1.35 10.77
CA ASP B 24 -4.73 -1.40 10.94
C ASP B 24 -5.33 0.00 10.96
N ASN B 25 -4.71 0.91 11.71
CA ASN B 25 -5.20 2.28 11.80
C ASN B 25 -5.21 2.94 10.42
N VAL B 26 -4.12 2.76 9.68
CA VAL B 26 -4.00 3.32 8.34
C VAL B 26 -5.12 2.81 7.45
N LYS B 27 -5.37 1.50 7.51
CA LYS B 27 -6.42 0.88 6.71
C LYS B 27 -7.78 1.49 7.02
N SER B 28 -8.03 1.75 8.30
CA SER B 28 -9.29 2.34 8.73
C SER B 28 -9.49 3.71 8.08
N LYS B 29 -8.46 4.55 8.15
CA LYS B 29 -8.53 5.88 7.56
C LYS B 29 -8.72 5.81 6.06
N ILE B 30 -7.92 4.95 5.42
CA ILE B 30 -8.00 4.75 3.97
C ILE B 30 -9.40 4.32 3.56
N GLN B 31 -9.98 3.43 4.36
CA GLN B 31 -11.33 2.93 4.08
C GLN B 31 -12.35 4.06 4.18
N ASP B 32 -12.17 4.93 5.16
CA ASP B 32 -13.08 6.05 5.37
C ASP B 32 -13.11 6.98 4.16
N LYS B 33 -11.93 7.36 3.68
CA LYS B 33 -11.82 8.27 2.53
C LYS B 33 -12.09 7.55 1.21
N GLU B 34 -11.26 6.57 0.89
CA GLU B 34 -11.39 5.82 -0.37
C GLU B 34 -12.70 5.03 -0.43
N GLY B 35 -13.04 4.36 0.67
CA GLY B 35 -14.26 3.57 0.70
C GLY B 35 -14.03 2.16 0.19
N ILE B 36 -13.02 1.49 0.75
CA ILE B 36 -12.70 0.13 0.34
C ILE B 36 -12.41 -0.75 1.57
N PRO B 37 -12.98 -1.96 1.62
CA PRO B 37 -12.76 -2.89 2.74
C PRO B 37 -11.27 -3.10 3.02
N PRO B 38 -10.86 -3.06 4.30
CA PRO B 38 -9.45 -3.24 4.69
C PRO B 38 -8.86 -4.53 4.14
N ASP B 39 -9.60 -5.63 4.28
CA ASP B 39 -9.14 -6.93 3.81
C ASP B 39 -8.98 -6.95 2.29
N GLN B 40 -9.90 -6.31 1.57
CA GLN B 40 -9.85 -6.27 0.12
C GLN B 40 -8.63 -5.50 -0.38
N GLN B 41 -8.48 -4.26 0.09
CA GLN B 41 -7.36 -3.42 -0.31
C GLN B 41 -6.06 -3.93 0.28
N ARG B 42 -5.01 -3.98 -0.55
CA ARG B 42 -3.70 -4.45 -0.11
C ARG B 42 -2.63 -3.40 -0.37
N LEU B 43 -1.92 -3.00 0.69
CA LEU B 43 -0.86 -2.01 0.58
C LEU B 43 0.48 -2.68 0.28
N ILE B 44 1.33 -1.98 -0.47
CA ILE B 44 2.64 -2.50 -0.83
C ILE B 44 3.69 -1.39 -0.81
N PHE B 45 4.90 -1.73 -0.36
CA PHE B 45 5.98 -0.77 -0.27
C PHE B 45 7.31 -1.49 -0.09
N ALA B 46 8.36 -0.92 -0.68
CA ALA B 46 9.71 -1.50 -0.59
C ALA B 46 9.69 -2.98 -0.95
N GLY B 47 8.90 -3.32 -1.95
CA GLY B 47 8.81 -4.71 -2.39
C GLY B 47 8.28 -5.65 -1.32
N LYS B 48 7.30 -5.17 -0.53
CA LYS B 48 6.71 -5.99 0.51
C LYS B 48 5.36 -5.42 0.95
N GLN B 49 4.35 -6.28 0.97
CA GLN B 49 3.00 -5.87 1.37
C GLN B 49 2.95 -5.56 2.86
N LEU B 50 2.27 -4.47 3.20
CA LEU B 50 2.13 -4.07 4.60
C LEU B 50 1.26 -5.05 5.37
N GLU B 51 1.73 -5.47 6.53
CA GLU B 51 1.00 -6.41 7.37
C GLU B 51 -0.28 -5.77 7.93
N ASP B 52 -0.77 -6.28 9.04
CA ASP B 52 -1.99 -5.75 9.66
C ASP B 52 -1.86 -5.78 11.18
N GLY B 53 -0.70 -5.37 11.67
CA GLY B 53 -0.46 -5.34 13.10
C GLY B 53 0.97 -5.01 13.45
N ARG B 54 1.52 -4.00 12.77
CA ARG B 54 2.89 -3.57 13.01
C ARG B 54 3.00 -2.06 12.98
N THR B 55 3.70 -1.50 13.98
CA THR B 55 3.90 -0.07 14.08
C THR B 55 4.74 0.47 12.92
N LEU B 56 4.31 1.59 12.36
CA LEU B 56 5.03 2.22 11.25
C LEU B 56 6.44 2.61 11.67
N SER B 57 6.59 2.98 12.94
CA SER B 57 7.89 3.38 13.48
C SER B 57 8.96 2.33 13.17
N ASP B 58 8.59 1.06 13.33
CA ASP B 58 9.51 -0.04 13.06
C ASP B 58 10.00 0.00 11.62
N TYR B 59 9.09 0.33 10.70
CA TYR B 59 9.41 0.41 9.28
C TYR B 59 10.27 1.64 8.98
N ASN B 60 10.06 2.70 9.75
CA ASN B 60 10.80 3.95 9.56
C ASN B 60 10.47 4.56 8.20
N ILE B 61 9.19 4.57 7.87
CA ILE B 61 8.72 5.12 6.60
C ILE B 61 9.01 6.61 6.49
N GLN B 62 9.53 7.03 5.34
CA GLN B 62 9.84 8.44 5.11
C GLN B 62 8.57 9.26 4.94
N LYS B 63 8.63 10.52 5.34
CA LYS B 63 7.49 11.41 5.23
C LYS B 63 7.10 11.64 3.77
N GLU B 64 5.79 11.70 3.51
CA GLU B 64 5.26 11.92 2.17
C GLU B 64 5.61 10.76 1.23
N SER B 65 5.50 9.54 1.75
CA SER B 65 5.80 8.36 0.95
C SER B 65 4.53 7.84 0.26
N THR B 66 4.70 7.31 -0.95
CA THR B 66 3.58 6.77 -1.71
C THR B 66 3.50 5.26 -1.54
N LEU B 67 2.34 4.77 -1.06
CA LEU B 67 2.15 3.35 -0.85
C LEU B 67 1.32 2.74 -1.97
N HIS B 68 1.82 1.66 -2.57
CA HIS B 68 1.12 0.98 -3.65
C HIS B 68 -0.14 0.29 -3.13
N LEU B 69 -1.21 0.34 -3.91
CA LEU B 69 -2.47 -0.27 -3.53
C LEU B 69 -2.96 -1.24 -4.60
N VAL B 70 -3.48 -2.38 -4.17
CA VAL B 70 -4.00 -3.39 -5.10
C VAL B 70 -5.28 -4.01 -4.55
N LEU B 71 -6.32 -4.02 -5.38
CA LEU B 71 -7.60 -4.60 -4.99
C LEU B 71 -7.54 -6.11 -5.07
N ARG B 72 -7.97 -6.78 -3.99
CA ARG B 72 -7.95 -8.23 -3.94
C ARG B 72 -8.86 -8.83 -5.01
N LEU B 73 -8.26 -9.63 -5.90
CA LEU B 73 -9.01 -10.28 -6.98
C LEU B 73 -9.90 -9.28 -7.72
N ARG B 74 -11.14 -9.67 -7.99
CA ARG B 74 -12.07 -8.81 -8.71
C ARG B 74 -11.49 -8.36 -10.04
N GLY B 75 -10.81 -9.29 -10.72
CA GLY B 75 -10.20 -8.98 -12.00
C GLY B 75 -11.21 -8.57 -13.05
N GLY B 76 -10.92 -7.48 -13.74
CA GLY B 76 -11.81 -6.99 -14.77
C GLY B 76 -13.18 -6.63 -14.23
N TYR A 1 -13.24 -11.18 -18.48
CA TYR A 1 -12.28 -10.08 -18.76
C TYR A 1 -10.92 -10.35 -18.11
N PRO A 2 -9.83 -10.15 -18.87
CA PRO A 2 -8.46 -10.38 -18.37
C PRO A 2 -8.09 -9.38 -17.27
N GLU A 3 -6.89 -8.82 -17.36
CA GLU A 3 -6.42 -7.85 -16.36
C GLU A 3 -6.41 -8.46 -14.96
N ASP A 4 -5.66 -9.54 -14.80
CA ASP A 4 -5.56 -10.22 -13.51
C ASP A 4 -5.01 -9.29 -12.44
N GLU A 5 -4.23 -8.29 -12.86
CA GLU A 5 -3.62 -7.35 -11.93
C GLU A 5 -4.67 -6.56 -11.15
N GLU A 6 -5.63 -5.97 -11.85
CA GLU A 6 -6.67 -5.18 -11.19
C GLU A 6 -7.46 -6.04 -10.21
N GLU A 7 -7.48 -7.34 -10.45
CA GLU A 7 -8.18 -8.27 -9.57
C GLU A 7 -7.57 -8.25 -8.17
N LEU A 8 -6.25 -8.36 -8.10
CA LEU A 8 -5.56 -8.34 -6.82
C LEU A 8 -5.70 -6.96 -6.17
N ILE A 9 -5.52 -5.91 -6.97
CA ILE A 9 -5.64 -4.54 -6.49
C ILE A 9 -6.99 -4.29 -5.85
N ARG A 10 -8.07 -4.68 -6.54
CA ARG A 10 -9.41 -4.48 -6.02
C ARG A 10 -9.62 -5.28 -4.74
N LYS A 11 -9.05 -6.48 -4.69
CA LYS A 11 -9.16 -7.29 -3.48
C LYS A 11 -8.67 -6.47 -2.31
N ALA A 12 -7.54 -5.81 -2.51
CA ALA A 12 -6.96 -4.95 -1.50
C ALA A 12 -7.89 -3.78 -1.22
N ILE A 13 -8.59 -3.32 -2.26
CA ILE A 13 -9.52 -2.21 -2.13
C ILE A 13 -10.63 -2.52 -1.13
N GLU A 14 -11.31 -3.63 -1.34
CA GLU A 14 -12.40 -4.05 -0.46
C GLU A 14 -11.90 -4.28 0.95
N LEU A 15 -10.80 -5.02 1.08
CA LEU A 15 -10.23 -5.31 2.39
C LEU A 15 -9.89 -4.02 3.13
N SER A 16 -9.38 -3.05 2.40
CA SER A 16 -9.01 -1.76 2.99
C SER A 16 -10.24 -1.07 3.58
N LEU A 17 -11.31 -1.03 2.80
CA LEU A 17 -12.55 -0.40 3.25
C LEU A 17 -13.10 -1.09 4.50
N LYS A 18 -13.09 -2.41 4.50
CA LYS A 18 -13.60 -3.19 5.62
C LYS A 18 -12.84 -2.87 6.91
N GLU A 19 -11.51 -2.82 6.81
CA GLU A 19 -10.67 -2.52 7.96
C GLU A 19 -10.95 -1.11 8.49
N SER A 20 -10.85 -0.13 7.62
CA SER A 20 -11.10 1.26 8.00
C SER A 20 -12.58 1.60 7.89
N ARG A 21 -13.44 0.66 8.28
CA ARG A 21 -14.88 0.87 8.23
C ARG A 21 -15.30 1.92 9.26
N ASN A 22 -14.83 1.75 10.49
CA ASN A 22 -15.16 2.68 11.56
C ASN A 22 -14.63 4.08 11.26
N SER A 23 -13.38 4.15 10.82
CA SER A 23 -12.75 5.42 10.49
C SER A 23 -13.17 5.89 9.09
N ALA A 24 -14.46 5.73 8.77
CA ALA A 24 -14.98 6.13 7.48
C ALA A 24 -14.86 7.64 7.28
N MET B 1 4.87 7.96 10.71
CA MET B 1 5.03 7.10 11.91
C MET B 1 5.20 5.64 11.50
N GLN B 2 4.89 4.73 12.43
CA GLN B 2 5.00 3.31 12.15
C GLN B 2 3.78 2.83 11.39
N ILE B 3 4.00 2.06 10.32
CA ILE B 3 2.89 1.55 9.51
C ILE B 3 3.20 0.16 8.96
N PHE B 4 2.20 -0.72 8.99
CA PHE B 4 2.35 -2.07 8.50
C PHE B 4 2.05 -2.18 7.00
N VAL B 5 2.49 -3.27 6.41
CA VAL B 5 2.25 -3.54 4.99
C VAL B 5 2.01 -5.02 4.77
N LYS B 6 0.92 -5.36 4.07
CA LYS B 6 0.58 -6.76 3.82
C LYS B 6 0.61 -7.09 2.34
N THR B 7 1.25 -8.19 2.00
CA THR B 7 1.33 -8.63 0.62
C THR B 7 0.05 -9.34 0.21
N LEU B 8 -0.22 -9.37 -1.10
CA LEU B 8 -1.43 -10.02 -1.62
C LEU B 8 -1.65 -11.37 -0.96
N THR B 9 -0.56 -12.09 -0.70
CA THR B 9 -0.64 -13.41 -0.08
C THR B 9 -1.23 -13.34 1.32
N GLY B 10 -0.72 -12.41 2.15
CA GLY B 10 -1.23 -12.26 3.49
C GLY B 10 -0.17 -11.76 4.46
N LYS B 11 1.08 -12.09 4.19
CA LYS B 11 2.20 -11.68 5.04
C LYS B 11 2.09 -10.22 5.45
N THR B 12 2.42 -9.94 6.71
CA THR B 12 2.35 -8.58 7.23
C THR B 12 3.65 -8.22 7.95
N ILE B 13 4.13 -6.99 7.73
CA ILE B 13 5.39 -6.54 8.36
C ILE B 13 5.38 -5.05 8.66
N THR B 14 6.00 -4.71 9.79
CA THR B 14 6.10 -3.32 10.24
C THR B 14 7.06 -2.52 9.35
N LEU B 15 6.77 -1.23 9.19
CA LEU B 15 7.62 -0.37 8.38
C LEU B 15 7.48 1.08 8.84
N GLU B 16 8.51 1.58 9.50
CA GLU B 16 8.50 2.93 10.00
C GLU B 16 8.78 3.92 8.88
N VAL B 17 8.17 5.08 8.99
CA VAL B 17 8.33 6.15 8.00
C VAL B 17 8.11 7.51 8.63
N GLU B 18 8.98 8.45 8.30
CA GLU B 18 8.88 9.81 8.84
C GLU B 18 7.55 10.44 8.45
N SER B 19 6.99 11.24 9.35
CA SER B 19 5.71 11.90 9.09
C SER B 19 5.81 12.77 7.84
N SER B 20 6.86 13.58 7.76
CA SER B 20 7.07 14.45 6.60
C SER B 20 7.81 13.72 5.49
N ASP B 21 7.46 12.44 5.29
CA ASP B 21 8.10 11.63 4.26
C ASP B 21 7.14 11.40 3.09
N THR B 22 7.66 11.49 1.87
CA THR B 22 6.86 11.29 0.67
C THR B 22 6.63 9.80 0.41
N ILE B 23 5.48 9.48 -0.18
CA ILE B 23 5.14 8.10 -0.50
C ILE B 23 6.28 7.40 -1.23
N ASP B 24 6.90 8.09 -2.17
CA ASP B 24 8.02 7.53 -2.93
C ASP B 24 9.11 7.02 -1.98
N ASN B 25 9.49 7.87 -1.04
CA ASN B 25 10.50 7.53 -0.05
C ASN B 25 10.08 6.30 0.74
N VAL B 26 8.79 6.22 1.07
CA VAL B 26 8.24 5.08 1.81
C VAL B 26 8.50 3.79 1.06
N LYS B 27 8.24 3.81 -0.25
CA LYS B 27 8.46 2.64 -1.09
C LYS B 27 9.92 2.24 -1.07
N SER B 28 10.80 3.24 -1.10
CA SER B 28 12.24 2.99 -1.08
C SER B 28 12.61 2.19 0.17
N LYS B 29 12.07 2.60 1.31
CA LYS B 29 12.33 1.91 2.57
C LYS B 29 11.86 0.46 2.48
N ILE B 30 10.65 0.28 1.95
CA ILE B 30 10.08 -1.05 1.79
C ILE B 30 10.97 -1.91 0.91
N GLN B 31 11.55 -1.29 -0.11
CA GLN B 31 12.43 -1.98 -1.04
C GLN B 31 13.66 -2.52 -0.32
N ASP B 32 14.25 -1.69 0.54
CA ASP B 32 15.45 -2.08 1.28
C ASP B 32 15.17 -3.22 2.26
N LYS B 33 14.06 -3.12 2.99
CA LYS B 33 13.70 -4.13 3.98
C LYS B 33 13.23 -5.44 3.35
N GLU B 34 12.15 -5.36 2.56
CA GLU B 34 11.59 -6.55 1.92
C GLU B 34 12.40 -6.99 0.71
N GLY B 35 12.86 -6.02 -0.09
CA GLY B 35 13.61 -6.34 -1.29
C GLY B 35 12.70 -6.57 -2.47
N ILE B 36 11.66 -5.75 -2.56
CA ILE B 36 10.68 -5.84 -3.64
C ILE B 36 10.67 -4.57 -4.48
N PRO B 37 10.74 -4.69 -5.82
CA PRO B 37 10.74 -3.52 -6.71
C PRO B 37 9.54 -2.62 -6.47
N PRO B 38 9.76 -1.29 -6.40
CA PRO B 38 8.69 -0.32 -6.17
C PRO B 38 7.63 -0.32 -7.28
N ASP B 39 8.08 -0.49 -8.51
CA ASP B 39 7.17 -0.50 -9.65
C ASP B 39 6.13 -1.61 -9.53
N GLN B 40 6.57 -2.82 -9.17
CA GLN B 40 5.66 -3.95 -9.03
C GLN B 40 4.74 -3.77 -7.83
N GLN B 41 5.31 -3.57 -6.65
CA GLN B 41 4.52 -3.40 -5.44
C GLN B 41 3.70 -2.12 -5.50
N ARG B 42 2.43 -2.22 -5.12
CA ARG B 42 1.55 -1.06 -5.13
C ARG B 42 0.76 -0.96 -3.83
N LEU B 43 1.01 0.08 -3.05
CA LEU B 43 0.34 0.29 -1.77
C LEU B 43 -1.01 0.97 -1.95
N ILE B 44 -1.99 0.53 -1.17
CA ILE B 44 -3.34 1.08 -1.22
C ILE B 44 -3.94 1.18 0.18
N PHE B 45 -4.66 2.27 0.43
CA PHE B 45 -5.29 2.49 1.73
C PHE B 45 -6.53 3.35 1.58
N ALA B 46 -7.53 3.08 2.42
CA ALA B 46 -8.79 3.81 2.37
C ALA B 46 -9.40 3.73 0.98
N GLY B 47 -9.24 2.58 0.33
CA GLY B 47 -9.79 2.39 -0.99
C GLY B 47 -9.21 3.38 -2.00
N LYS B 48 -7.93 3.73 -1.83
CA LYS B 48 -7.27 4.67 -2.74
C LYS B 48 -5.78 4.37 -2.84
N GLN B 49 -5.29 4.27 -4.07
CA GLN B 49 -3.87 3.99 -4.30
C GLN B 49 -3.01 5.16 -3.84
N LEU B 50 -1.95 4.87 -3.10
CA LEU B 50 -1.06 5.91 -2.61
C LEU B 50 -0.26 6.54 -3.75
N GLU B 51 -0.41 7.85 -3.92
CA GLU B 51 0.29 8.57 -4.98
C GLU B 51 1.76 8.77 -4.62
N ASP B 52 2.64 8.44 -5.56
CA ASP B 52 4.08 8.57 -5.36
C ASP B 52 4.54 10.02 -5.52
N GLY B 53 3.91 10.93 -4.79
CA GLY B 53 4.28 12.33 -4.88
C GLY B 53 3.52 13.21 -3.91
N ARG B 54 3.32 12.71 -2.69
CA ARG B 54 2.60 13.45 -1.67
C ARG B 54 3.02 13.00 -0.27
N THR B 55 3.18 13.96 0.63
CA THR B 55 3.59 13.69 2.00
C THR B 55 2.51 12.90 2.74
N LEU B 56 2.93 12.19 3.78
CA LEU B 56 2.01 11.39 4.59
C LEU B 56 1.00 12.28 5.33
N SER B 57 1.49 13.42 5.80
CA SER B 57 0.65 14.36 6.54
C SER B 57 -0.63 14.70 5.76
N ASP B 58 -0.49 14.85 4.45
CA ASP B 58 -1.63 15.17 3.59
C ASP B 58 -2.72 14.10 3.71
N TYR B 59 -2.30 12.83 3.71
CA TYR B 59 -3.23 11.71 3.82
C TYR B 59 -3.76 11.57 5.24
N ASN B 60 -2.95 11.97 6.22
CA ASN B 60 -3.33 11.87 7.63
C ASN B 60 -3.48 10.41 8.04
N ILE B 61 -2.50 9.60 7.64
CA ILE B 61 -2.50 8.17 7.95
C ILE B 61 -2.51 7.93 9.45
N GLN B 62 -3.38 7.02 9.90
CA GLN B 62 -3.50 6.67 11.30
C GLN B 62 -2.24 5.93 11.78
N LYS B 63 -1.96 6.02 13.07
CA LYS B 63 -0.81 5.34 13.64
C LYS B 63 -0.95 3.83 13.52
N GLU B 64 0.11 3.17 13.05
CA GLU B 64 0.11 1.72 12.89
C GLU B 64 -0.94 1.27 11.88
N SER B 65 -1.08 2.02 10.78
CA SER B 65 -2.03 1.69 9.74
C SER B 65 -1.49 0.62 8.79
N THR B 66 -2.36 -0.28 8.35
CA THR B 66 -1.97 -1.33 7.43
C THR B 66 -2.15 -0.89 5.98
N LEU B 67 -1.11 -1.12 5.17
CA LEU B 67 -1.15 -0.75 3.76
C LEU B 67 -1.16 -2.00 2.88
N HIS B 68 -2.16 -2.09 2.01
CA HIS B 68 -2.29 -3.23 1.11
C HIS B 68 -1.32 -3.12 -0.06
N LEU B 69 -0.59 -4.20 -0.34
CA LEU B 69 0.37 -4.23 -1.43
C LEU B 69 -0.11 -5.14 -2.54
N VAL B 70 0.07 -4.70 -3.79
CA VAL B 70 -0.34 -5.47 -4.95
C VAL B 70 0.81 -5.55 -5.95
N LEU B 71 1.13 -6.76 -6.40
CA LEU B 71 2.20 -6.96 -7.37
C LEU B 71 1.72 -6.70 -8.79
N ARG B 72 2.43 -5.83 -9.50
CA ARG B 72 2.08 -5.51 -10.88
C ARG B 72 2.37 -6.69 -11.80
N LEU B 73 1.32 -7.24 -12.40
CA LEU B 73 1.48 -8.38 -13.30
C LEU B 73 1.74 -7.90 -14.73
N ARG B 74 2.75 -8.49 -15.36
CA ARG B 74 3.11 -8.13 -16.73
C ARG B 74 4.25 -9.02 -17.23
N GLY B 75 5.26 -9.20 -16.38
CA GLY B 75 6.40 -10.03 -16.75
C GLY B 75 7.40 -10.18 -15.62
N GLY B 76 8.68 -10.07 -15.95
CA GLY B 76 9.72 -10.19 -14.95
C GLY B 76 9.64 -9.12 -13.89
N TYR A 1 9.02 17.75 10.28
CA TYR A 1 7.72 17.60 9.59
C TYR A 1 6.59 17.31 10.57
N PRO A 2 5.42 17.95 10.39
CA PRO A 2 4.27 17.75 11.28
C PRO A 2 3.73 16.32 11.20
N GLU A 3 3.37 15.77 12.36
CA GLU A 3 2.85 14.40 12.44
C GLU A 3 3.92 13.38 12.07
N ASP A 4 4.01 12.33 12.87
CA ASP A 4 4.99 11.27 12.62
C ASP A 4 4.59 10.38 11.46
N GLU A 5 3.62 10.82 10.67
CA GLU A 5 3.15 10.07 9.51
C GLU A 5 4.26 9.90 8.47
N GLU A 6 5.06 10.94 8.31
CA GLU A 6 6.15 10.93 7.32
C GLU A 6 7.12 9.78 7.53
N GLU A 7 7.56 9.56 8.77
CA GLU A 7 8.51 8.48 9.05
C GLU A 7 7.95 7.12 8.65
N LEU A 8 6.66 6.89 8.91
CA LEU A 8 6.02 5.62 8.55
C LEU A 8 5.97 5.45 7.04
N ILE A 9 5.51 6.49 6.35
CA ILE A 9 5.42 6.46 4.90
C ILE A 9 6.77 6.16 4.24
N ARG A 10 7.77 6.98 4.54
CA ARG A 10 9.10 6.79 3.98
C ARG A 10 9.69 5.46 4.38
N LYS A 11 9.44 5.05 5.62
CA LYS A 11 9.96 3.77 6.11
C LYS A 11 9.53 2.66 5.16
N ALA A 12 8.24 2.66 4.84
CA ALA A 12 7.69 1.68 3.92
C ALA A 12 8.29 1.89 2.54
N ILE A 13 8.58 3.15 2.22
CA ILE A 13 9.16 3.49 0.93
C ILE A 13 10.53 2.84 0.77
N GLU A 14 11.36 2.93 1.80
CA GLU A 14 12.69 2.34 1.78
C GLU A 14 12.60 0.83 1.66
N LEU A 15 11.68 0.24 2.42
CA LEU A 15 11.49 -1.22 2.40
C LEU A 15 11.19 -1.70 0.98
N SER A 16 10.33 -0.97 0.29
CA SER A 16 9.96 -1.32 -1.08
C SER A 16 11.16 -1.23 -2.01
N LEU A 17 11.91 -0.14 -1.89
CA LEU A 17 13.09 0.08 -2.72
C LEU A 17 14.10 -1.05 -2.57
N LYS A 18 14.29 -1.52 -1.35
CA LYS A 18 15.24 -2.59 -1.07
C LYS A 18 14.94 -3.83 -1.91
N GLU A 19 13.68 -4.25 -1.93
CA GLU A 19 13.27 -5.41 -2.70
C GLU A 19 13.36 -5.12 -4.20
N SER A 20 12.82 -3.97 -4.60
CA SER A 20 12.82 -3.58 -6.00
C SER A 20 14.18 -2.99 -6.41
N ARG A 21 15.24 -3.77 -6.20
CA ARG A 21 16.59 -3.34 -6.54
C ARG A 21 16.65 -2.85 -7.99
N ASN A 22 17.30 -1.70 -8.19
CA ASN A 22 17.43 -1.13 -9.52
C ASN A 22 16.06 -0.87 -10.14
N SER A 23 15.16 -0.29 -9.36
CA SER A 23 13.80 0.00 -9.82
C SER A 23 13.09 -1.26 -10.31
N ALA A 24 12.28 -1.12 -11.35
CA ALA A 24 11.55 -2.25 -11.92
C ALA A 24 10.70 -2.93 -10.85
N MET B 1 -6.63 -11.43 -8.81
CA MET B 1 -5.28 -11.64 -8.24
C MET B 1 -5.24 -11.30 -6.75
N GLN B 2 -4.60 -12.16 -5.97
CA GLN B 2 -4.49 -11.95 -4.52
C GLN B 2 -3.21 -11.20 -4.17
N ILE B 3 -3.36 -10.09 -3.46
CA ILE B 3 -2.21 -9.30 -3.05
C ILE B 3 -2.04 -9.35 -1.53
N PHE B 4 -0.81 -9.52 -1.07
CA PHE B 4 -0.53 -9.58 0.36
C PHE B 4 -0.34 -8.20 0.95
N VAL B 5 -1.36 -7.72 1.66
CA VAL B 5 -1.32 -6.43 2.31
C VAL B 5 -0.63 -6.55 3.67
N LYS B 6 0.33 -5.66 3.94
CA LYS B 6 1.04 -5.71 5.22
C LYS B 6 1.30 -4.31 5.77
N THR B 7 1.01 -4.14 7.05
CA THR B 7 1.21 -2.86 7.72
C THR B 7 2.63 -2.75 8.26
N LEU B 8 3.32 -1.67 7.87
CA LEU B 8 4.70 -1.45 8.32
C LEU B 8 5.56 -2.68 8.04
N THR B 9 5.85 -3.45 9.09
CA THR B 9 6.67 -4.64 8.96
C THR B 9 6.34 -5.66 10.06
N GLY B 10 5.08 -6.09 10.12
CA GLY B 10 4.69 -7.05 11.14
C GLY B 10 3.37 -7.74 10.83
N LYS B 11 2.30 -6.98 10.70
CA LYS B 11 0.99 -7.54 10.41
C LYS B 11 0.83 -7.86 8.92
N THR B 12 0.63 -9.13 8.62
CA THR B 12 0.46 -9.57 7.23
C THR B 12 -0.96 -10.09 7.00
N ILE B 13 -1.55 -9.73 5.86
CA ILE B 13 -2.92 -10.15 5.53
C ILE B 13 -3.14 -10.27 4.03
N THR B 14 -3.88 -11.29 3.63
CA THR B 14 -4.19 -11.52 2.22
C THR B 14 -5.42 -10.70 1.81
N LEU B 15 -5.40 -10.15 0.60
CA LEU B 15 -6.53 -9.36 0.12
C LEU B 15 -6.71 -9.52 -1.38
N GLU B 16 -7.85 -10.07 -1.77
CA GLU B 16 -8.18 -10.30 -3.17
C GLU B 16 -8.66 -9.03 -3.85
N VAL B 17 -8.19 -8.79 -5.07
CA VAL B 17 -8.58 -7.62 -5.83
C VAL B 17 -8.24 -7.78 -7.31
N GLU B 18 -9.21 -7.48 -8.17
CA GLU B 18 -9.03 -7.59 -9.61
C GLU B 18 -8.03 -6.56 -10.12
N SER B 19 -7.15 -6.99 -11.01
CA SER B 19 -6.14 -6.10 -11.58
C SER B 19 -6.80 -4.94 -12.32
N SER B 20 -7.88 -5.24 -13.04
CA SER B 20 -8.61 -4.24 -13.79
C SER B 20 -9.09 -3.10 -12.88
N ASP B 21 -9.57 -3.48 -11.70
CA ASP B 21 -10.07 -2.49 -10.74
C ASP B 21 -8.99 -1.47 -10.39
N THR B 22 -9.37 -0.20 -10.37
CA THR B 22 -8.44 0.88 -10.05
C THR B 22 -7.99 0.80 -8.59
N ILE B 23 -7.08 1.71 -8.21
CA ILE B 23 -6.56 1.75 -6.85
C ILE B 23 -7.68 2.02 -5.84
N ASP B 24 -8.54 2.99 -6.15
CA ASP B 24 -9.65 3.34 -5.27
C ASP B 24 -10.44 2.10 -4.87
N ASN B 25 -10.74 1.25 -5.85
CA ASN B 25 -11.49 0.02 -5.60
C ASN B 25 -10.72 -0.86 -4.62
N VAL B 26 -9.40 -0.94 -4.81
CA VAL B 26 -8.55 -1.74 -3.95
C VAL B 26 -8.70 -1.28 -2.50
N LYS B 27 -8.70 0.04 -2.31
CA LYS B 27 -8.84 0.62 -0.98
C LYS B 27 -10.19 0.25 -0.39
N SER B 28 -11.21 0.22 -1.24
CA SER B 28 -12.57 -0.11 -0.81
C SER B 28 -12.57 -1.51 -0.18
N LYS B 29 -11.94 -2.46 -0.87
CA LYS B 29 -11.87 -3.83 -0.39
C LYS B 29 -11.13 -3.89 0.93
N ILE B 30 -9.99 -3.20 1.00
CA ILE B 30 -9.18 -3.16 2.21
C ILE B 30 -9.97 -2.55 3.36
N GLN B 31 -10.75 -1.53 3.05
CA GLN B 31 -11.58 -0.85 4.05
C GLN B 31 -12.57 -1.83 4.67
N ASP B 32 -13.23 -2.60 3.84
CA ASP B 32 -14.21 -3.57 4.31
C ASP B 32 -13.55 -4.66 5.16
N LYS B 33 -12.38 -5.10 4.72
CA LYS B 33 -11.65 -6.16 5.43
C LYS B 33 -11.15 -5.70 6.80
N GLU B 34 -10.17 -4.81 6.81
CA GLU B 34 -9.59 -4.32 8.05
C GLU B 34 -10.53 -3.35 8.78
N GLY B 35 -11.24 -2.53 8.02
CA GLY B 35 -12.14 -1.56 8.64
C GLY B 35 -11.46 -0.25 8.91
N ILE B 36 -10.71 0.24 7.92
CA ILE B 36 -9.98 1.49 8.04
C ILE B 36 -10.33 2.45 6.91
N PRO B 37 -10.56 3.74 7.21
CA PRO B 37 -10.90 4.74 6.19
C PRO B 37 -9.88 4.78 5.05
N PRO B 38 -10.36 4.88 3.79
CA PRO B 38 -9.47 4.92 2.61
C PRO B 38 -8.49 6.08 2.65
N ASP B 39 -9.01 7.28 2.95
CA ASP B 39 -8.18 8.48 3.00
C ASP B 39 -7.13 8.38 4.11
N GLN B 40 -7.54 7.86 5.27
CA GLN B 40 -6.65 7.72 6.40
C GLN B 40 -5.44 6.84 6.06
N GLN B 41 -5.71 5.62 5.62
CA GLN B 41 -4.63 4.68 5.28
C GLN B 41 -4.05 4.97 3.91
N ARG B 42 -2.73 4.95 3.81
CA ARG B 42 -2.06 5.19 2.54
C ARG B 42 -1.24 3.96 2.14
N LEU B 43 -1.64 3.33 1.05
CA LEU B 43 -0.96 2.13 0.58
C LEU B 43 0.21 2.50 -0.35
N ILE B 44 1.41 2.09 0.06
CA ILE B 44 2.62 2.37 -0.69
C ILE B 44 3.15 1.12 -1.39
N PHE B 45 3.69 1.31 -2.59
CA PHE B 45 4.25 0.22 -3.37
C PHE B 45 5.39 0.72 -4.24
N ALA B 46 6.48 -0.03 -4.28
CA ALA B 46 7.65 0.34 -5.07
C ALA B 46 8.12 1.74 -4.68
N GLY B 47 8.04 2.04 -3.39
CA GLY B 47 8.45 3.34 -2.90
C GLY B 47 7.66 4.49 -3.50
N LYS B 48 6.38 4.23 -3.78
CA LYS B 48 5.50 5.24 -4.36
C LYS B 48 4.05 4.99 -3.97
N GLN B 49 3.38 6.04 -3.49
CA GLN B 49 1.98 5.92 -3.09
C GLN B 49 1.10 5.60 -4.29
N LEU B 50 0.20 4.64 -4.13
CA LEU B 50 -0.70 4.25 -5.21
C LEU B 50 -1.61 5.41 -5.61
N GLU B 51 -1.60 5.74 -6.90
CA GLU B 51 -2.41 6.83 -7.42
C GLU B 51 -3.87 6.42 -7.55
N ASP B 52 -4.77 7.21 -6.97
CA ASP B 52 -6.20 6.94 -7.04
C ASP B 52 -6.70 6.98 -8.47
N GLY B 53 -7.54 6.01 -8.83
CA GLY B 53 -8.08 5.96 -10.18
C GLY B 53 -7.08 5.45 -11.20
N ARG B 54 -6.30 4.45 -10.81
CA ARG B 54 -5.30 3.86 -11.70
C ARG B 54 -5.43 2.35 -11.73
N THR B 55 -5.46 1.79 -12.93
CA THR B 55 -5.58 0.34 -13.10
C THR B 55 -4.29 -0.37 -12.75
N LEU B 56 -4.40 -1.50 -12.05
CA LEU B 56 -3.25 -2.29 -11.66
C LEU B 56 -2.53 -2.84 -12.88
N SER B 57 -3.29 -3.08 -13.95
CA SER B 57 -2.75 -3.61 -15.19
C SER B 57 -1.54 -2.80 -15.66
N ASP B 58 -1.69 -1.47 -15.62
CA ASP B 58 -0.61 -0.58 -16.03
C ASP B 58 0.65 -0.84 -15.21
N TYR B 59 0.46 -1.07 -13.92
CA TYR B 59 1.58 -1.35 -13.02
C TYR B 59 2.16 -2.73 -13.27
N ASN B 60 1.33 -3.64 -13.78
CA ASN B 60 1.75 -5.01 -14.06
C ASN B 60 2.12 -5.73 -12.76
N ILE B 61 1.30 -5.51 -11.75
CA ILE B 61 1.51 -6.12 -10.44
C ILE B 61 1.46 -7.65 -10.52
N GLN B 62 2.47 -8.29 -9.95
CA GLN B 62 2.55 -9.75 -9.95
C GLN B 62 1.65 -10.34 -8.86
N LYS B 63 1.08 -11.51 -9.12
CA LYS B 63 0.21 -12.16 -8.16
C LYS B 63 0.94 -12.37 -6.83
N GLU B 64 0.22 -12.17 -5.73
CA GLU B 64 0.79 -12.32 -4.39
C GLU B 64 1.86 -11.27 -4.14
N SER B 65 1.59 -10.05 -4.59
CA SER B 65 2.52 -8.94 -4.43
C SER B 65 2.42 -8.33 -3.03
N THR B 66 3.57 -7.98 -2.46
CA THR B 66 3.61 -7.38 -1.14
C THR B 66 3.38 -5.87 -1.21
N LEU B 67 2.45 -5.38 -0.38
CA LEU B 67 2.14 -3.95 -0.35
C LEU B 67 2.29 -3.41 1.07
N HIS B 68 2.93 -2.25 1.19
CA HIS B 68 3.13 -1.64 2.51
C HIS B 68 2.02 -0.63 2.83
N LEU B 69 1.49 -0.74 4.04
CA LEU B 69 0.43 0.16 4.51
C LEU B 69 0.98 1.20 5.48
N VAL B 70 0.51 2.44 5.37
CA VAL B 70 0.95 3.50 6.25
C VAL B 70 -0.24 4.34 6.71
N LEU B 71 -0.73 4.02 7.90
CA LEU B 71 -1.88 4.73 8.47
C LEU B 71 -1.49 6.14 8.87
N ARG B 72 -2.29 7.11 8.44
CA ARG B 72 -2.03 8.51 8.76
C ARG B 72 -1.94 8.71 10.27
N LEU B 73 -0.76 9.11 10.73
CA LEU B 73 -0.52 9.34 12.16
C LEU B 73 -0.75 8.07 12.98
N ARG B 74 0.19 7.78 13.87
CA ARG B 74 0.11 6.60 14.72
C ARG B 74 -1.14 6.65 15.59
N GLY B 75 -1.87 5.54 15.66
CA GLY B 75 -3.08 5.48 16.47
C GLY B 75 -2.79 5.29 17.94
N GLY B 76 -1.83 6.05 18.46
CA GLY B 76 -1.48 5.95 19.87
C GLY B 76 -2.62 6.30 20.79
N TYR A 1 -12.89 -10.08 -20.13
CA TYR A 1 -12.34 -10.80 -18.94
C TYR A 1 -11.99 -9.82 -17.82
N PRO A 2 -12.51 -10.05 -16.60
CA PRO A 2 -12.25 -9.17 -15.45
C PRO A 2 -10.78 -9.17 -15.05
N GLU A 3 -10.24 -7.96 -14.81
CA GLU A 3 -8.84 -7.81 -14.41
C GLU A 3 -8.59 -8.46 -13.06
N ASP A 4 -7.52 -9.25 -12.98
CA ASP A 4 -7.16 -9.92 -11.73
C ASP A 4 -6.61 -8.93 -10.71
N GLU A 5 -5.84 -7.96 -11.18
CA GLU A 5 -5.25 -6.95 -10.31
C GLU A 5 -6.33 -6.16 -9.58
N GLU A 6 -7.35 -5.74 -10.32
CA GLU A 6 -8.44 -4.97 -9.74
C GLU A 6 -9.12 -5.74 -8.60
N GLU A 7 -9.19 -7.05 -8.74
CA GLU A 7 -9.81 -7.90 -7.73
C GLU A 7 -9.12 -7.75 -6.38
N LEU A 8 -7.81 -7.94 -6.35
CA LEU A 8 -7.04 -7.82 -5.11
C LEU A 8 -7.10 -6.39 -4.57
N ILE A 9 -6.95 -5.42 -5.46
CA ILE A 9 -6.98 -4.01 -5.07
C ILE A 9 -8.27 -3.66 -4.34
N ARG A 10 -9.41 -3.99 -4.93
CA ARG A 10 -10.70 -3.68 -4.32
C ARG A 10 -10.89 -4.44 -3.01
N LYS A 11 -10.48 -5.72 -2.98
CA LYS A 11 -10.60 -6.50 -1.75
C LYS A 11 -9.90 -5.75 -0.63
N ALA A 12 -8.75 -5.18 -0.97
CA ALA A 12 -7.98 -4.40 -0.02
C ALA A 12 -8.74 -3.13 0.34
N ILE A 13 -9.46 -2.59 -0.65
CA ILE A 13 -10.26 -1.39 -0.45
C ILE A 13 -11.29 -1.59 0.66
N GLU A 14 -12.04 -2.69 0.57
CA GLU A 14 -13.07 -3.01 1.55
C GLU A 14 -12.45 -3.26 2.92
N LEU A 15 -11.37 -4.05 2.95
CA LEU A 15 -10.69 -4.37 4.19
C LEU A 15 -10.21 -3.10 4.89
N SER A 16 -9.63 -2.18 4.12
CA SER A 16 -9.13 -0.92 4.67
C SER A 16 -10.27 -0.10 5.28
N LEU A 17 -11.37 0.00 4.55
CA LEU A 17 -12.53 0.77 5.03
C LEU A 17 -13.03 0.24 6.36
N LYS A 18 -13.15 -1.08 6.47
CA LYS A 18 -13.62 -1.71 7.69
C LYS A 18 -12.67 -1.45 8.86
N GLU A 19 -11.38 -1.59 8.60
CA GLU A 19 -10.36 -1.36 9.63
C GLU A 19 -10.48 0.05 10.20
N SER A 20 -10.66 1.03 9.32
CA SER A 20 -10.78 2.42 9.73
C SER A 20 -12.04 2.63 10.58
N ARG A 21 -11.86 3.24 11.74
CA ARG A 21 -12.98 3.49 12.64
C ARG A 21 -13.79 4.70 12.18
N ASN A 22 -13.11 5.73 11.70
CA ASN A 22 -13.77 6.94 11.22
C ASN A 22 -14.82 6.62 10.16
N SER A 23 -14.42 5.81 9.18
CA SER A 23 -15.31 5.41 8.08
C SER A 23 -15.52 6.55 7.09
N ALA A 24 -15.74 7.76 7.60
CA ALA A 24 -15.95 8.93 6.75
C ALA A 24 -17.14 8.72 5.81
N MET B 1 7.95 6.59 11.47
CA MET B 1 7.18 5.51 12.13
C MET B 1 7.19 4.23 11.31
N GLN B 2 7.32 3.09 11.99
CA GLN B 2 7.33 1.79 11.32
C GLN B 2 5.95 1.42 10.80
N ILE B 3 5.92 0.72 9.68
CA ILE B 3 4.67 0.28 9.06
C ILE B 3 4.85 -1.06 8.37
N PHE B 4 3.84 -1.92 8.46
CA PHE B 4 3.91 -3.24 7.83
C PHE B 4 3.23 -3.27 6.48
N VAL B 5 3.94 -3.78 5.48
CA VAL B 5 3.41 -3.90 4.13
C VAL B 5 2.93 -5.33 3.90
N LYS B 6 1.66 -5.48 3.52
CA LYS B 6 1.09 -6.81 3.29
C LYS B 6 0.57 -6.94 1.87
N THR B 7 1.02 -7.99 1.19
CA THR B 7 0.60 -8.26 -0.19
C THR B 7 -0.67 -9.12 -0.20
N LEU B 8 -1.48 -8.96 -1.23
CA LEU B 8 -2.72 -9.71 -1.36
C LEU B 8 -2.45 -11.17 -1.79
N THR B 9 -1.58 -11.85 -1.04
CA THR B 9 -1.24 -13.23 -1.33
C THR B 9 -0.82 -13.98 -0.08
N GLY B 10 0.04 -13.36 0.74
CA GLY B 10 0.48 -14.01 1.96
C GLY B 10 1.86 -13.56 2.41
N LYS B 11 2.03 -12.26 2.66
CA LYS B 11 3.32 -11.73 3.09
C LYS B 11 3.16 -10.37 3.77
N THR B 12 3.97 -10.17 4.82
CA THR B 12 3.94 -8.91 5.57
C THR B 12 5.33 -8.63 6.15
N ILE B 13 5.83 -7.41 5.93
CA ILE B 13 7.16 -7.05 6.42
C ILE B 13 7.21 -5.64 6.98
N THR B 14 8.02 -5.46 8.04
CA THR B 14 8.20 -4.16 8.67
C THR B 14 8.93 -3.20 7.73
N LEU B 15 8.59 -1.92 7.80
CA LEU B 15 9.24 -0.93 6.96
C LEU B 15 9.12 0.46 7.57
N GLU B 16 10.27 1.04 7.91
CA GLU B 16 10.33 2.37 8.50
C GLU B 16 10.02 3.45 7.47
N VAL B 17 9.14 4.38 7.84
CA VAL B 17 8.77 5.47 6.93
C VAL B 17 8.55 6.77 7.68
N GLU B 18 9.19 7.83 7.19
CA GLU B 18 9.06 9.16 7.80
C GLU B 18 7.86 9.90 7.23
N SER B 19 7.13 10.59 8.11
CA SER B 19 5.95 11.34 7.69
C SER B 19 6.31 12.37 6.63
N SER B 20 7.46 13.01 6.80
CA SER B 20 7.92 14.03 5.85
C SER B 20 8.15 13.43 4.46
N ASP B 21 8.82 12.28 4.42
CA ASP B 21 9.10 11.60 3.16
C ASP B 21 7.81 11.22 2.44
N THR B 22 7.76 11.51 1.14
CA THR B 22 6.58 11.21 0.33
C THR B 22 6.41 9.70 0.14
N ILE B 23 5.44 9.32 -0.70
CA ILE B 23 5.17 7.91 -0.96
C ILE B 23 6.27 7.28 -1.82
N ASP B 24 6.70 8.00 -2.86
CA ASP B 24 7.73 7.50 -3.76
C ASP B 24 8.96 7.07 -2.98
N ASN B 25 9.33 7.84 -1.97
CA ASN B 25 10.48 7.52 -1.13
C ASN B 25 10.28 6.16 -0.49
N VAL B 26 9.06 5.92 -0.02
CA VAL B 26 8.71 4.65 0.61
C VAL B 26 8.89 3.50 -0.38
N LYS B 27 8.50 3.75 -1.63
CA LYS B 27 8.62 2.75 -2.68
C LYS B 27 10.07 2.35 -2.90
N SER B 28 10.96 3.36 -2.88
CA SER B 28 12.38 3.11 -3.07
C SER B 28 12.94 2.27 -1.93
N LYS B 29 12.49 2.57 -0.70
CA LYS B 29 12.94 1.84 0.47
C LYS B 29 12.43 0.40 0.45
N ILE B 30 11.15 0.24 0.10
CA ILE B 30 10.54 -1.07 0.04
C ILE B 30 11.15 -1.92 -1.08
N GLN B 31 11.34 -1.31 -2.25
CA GLN B 31 11.92 -2.00 -3.39
C GLN B 31 13.34 -2.46 -3.09
N ASP B 32 14.09 -1.61 -2.39
CA ASP B 32 15.47 -1.93 -2.03
C ASP B 32 15.55 -3.09 -1.05
N LYS B 33 14.69 -3.07 -0.03
CA LYS B 33 14.68 -4.13 0.98
C LYS B 33 14.06 -5.41 0.45
N GLU B 34 12.77 -5.36 0.11
CA GLU B 34 12.03 -6.52 -0.38
C GLU B 34 12.52 -6.97 -1.75
N GLY B 35 12.85 -6.01 -2.61
CA GLY B 35 13.31 -6.36 -3.95
C GLY B 35 12.16 -6.52 -4.93
N ILE B 36 11.28 -5.51 -4.96
CA ILE B 36 10.13 -5.53 -5.84
C ILE B 36 9.93 -4.16 -6.49
N PRO B 37 9.69 -4.13 -7.82
CA PRO B 37 9.49 -2.88 -8.55
C PRO B 37 8.40 -2.01 -7.93
N PRO B 38 8.68 -0.70 -7.78
CA PRO B 38 7.73 0.24 -7.17
C PRO B 38 6.47 0.43 -8.02
N ASP B 39 6.66 0.53 -9.33
CA ASP B 39 5.53 0.71 -10.24
C ASP B 39 4.53 -0.42 -10.12
N GLN B 40 5.03 -1.66 -10.07
CA GLN B 40 4.17 -2.83 -9.96
C GLN B 40 3.42 -2.84 -8.63
N GLN B 41 4.15 -2.80 -7.53
CA GLN B 41 3.54 -2.80 -6.21
C GLN B 41 2.73 -1.53 -5.98
N ARG B 42 1.48 -1.69 -5.55
CA ARG B 42 0.61 -0.56 -5.30
C ARG B 42 0.11 -0.55 -3.86
N LEU B 43 0.39 0.54 -3.14
CA LEU B 43 -0.03 0.68 -1.76
C LEU B 43 -1.49 1.08 -1.66
N ILE B 44 -2.20 0.49 -0.71
CA ILE B 44 -3.62 0.79 -0.50
C ILE B 44 -3.93 0.97 0.99
N PHE B 45 -4.75 1.96 1.28
CA PHE B 45 -5.12 2.26 2.65
C PHE B 45 -6.38 3.11 2.70
N ALA B 46 -7.28 2.81 3.63
CA ALA B 46 -8.53 3.55 3.77
C ALA B 46 -9.28 3.60 2.44
N GLY B 47 -9.24 2.50 1.71
CA GLY B 47 -9.92 2.44 0.42
C GLY B 47 -9.40 3.48 -0.55
N LYS B 48 -8.10 3.75 -0.49
CA LYS B 48 -7.47 4.73 -1.38
C LYS B 48 -6.00 4.38 -1.62
N GLN B 49 -5.62 4.29 -2.89
CA GLN B 49 -4.24 3.97 -3.26
C GLN B 49 -3.34 5.17 -2.98
N LEU B 50 -2.20 4.93 -2.34
CA LEU B 50 -1.27 6.00 -2.03
C LEU B 50 -0.68 6.60 -3.30
N GLU B 51 -0.81 7.91 -3.46
CA GLU B 51 -0.29 8.61 -4.63
C GLU B 51 1.22 8.76 -4.55
N ASP B 52 1.90 8.58 -5.67
CA ASP B 52 3.36 8.69 -5.73
C ASP B 52 3.82 10.15 -5.69
N GLY B 53 3.29 10.93 -4.75
CA GLY B 53 3.67 12.32 -4.65
C GLY B 53 2.92 13.06 -3.56
N ARG B 54 2.86 12.45 -2.37
CA ARG B 54 2.15 13.06 -1.24
C ARG B 54 2.76 12.60 0.09
N THR B 55 2.90 13.56 1.02
CA THR B 55 3.47 13.27 2.33
C THR B 55 2.51 12.43 3.18
N LEU B 56 3.07 11.54 3.99
CA LEU B 56 2.29 10.67 4.86
C LEU B 56 1.50 11.47 5.90
N SER B 57 2.06 12.60 6.32
CA SER B 57 1.42 13.44 7.34
C SER B 57 -0.02 13.76 6.96
N ASP B 58 -0.24 14.17 5.71
CA ASP B 58 -1.59 14.50 5.24
C ASP B 58 -2.54 13.33 5.43
N TYR B 59 -2.07 12.15 5.05
CA TYR B 59 -2.89 10.93 5.19
C TYR B 59 -3.18 10.63 6.65
N ASN B 60 -2.23 10.98 7.52
CA ASN B 60 -2.38 10.73 8.95
C ASN B 60 -2.44 9.22 9.21
N ILE B 61 -1.49 8.50 8.63
CA ILE B 61 -1.42 7.05 8.78
C ILE B 61 -1.08 6.65 10.21
N GLN B 62 -1.82 5.68 10.75
CA GLN B 62 -1.60 5.19 12.10
C GLN B 62 -0.29 4.43 12.21
N LYS B 63 0.34 4.47 13.38
CA LYS B 63 1.59 3.79 13.63
C LYS B 63 1.46 2.29 13.33
N GLU B 64 2.56 1.69 12.87
CA GLU B 64 2.60 0.27 12.54
C GLU B 64 1.37 -0.17 11.75
N SER B 65 0.96 0.66 10.81
CA SER B 65 -0.20 0.38 9.97
C SER B 65 0.14 -0.65 8.90
N THR B 66 -0.82 -1.52 8.60
CA THR B 66 -0.63 -2.54 7.58
C THR B 66 -1.15 -2.06 6.23
N LEU B 67 -0.24 -1.56 5.39
CA LEU B 67 -0.61 -1.06 4.07
C LEU B 67 -0.70 -2.20 3.07
N HIS B 68 -1.81 -2.27 2.34
CA HIS B 68 -2.02 -3.32 1.35
C HIS B 68 -1.15 -3.08 0.12
N LEU B 69 -0.73 -4.16 -0.53
CA LEU B 69 0.11 -4.07 -1.71
C LEU B 69 -0.42 -4.99 -2.81
N VAL B 70 -0.67 -4.42 -3.99
CA VAL B 70 -1.16 -5.19 -5.12
C VAL B 70 -0.16 -5.15 -6.27
N LEU B 71 0.20 -6.32 -6.77
CA LEU B 71 1.16 -6.40 -7.87
C LEU B 71 0.49 -6.09 -9.21
N ARG B 72 1.05 -5.12 -9.93
CA ARG B 72 0.54 -4.72 -11.23
C ARG B 72 0.50 -5.92 -12.18
N LEU B 73 -0.52 -5.98 -13.03
CA LEU B 73 -0.66 -7.07 -13.98
C LEU B 73 0.65 -7.32 -14.73
N ARG B 74 0.99 -8.59 -14.89
CA ARG B 74 2.23 -8.97 -15.57
C ARG B 74 2.29 -8.35 -16.97
N GLY B 75 1.19 -8.47 -17.71
CA GLY B 75 1.14 -7.92 -19.05
C GLY B 75 2.07 -8.63 -20.02
N GLY B 76 1.56 -8.94 -21.21
CA GLY B 76 2.36 -9.63 -22.21
C GLY B 76 1.59 -9.88 -23.50
N TYR A 1 10.55 13.00 20.38
CA TYR A 1 9.59 13.31 19.29
C TYR A 1 9.13 12.05 18.58
N PRO A 2 7.84 11.98 18.21
CA PRO A 2 7.28 10.81 17.52
C PRO A 2 7.87 10.62 16.13
N GLU A 3 8.17 9.36 15.80
CA GLU A 3 8.75 9.04 14.50
C GLU A 3 7.80 9.43 13.36
N ASP A 4 8.34 10.12 12.37
CA ASP A 4 7.53 10.56 11.23
C ASP A 4 7.03 9.36 10.41
N GLU A 5 7.88 8.35 10.27
CA GLU A 5 7.51 7.13 9.54
C GLU A 5 6.30 6.46 10.17
N GLU A 6 6.37 6.25 11.48
CA GLU A 6 5.28 5.61 12.21
C GLU A 6 4.00 6.42 12.10
N GLU A 7 4.13 7.74 12.18
CA GLU A 7 2.97 8.62 12.10
C GLU A 7 2.26 8.47 10.76
N LEU A 8 3.02 8.52 9.67
CA LEU A 8 2.44 8.38 8.33
C LEU A 8 1.72 7.04 8.18
N ILE A 9 2.38 5.97 8.62
CA ILE A 9 1.80 4.64 8.55
C ILE A 9 0.45 4.57 9.27
N ARG A 10 0.42 4.98 10.53
CA ARG A 10 -0.82 4.95 11.30
C ARG A 10 -1.86 5.89 10.70
N LYS A 11 -1.43 7.04 10.22
CA LYS A 11 -2.35 7.99 9.60
C LYS A 11 -3.11 7.28 8.50
N ALA A 12 -2.38 6.48 7.74
CA ALA A 12 -2.97 5.69 6.66
C ALA A 12 -3.89 4.63 7.26
N ILE A 13 -3.50 4.12 8.43
CA ILE A 13 -4.28 3.09 9.12
C ILE A 13 -5.67 3.62 9.48
N GLU A 14 -5.72 4.80 10.07
CA GLU A 14 -6.97 5.42 10.48
C GLU A 14 -7.84 5.77 9.27
N LEU A 15 -7.23 6.38 8.27
CA LEU A 15 -7.94 6.78 7.05
C LEU A 15 -8.64 5.58 6.42
N SER A 16 -7.93 4.46 6.34
CA SER A 16 -8.48 3.25 5.76
C SER A 16 -9.62 2.70 6.61
N LEU A 17 -9.42 2.67 7.92
CA LEU A 17 -10.44 2.17 8.84
C LEU A 17 -11.75 2.94 8.72
N LYS A 18 -11.65 4.26 8.55
CA LYS A 18 -12.82 5.11 8.43
C LYS A 18 -13.65 4.74 7.19
N GLU A 19 -12.97 4.47 6.08
CA GLU A 19 -13.64 4.11 4.84
C GLU A 19 -14.42 2.82 4.97
N SER A 20 -13.75 1.77 5.44
CA SER A 20 -14.38 0.46 5.61
C SER A 20 -15.49 0.51 6.66
N ARG A 21 -15.20 1.17 7.78
CA ARG A 21 -16.16 1.30 8.87
C ARG A 21 -16.60 -0.09 9.36
N ASN A 22 -17.90 -0.31 9.53
CA ASN A 22 -18.41 -1.59 9.99
C ASN A 22 -18.28 -2.65 8.91
N SER A 23 -18.82 -2.35 7.73
CA SER A 23 -18.76 -3.28 6.59
C SER A 23 -19.43 -2.66 5.37
N ALA A 24 -19.14 -1.39 5.10
CA ALA A 24 -19.72 -0.69 3.97
C ALA A 24 -19.35 -1.37 2.65
N MET B 1 -6.63 -6.21 -12.68
CA MET B 1 -7.29 -5.08 -11.97
C MET B 1 -6.29 -3.93 -11.74
N GLN B 2 -6.73 -2.72 -12.05
CA GLN B 2 -5.89 -1.53 -11.88
C GLN B 2 -5.99 -0.99 -10.46
N ILE B 3 -4.89 -0.44 -9.95
CA ILE B 3 -4.86 0.12 -8.60
C ILE B 3 -3.95 1.35 -8.56
N PHE B 4 -4.38 2.36 -7.80
CA PHE B 4 -3.61 3.59 -7.66
C PHE B 4 -2.79 3.61 -6.38
N VAL B 5 -1.51 3.92 -6.51
CA VAL B 5 -0.62 4.02 -5.36
C VAL B 5 -0.64 5.45 -4.84
N LYS B 6 -1.13 5.62 -3.61
CA LYS B 6 -1.22 6.95 -3.01
C LYS B 6 -0.07 7.21 -2.03
N THR B 7 0.57 8.36 -2.16
CA THR B 7 1.67 8.74 -1.29
C THR B 7 1.19 9.71 -0.21
N LEU B 8 1.81 9.64 0.96
CA LEU B 8 1.45 10.52 2.07
C LEU B 8 1.43 11.97 1.65
N THR B 9 2.32 12.33 0.73
CA THR B 9 2.41 13.70 0.23
C THR B 9 1.11 14.10 -0.46
N GLY B 10 0.64 13.26 -1.38
CA GLY B 10 -0.58 13.56 -2.10
C GLY B 10 -0.48 13.28 -3.59
N LYS B 11 -0.17 12.04 -3.94
CA LYS B 11 -0.04 11.66 -5.34
C LYS B 11 -0.43 10.20 -5.57
N THR B 12 -1.32 9.98 -6.53
CA THR B 12 -1.79 8.64 -6.87
C THR B 12 -1.37 8.25 -8.27
N ILE B 13 -0.91 7.02 -8.44
CA ILE B 13 -0.48 6.55 -9.76
C ILE B 13 -1.04 5.17 -10.10
N THR B 14 -1.51 5.02 -11.33
CA THR B 14 -2.08 3.77 -11.80
C THR B 14 -1.03 2.65 -11.80
N LEU B 15 -1.48 1.44 -11.49
CA LEU B 15 -0.58 0.28 -11.47
C LEU B 15 -1.39 -1.00 -11.71
N GLU B 16 -1.12 -1.66 -12.82
CA GLU B 16 -1.82 -2.89 -13.18
C GLU B 16 -1.34 -4.06 -12.34
N VAL B 17 -2.29 -4.84 -11.83
CA VAL B 17 -1.98 -6.01 -11.01
C VAL B 17 -3.04 -7.09 -11.15
N GLU B 18 -2.59 -8.31 -11.40
CA GLU B 18 -3.51 -9.45 -11.56
C GLU B 18 -3.80 -10.09 -10.21
N SER B 19 -5.05 -10.49 -10.01
CA SER B 19 -5.45 -11.12 -8.75
C SER B 19 -4.56 -12.32 -8.43
N SER B 20 -4.21 -13.08 -9.45
CA SER B 20 -3.35 -14.26 -9.28
C SER B 20 -2.00 -13.85 -8.69
N ASP B 21 -1.42 -12.78 -9.23
CA ASP B 21 -0.12 -12.30 -8.76
C ASP B 21 -0.18 -11.97 -7.27
N THR B 22 0.86 -12.37 -6.54
CA THR B 22 0.92 -12.12 -5.10
C THR B 22 1.35 -10.69 -4.81
N ILE B 23 1.87 -10.47 -3.61
CA ILE B 23 2.32 -9.14 -3.21
C ILE B 23 3.68 -8.83 -3.82
N ASP B 24 4.57 -9.82 -3.83
CA ASP B 24 5.90 -9.66 -4.39
C ASP B 24 5.82 -9.20 -5.84
N ASN B 25 4.89 -9.80 -6.59
CA ASN B 25 4.69 -9.45 -7.99
C ASN B 25 4.34 -7.98 -8.14
N VAL B 26 3.40 -7.52 -7.31
CA VAL B 26 2.98 -6.12 -7.34
C VAL B 26 4.16 -5.22 -7.02
N LYS B 27 4.98 -5.65 -6.06
CA LYS B 27 6.15 -4.88 -5.65
C LYS B 27 7.14 -4.71 -6.79
N SER B 28 7.39 -5.77 -7.54
CA SER B 28 8.30 -5.72 -8.66
C SER B 28 7.80 -4.72 -9.71
N LYS B 29 6.51 -4.78 -9.99
CA LYS B 29 5.89 -3.90 -10.98
C LYS B 29 6.02 -2.44 -10.53
N ILE B 30 5.67 -2.18 -9.27
CA ILE B 30 5.74 -0.84 -8.70
C ILE B 30 7.18 -0.33 -8.67
N GLN B 31 8.10 -1.22 -8.34
CA GLN B 31 9.52 -0.86 -8.27
C GLN B 31 10.01 -0.37 -9.63
N ASP B 32 9.62 -1.08 -10.69
CA ASP B 32 10.03 -0.73 -12.04
C ASP B 32 9.46 0.63 -12.46
N LYS B 33 8.16 0.82 -12.23
CA LYS B 33 7.50 2.07 -12.60
C LYS B 33 7.89 3.22 -11.67
N GLU B 34 7.47 3.11 -10.41
CA GLU B 34 7.76 4.14 -9.41
C GLU B 34 9.25 4.32 -9.19
N GLY B 35 10.01 3.24 -9.27
CA GLY B 35 11.44 3.32 -9.05
C GLY B 35 11.79 3.35 -7.58
N ILE B 36 11.18 2.45 -6.82
CA ILE B 36 11.40 2.38 -5.38
C ILE B 36 11.50 0.92 -4.92
N PRO B 37 12.50 0.59 -4.09
CA PRO B 37 12.68 -0.78 -3.57
C PRO B 37 11.43 -1.29 -2.87
N PRO B 38 11.06 -2.56 -3.12
CA PRO B 38 9.87 -3.17 -2.51
C PRO B 38 9.92 -3.18 -0.99
N ASP B 39 11.09 -3.49 -0.44
CA ASP B 39 11.28 -3.54 1.01
C ASP B 39 10.97 -2.20 1.66
N GLN B 40 11.48 -1.12 1.07
CA GLN B 40 11.27 0.22 1.60
C GLN B 40 9.81 0.62 1.56
N GLN B 41 9.20 0.55 0.37
CA GLN B 41 7.79 0.91 0.21
C GLN B 41 6.89 -0.01 1.02
N ARG B 42 6.01 0.58 1.83
CA ARG B 42 5.09 -0.19 2.66
C ARG B 42 3.65 0.00 2.19
N LEU B 43 2.97 -1.12 1.93
CA LEU B 43 1.59 -1.08 1.47
C LEU B 43 0.62 -1.13 2.65
N ILE B 44 -0.39 -0.27 2.60
CA ILE B 44 -1.40 -0.20 3.66
C ILE B 44 -2.80 -0.11 3.06
N PHE B 45 -3.73 -0.88 3.61
CA PHE B 45 -5.10 -0.88 3.13
C PHE B 45 -6.04 -1.53 4.15
N ALA B 46 -7.22 -0.94 4.31
CA ALA B 46 -8.21 -1.44 5.25
C ALA B 46 -7.61 -1.62 6.64
N GLY B 47 -6.77 -0.68 7.03
CA GLY B 47 -6.13 -0.75 8.33
C GLY B 47 -5.34 -2.03 8.51
N LYS B 48 -4.70 -2.48 7.44
CA LYS B 48 -3.91 -3.72 7.47
C LYS B 48 -2.70 -3.63 6.55
N GLN B 49 -1.54 -3.99 7.07
CA GLN B 49 -0.30 -3.97 6.30
C GLN B 49 -0.24 -5.16 5.35
N LEU B 50 -0.01 -4.90 4.07
CA LEU B 50 0.08 -5.96 3.08
C LEU B 50 1.36 -6.77 3.26
N GLU B 51 1.20 -8.10 3.27
CA GLU B 51 2.34 -9.00 3.44
C GLU B 51 3.25 -8.96 2.21
N ASP B 52 3.88 -10.08 1.92
CA ASP B 52 4.79 -10.18 0.79
C ASP B 52 4.82 -11.61 0.24
N GLY B 53 3.65 -12.21 0.09
CA GLY B 53 3.57 -13.57 -0.42
C GLY B 53 2.16 -14.12 -0.40
N ARG B 54 1.19 -13.31 -0.85
CA ARG B 54 -0.21 -13.73 -0.87
C ARG B 54 -0.94 -13.10 -2.06
N THR B 55 -1.78 -13.90 -2.70
CA THR B 55 -2.55 -13.42 -3.85
C THR B 55 -3.49 -12.29 -3.48
N LEU B 56 -3.56 -11.27 -4.34
CA LEU B 56 -4.42 -10.12 -4.10
C LEU B 56 -5.89 -10.53 -4.01
N SER B 57 -6.25 -11.56 -4.76
CA SER B 57 -7.62 -12.05 -4.77
C SER B 57 -8.13 -12.30 -3.36
N ASP B 58 -7.24 -12.78 -2.50
CA ASP B 58 -7.59 -13.06 -1.10
C ASP B 58 -7.88 -11.77 -0.34
N TYR B 59 -7.06 -10.76 -0.56
CA TYR B 59 -7.23 -9.47 0.12
C TYR B 59 -8.57 -8.84 -0.22
N ASN B 60 -9.11 -9.16 -1.39
CA ASN B 60 -10.40 -8.62 -1.84
C ASN B 60 -10.29 -7.11 -2.08
N ILE B 61 -9.21 -6.70 -2.74
CA ILE B 61 -9.00 -5.29 -3.03
C ILE B 61 -9.93 -4.79 -4.13
N GLN B 62 -10.58 -3.66 -3.88
CA GLN B 62 -11.50 -3.07 -4.86
C GLN B 62 -10.72 -2.43 -6.01
N LYS B 63 -11.25 -2.53 -7.21
CA LYS B 63 -10.59 -1.95 -8.38
C LYS B 63 -10.45 -0.45 -8.23
N GLU B 64 -9.34 0.09 -8.72
CA GLU B 64 -9.07 1.53 -8.64
C GLU B 64 -8.95 1.97 -7.18
N SER B 65 -8.37 1.12 -6.36
CA SER B 65 -8.18 1.42 -4.95
C SER B 65 -6.85 2.12 -4.70
N THR B 66 -6.86 3.10 -3.80
CA THR B 66 -5.66 3.85 -3.47
C THR B 66 -4.92 3.20 -2.31
N LEU B 67 -3.83 2.51 -2.61
CA LEU B 67 -3.03 1.84 -1.59
C LEU B 67 -2.06 2.84 -0.95
N HIS B 68 -2.11 2.95 0.38
CA HIS B 68 -1.23 3.86 1.10
C HIS B 68 0.20 3.33 1.12
N LEU B 69 1.14 4.17 0.69
CA LEU B 69 2.54 3.78 0.65
C LEU B 69 3.36 4.61 1.62
N VAL B 70 4.08 3.93 2.52
CA VAL B 70 4.93 4.60 3.50
C VAL B 70 6.37 4.14 3.38
N LEU B 71 7.29 5.08 3.28
CA LEU B 71 8.71 4.75 3.15
C LEU B 71 9.26 4.23 4.47
N ARG B 72 9.85 3.05 4.43
CA ARG B 72 10.41 2.43 5.63
C ARG B 72 11.90 2.74 5.76
N LEU B 73 12.32 3.07 6.98
CA LEU B 73 13.72 3.40 7.25
C LEU B 73 14.63 2.23 6.90
N ARG B 74 15.75 2.52 6.25
CA ARG B 74 16.71 1.50 5.85
C ARG B 74 16.12 0.58 4.79
N GLY B 75 16.91 0.29 3.76
CA GLY B 75 16.45 -0.59 2.69
C GLY B 75 17.52 -0.84 1.65
N GLY B 76 17.65 -2.10 1.24
CA GLY B 76 18.64 -2.46 0.25
C GLY B 76 20.07 -2.21 0.72
N TYR A 1 -7.95 -17.62 -9.00
CA TYR A 1 -6.48 -17.47 -8.93
C TYR A 1 -6.04 -16.14 -9.57
N PRO A 2 -5.13 -15.40 -8.91
CA PRO A 2 -4.64 -14.12 -9.41
C PRO A 2 -3.92 -14.25 -10.75
N GLU A 3 -4.19 -13.32 -11.65
CA GLU A 3 -3.59 -13.32 -12.98
C GLU A 3 -3.31 -11.91 -13.46
N ASP A 4 -4.38 -11.15 -13.65
CA ASP A 4 -4.27 -9.77 -14.10
C ASP A 4 -3.83 -8.88 -12.95
N GLU A 5 -4.37 -9.13 -11.77
CA GLU A 5 -4.03 -8.36 -10.57
C GLU A 5 -2.63 -8.70 -10.09
N GLU A 6 -2.25 -9.96 -10.20
CA GLU A 6 -0.93 -10.41 -9.75
C GLU A 6 0.18 -9.68 -10.51
N GLU A 7 -0.01 -9.55 -11.83
CA GLU A 7 0.98 -8.88 -12.67
C GLU A 7 1.12 -7.41 -12.29
N LEU A 8 -0.01 -6.74 -12.07
CA LEU A 8 -0.03 -5.33 -11.71
C LEU A 8 0.59 -5.12 -10.33
N ILE A 9 0.25 -6.00 -9.39
CA ILE A 9 0.77 -5.91 -8.03
C ILE A 9 2.30 -5.96 -8.03
N ARG A 10 2.86 -7.00 -8.66
CA ARG A 10 4.31 -7.14 -8.73
C ARG A 10 4.90 -6.00 -9.55
N LYS A 11 4.12 -5.50 -10.51
CA LYS A 11 4.56 -4.39 -11.34
C LYS A 11 4.97 -3.23 -10.44
N ALA A 12 4.07 -2.89 -9.52
CA ALA A 12 4.34 -1.82 -8.56
C ALA A 12 5.50 -2.21 -7.68
N ILE A 13 5.57 -3.50 -7.33
CA ILE A 13 6.64 -4.01 -6.50
C ILE A 13 8.00 -3.69 -7.10
N GLU A 14 8.16 -3.94 -8.39
CA GLU A 14 9.40 -3.68 -9.10
C GLU A 14 9.67 -2.18 -9.16
N LEU A 15 8.62 -1.41 -9.42
CA LEU A 15 8.75 0.05 -9.50
C LEU A 15 9.30 0.63 -8.21
N SER A 16 8.81 0.13 -7.07
CA SER A 16 9.25 0.61 -5.77
C SER A 16 10.70 0.21 -5.52
N LEU A 17 11.03 -1.05 -5.81
CA LEU A 17 12.38 -1.55 -5.61
C LEU A 17 13.40 -0.75 -6.42
N LYS A 18 13.02 -0.41 -7.65
CA LYS A 18 13.90 0.34 -8.54
C LYS A 18 14.34 1.65 -7.89
N GLU A 19 13.39 2.40 -7.36
CA GLU A 19 13.69 3.68 -6.72
C GLU A 19 14.50 3.47 -5.44
N SER A 20 14.01 2.59 -4.57
CA SER A 20 14.70 2.30 -3.32
C SER A 20 15.79 1.25 -3.51
N ARG A 21 16.62 1.44 -4.53
CA ARG A 21 17.70 0.51 -4.81
C ARG A 21 18.69 0.45 -3.66
N ASN A 22 19.09 1.62 -3.16
CA ASN A 22 20.05 1.70 -2.05
C ASN A 22 20.24 3.15 -1.61
N SER A 23 19.13 3.83 -1.30
CA SER A 23 19.18 5.22 -0.87
C SER A 23 17.81 5.70 -0.42
N ALA A 24 16.79 5.46 -1.23
CA ALA A 24 15.43 5.87 -0.92
C ALA A 24 14.91 5.15 0.32
N MET B 1 3.28 12.30 12.09
CA MET B 1 3.67 11.42 10.95
C MET B 1 2.50 11.22 10.00
N GLN B 2 2.78 11.31 8.70
CA GLN B 2 1.75 11.14 7.69
C GLN B 2 2.32 10.45 6.44
N ILE B 3 1.58 9.46 5.94
CA ILE B 3 1.99 8.73 4.75
C ILE B 3 1.01 8.94 3.61
N PHE B 4 1.48 8.78 2.38
CA PHE B 4 0.64 8.97 1.20
C PHE B 4 0.37 7.65 0.49
N VAL B 5 -0.86 7.48 0.03
CA VAL B 5 -1.26 6.28 -0.69
C VAL B 5 -1.44 6.59 -2.18
N LYS B 6 -0.55 6.06 -3.00
CA LYS B 6 -0.61 6.29 -4.44
C LYS B 6 -1.47 5.24 -5.13
N THR B 7 -2.46 5.70 -5.90
CA THR B 7 -3.34 4.80 -6.63
C THR B 7 -2.69 4.35 -7.93
N LEU B 8 -2.87 3.08 -8.27
CA LEU B 8 -2.30 2.53 -9.49
C LEU B 8 -2.64 3.42 -10.69
N THR B 9 -3.85 3.98 -10.67
CA THR B 9 -4.29 4.85 -11.75
C THR B 9 -3.39 6.08 -11.88
N GLY B 10 -3.14 6.75 -10.75
CA GLY B 10 -2.29 7.93 -10.78
C GLY B 10 -2.77 9.04 -9.86
N LYS B 11 -2.95 8.73 -8.58
CA LYS B 11 -3.41 9.72 -7.63
C LYS B 11 -3.06 9.32 -6.19
N THR B 12 -2.23 10.13 -5.54
CA THR B 12 -1.82 9.89 -4.17
C THR B 12 -2.60 10.78 -3.20
N ILE B 13 -2.98 10.22 -2.06
CA ILE B 13 -3.74 10.98 -1.06
C ILE B 13 -3.04 11.02 0.29
N THR B 14 -3.12 12.17 0.95
CA THR B 14 -2.53 12.36 2.27
C THR B 14 -3.27 11.53 3.31
N LEU B 15 -2.53 10.88 4.20
CA LEU B 15 -3.16 10.07 5.25
C LEU B 15 -2.31 10.09 6.52
N GLU B 16 -2.89 10.62 7.59
CA GLU B 16 -2.21 10.69 8.88
C GLU B 16 -2.03 9.31 9.46
N VAL B 17 -0.80 8.96 9.84
CA VAL B 17 -0.51 7.66 10.39
C VAL B 17 0.59 7.74 11.45
N GLU B 18 0.29 7.22 12.63
CA GLU B 18 1.25 7.20 13.74
C GLU B 18 2.29 6.12 13.50
N SER B 19 3.50 6.32 14.01
CA SER B 19 4.57 5.35 13.84
C SER B 19 4.16 3.98 14.36
N SER B 20 3.65 3.94 15.59
CA SER B 20 3.23 2.69 16.20
C SER B 20 1.74 2.42 15.95
N ASP B 21 1.27 2.74 14.74
CA ASP B 21 -0.13 2.54 14.38
C ASP B 21 -0.39 1.06 14.05
N THR B 22 -1.33 0.83 13.14
CA THR B 22 -1.69 -0.51 12.71
C THR B 22 -2.28 -0.48 11.30
N ILE B 23 -1.88 -1.45 10.48
CA ILE B 23 -2.38 -1.51 9.10
C ILE B 23 -3.90 -1.47 9.08
N ASP B 24 -4.52 -2.15 10.04
CA ASP B 24 -5.98 -2.19 10.13
C ASP B 24 -6.55 -0.78 10.19
N ASN B 25 -5.98 0.06 11.06
CA ASN B 25 -6.42 1.43 11.20
C ASN B 25 -6.24 2.20 9.90
N VAL B 26 -5.10 1.96 9.25
CA VAL B 26 -4.79 2.62 7.98
C VAL B 26 -5.88 2.35 6.95
N LYS B 27 -6.28 1.07 6.85
CA LYS B 27 -7.31 0.68 5.90
C LYS B 27 -8.64 1.36 6.21
N SER B 28 -8.98 1.42 7.50
CA SER B 28 -10.23 2.05 7.92
C SER B 28 -10.30 3.50 7.46
N LYS B 29 -9.23 4.25 7.72
CA LYS B 29 -9.16 5.66 7.34
C LYS B 29 -9.25 5.81 5.83
N ILE B 30 -8.50 5.00 5.11
CA ILE B 30 -8.50 5.04 3.64
C ILE B 30 -9.92 4.80 3.11
N GLN B 31 -10.60 3.83 3.72
CA GLN B 31 -11.96 3.49 3.32
C GLN B 31 -12.88 4.69 3.52
N ASP B 32 -12.68 5.41 4.62
CA ASP B 32 -13.50 6.58 4.92
C ASP B 32 -13.30 7.67 3.87
N LYS B 33 -12.05 7.85 3.43
CA LYS B 33 -11.73 8.88 2.44
C LYS B 33 -12.27 8.54 1.06
N GLU B 34 -11.71 7.51 0.44
CA GLU B 34 -12.11 7.10 -0.91
C GLU B 34 -13.45 6.35 -0.92
N GLY B 35 -13.65 5.49 0.07
CA GLY B 35 -14.87 4.71 0.13
C GLY B 35 -14.71 3.38 -0.57
N ILE B 36 -13.59 2.72 -0.32
CA ILE B 36 -13.27 1.43 -0.92
C ILE B 36 -12.96 0.38 0.15
N PRO B 37 -13.47 -0.85 0.00
CA PRO B 37 -13.23 -1.93 0.97
C PRO B 37 -11.74 -2.13 1.23
N PRO B 38 -11.34 -2.31 2.51
CA PRO B 38 -9.93 -2.50 2.89
C PRO B 38 -9.33 -3.76 2.28
N ASP B 39 -10.04 -4.87 2.37
CA ASP B 39 -9.57 -6.14 1.83
C ASP B 39 -9.24 -6.03 0.35
N GLN B 40 -10.12 -5.36 -0.40
CA GLN B 40 -9.93 -5.19 -1.83
C GLN B 40 -8.64 -4.43 -2.14
N GLN B 41 -8.44 -3.31 -1.45
CA GLN B 41 -7.25 -2.49 -1.65
C GLN B 41 -6.00 -3.22 -1.18
N ARG B 42 -4.95 -3.20 -2.01
CA ARG B 42 -3.70 -3.86 -1.65
C ARG B 42 -2.56 -2.84 -1.58
N LEU B 43 -1.95 -2.74 -0.41
CA LEU B 43 -0.84 -1.81 -0.19
C LEU B 43 0.49 -2.46 -0.51
N ILE B 44 1.35 -1.73 -1.22
CA ILE B 44 2.68 -2.24 -1.58
C ILE B 44 3.75 -1.21 -1.24
N PHE B 45 4.86 -1.68 -0.70
CA PHE B 45 5.97 -0.80 -0.32
C PHE B 45 7.27 -1.57 -0.16
N ALA B 46 8.37 -0.97 -0.61
CA ALA B 46 9.68 -1.60 -0.52
C ALA B 46 9.66 -3.03 -1.04
N GLY B 47 8.91 -3.24 -2.12
CA GLY B 47 8.80 -4.56 -2.69
C GLY B 47 8.25 -5.59 -1.72
N LYS B 48 7.23 -5.18 -0.95
CA LYS B 48 6.62 -6.07 0.02
C LYS B 48 5.18 -5.66 0.33
N GLN B 49 4.29 -6.65 0.33
CA GLN B 49 2.88 -6.40 0.61
C GLN B 49 2.65 -6.11 2.09
N LEU B 50 1.93 -5.03 2.38
CA LEU B 50 1.63 -4.66 3.75
C LEU B 50 0.64 -5.63 4.37
N GLU B 51 0.97 -6.09 5.58
CA GLU B 51 0.11 -7.04 6.29
C GLU B 51 -1.20 -6.36 6.71
N ASP B 52 -1.72 -6.76 7.86
CA ASP B 52 -2.96 -6.19 8.36
C ASP B 52 -3.14 -6.50 9.84
N GLY B 53 -2.10 -6.23 10.63
CA GLY B 53 -2.16 -6.47 12.06
C GLY B 53 -0.82 -6.31 12.73
N ARG B 54 -0.09 -5.25 12.38
CA ARG B 54 1.23 -4.98 12.95
C ARG B 54 1.57 -3.50 12.88
N THR B 55 2.22 -3.01 13.93
CA THR B 55 2.62 -1.61 14.00
C THR B 55 3.69 -1.30 12.96
N LEU B 56 3.51 -0.18 12.26
CA LEU B 56 4.46 0.24 11.23
C LEU B 56 5.84 0.52 11.83
N SER B 57 5.87 0.78 13.13
CA SER B 57 7.12 1.07 13.82
C SER B 57 8.17 0.00 13.54
N ASP B 58 7.74 -1.26 13.53
CA ASP B 58 8.64 -2.38 13.27
C ASP B 58 9.10 -2.35 11.81
N TYR B 59 8.18 -2.01 10.92
CA TYR B 59 8.47 -1.94 9.48
C TYR B 59 9.55 -0.90 9.20
N ASN B 60 9.61 0.12 10.05
CA ASN B 60 10.59 1.20 9.88
C ASN B 60 10.27 2.03 8.64
N ILE B 61 8.98 2.27 8.41
CA ILE B 61 8.54 3.05 7.26
C ILE B 61 8.91 4.52 7.42
N GLN B 62 9.51 5.08 6.36
CA GLN B 62 9.90 6.49 6.37
C GLN B 62 8.68 7.39 6.26
N LYS B 63 8.73 8.53 6.95
CA LYS B 63 7.61 9.48 6.93
C LYS B 63 7.30 9.93 5.51
N GLU B 64 6.02 10.15 5.22
CA GLU B 64 5.57 10.57 3.90
C GLU B 64 5.91 9.50 2.86
N SER B 65 5.74 8.25 3.23
CA SER B 65 6.03 7.13 2.34
C SER B 65 4.88 6.89 1.37
N THR B 66 5.22 6.66 0.10
CA THR B 66 4.23 6.40 -0.93
C THR B 66 3.99 4.89 -1.08
N LEU B 67 2.73 4.49 -0.93
CA LEU B 67 2.37 3.08 -1.05
C LEU B 67 1.52 2.83 -2.29
N HIS B 68 1.92 1.83 -3.07
CA HIS B 68 1.19 1.48 -4.29
C HIS B 68 -0.08 0.70 -3.95
N LEU B 69 -1.20 1.14 -4.51
CA LEU B 69 -2.49 0.49 -4.26
C LEU B 69 -2.90 -0.35 -5.47
N VAL B 70 -3.38 -1.56 -5.20
CA VAL B 70 -3.83 -2.46 -6.24
C VAL B 70 -5.20 -3.05 -5.91
N LEU B 71 -6.13 -2.96 -6.85
CA LEU B 71 -7.48 -3.47 -6.64
C LEU B 71 -7.50 -5.00 -6.70
N ARG B 72 -8.10 -5.61 -5.69
CA ARG B 72 -8.20 -7.07 -5.63
C ARG B 72 -9.10 -7.60 -6.74
N LEU B 73 -8.73 -8.73 -7.32
CA LEU B 73 -9.51 -9.34 -8.39
C LEU B 73 -10.94 -9.58 -7.95
N ARG B 74 -11.89 -9.27 -8.83
CA ARG B 74 -13.31 -9.45 -8.54
C ARG B 74 -13.73 -8.61 -7.34
N GLY B 75 -14.36 -9.24 -6.34
CA GLY B 75 -14.79 -8.52 -5.16
C GLY B 75 -15.84 -7.48 -5.47
N GLY B 76 -15.67 -6.29 -4.92
CA GLY B 76 -16.62 -5.22 -5.14
C GLY B 76 -16.22 -3.93 -4.46
N TYR A 1 7.30 15.31 15.94
CA TYR A 1 6.26 16.08 15.19
C TYR A 1 5.03 15.22 14.89
N PRO A 2 3.83 15.84 14.92
CA PRO A 2 2.57 15.15 14.66
C PRO A 2 2.35 14.82 13.18
N GLU A 3 3.35 14.19 12.56
CA GLU A 3 3.26 13.81 11.16
C GLU A 3 4.01 12.51 10.90
N ASP A 4 3.79 11.53 11.77
CA ASP A 4 4.43 10.24 11.65
C ASP A 4 3.99 9.52 10.37
N GLU A 5 2.85 9.94 9.83
CA GLU A 5 2.32 9.33 8.62
C GLU A 5 3.29 9.47 7.45
N GLU A 6 3.78 10.68 7.23
CA GLU A 6 4.72 10.93 6.14
C GLU A 6 6.04 10.19 6.35
N GLU A 7 6.56 10.27 7.57
CA GLU A 7 7.82 9.62 7.90
C GLU A 7 7.71 8.11 7.72
N LEU A 8 6.60 7.54 8.16
CA LEU A 8 6.38 6.10 8.04
C LEU A 8 6.28 5.69 6.58
N ILE A 9 5.51 6.45 5.81
CA ILE A 9 5.33 6.16 4.39
C ILE A 9 6.67 6.15 3.64
N ARG A 10 7.42 7.24 3.77
CA ARG A 10 8.72 7.34 3.10
C ARG A 10 9.68 6.28 3.60
N LYS A 11 9.66 6.01 4.91
CA LYS A 11 10.53 4.99 5.47
C LYS A 11 10.28 3.68 4.74
N ALA A 12 9.00 3.35 4.59
CA ALA A 12 8.60 2.16 3.88
C ALA A 12 9.00 2.27 2.42
N ILE A 13 9.01 3.49 1.90
CA ILE A 13 9.39 3.74 0.52
C ILE A 13 10.83 3.28 0.27
N GLU A 14 11.74 3.67 1.15
CA GLU A 14 13.13 3.27 1.03
C GLU A 14 13.27 1.76 1.19
N LEU A 15 12.55 1.20 2.15
CA LEU A 15 12.58 -0.24 2.40
C LEU A 15 12.23 -1.02 1.14
N SER A 16 11.15 -0.61 0.48
CA SER A 16 10.70 -1.27 -0.74
C SER A 16 11.73 -1.12 -1.87
N LEU A 17 12.30 0.08 -1.99
CA LEU A 17 13.30 0.34 -3.02
C LEU A 17 14.48 -0.61 -2.88
N LYS A 18 14.86 -0.90 -1.63
CA LYS A 18 15.98 -1.79 -1.37
C LYS A 18 15.72 -3.18 -1.95
N GLU A 19 14.51 -3.69 -1.76
CA GLU A 19 14.15 -5.01 -2.26
C GLU A 19 14.23 -5.06 -3.78
N SER A 20 13.65 -4.05 -4.43
CA SER A 20 13.66 -3.98 -5.90
C SER A 20 15.09 -3.93 -6.42
N ARG A 21 15.94 -3.19 -5.71
CA ARG A 21 17.35 -3.04 -6.07
C ARG A 21 17.51 -2.29 -7.39
N ASN A 22 17.30 -3.00 -8.51
CA ASN A 22 17.43 -2.40 -9.83
C ASN A 22 18.80 -1.74 -9.99
N SER A 23 19.85 -2.46 -9.59
CA SER A 23 21.21 -1.95 -9.67
C SER A 23 21.36 -0.68 -8.85
N ALA A 24 20.83 -0.70 -7.63
CA ALA A 24 20.91 0.45 -6.72
C ALA A 24 22.35 0.80 -6.40
N MET B 1 -6.25 -10.47 -10.56
CA MET B 1 -5.52 -11.44 -9.72
C MET B 1 -5.60 -11.07 -8.24
N GLN B 2 -4.49 -11.24 -7.52
CA GLN B 2 -4.46 -10.91 -6.09
C GLN B 2 -3.04 -10.54 -5.66
N ILE B 3 -2.95 -9.53 -4.80
CA ILE B 3 -1.65 -9.06 -4.31
C ILE B 3 -1.59 -9.12 -2.79
N PHE B 4 -0.39 -9.37 -2.26
CA PHE B 4 -0.19 -9.44 -0.82
C PHE B 4 0.02 -8.06 -0.22
N VAL B 5 -0.61 -7.81 0.92
CA VAL B 5 -0.49 -6.53 1.60
C VAL B 5 0.26 -6.71 2.91
N LYS B 6 1.48 -6.19 2.97
CA LYS B 6 2.30 -6.30 4.17
C LYS B 6 2.01 -5.13 5.11
N THR B 7 1.65 -5.45 6.35
CA THR B 7 1.37 -4.43 7.34
C THR B 7 2.67 -3.89 7.91
N LEU B 8 2.68 -2.59 8.22
CA LEU B 8 3.88 -1.95 8.76
C LEU B 8 4.46 -2.79 9.90
N THR B 9 3.57 -3.41 10.68
CA THR B 9 4.00 -4.25 11.80
C THR B 9 4.76 -5.47 11.30
N GLY B 10 4.26 -6.11 10.25
CA GLY B 10 4.93 -7.27 9.70
C GLY B 10 3.98 -8.44 9.45
N LYS B 11 2.96 -8.22 8.61
CA LYS B 11 2.00 -9.26 8.30
C LYS B 11 1.41 -9.07 6.91
N THR B 12 1.74 -9.99 6.01
CA THR B 12 1.24 -9.94 4.64
C THR B 12 -0.08 -10.68 4.50
N ILE B 13 -1.00 -10.14 3.72
CA ILE B 13 -2.30 -10.76 3.52
C ILE B 13 -2.78 -10.65 2.08
N THR B 14 -3.21 -11.77 1.51
CA THR B 14 -3.69 -11.80 0.14
C THR B 14 -4.96 -10.98 -0.01
N LEU B 15 -5.05 -10.23 -1.11
CA LEU B 15 -6.21 -9.40 -1.37
C LEU B 15 -6.50 -9.37 -2.87
N GLU B 16 -7.67 -9.90 -3.26
CA GLU B 16 -8.06 -9.95 -4.65
C GLU B 16 -8.37 -8.55 -5.18
N VAL B 17 -7.78 -8.21 -6.32
CA VAL B 17 -8.00 -6.91 -6.95
C VAL B 17 -7.83 -6.99 -8.46
N GLU B 18 -8.84 -6.51 -9.19
CA GLU B 18 -8.82 -6.52 -10.64
C GLU B 18 -7.91 -5.42 -11.17
N SER B 19 -7.17 -5.72 -12.23
CA SER B 19 -6.27 -4.74 -12.83
C SER B 19 -6.99 -3.44 -13.14
N SER B 20 -8.19 -3.56 -13.70
CA SER B 20 -9.01 -2.40 -14.05
C SER B 20 -9.53 -1.71 -12.78
N ASP B 21 -9.77 -2.49 -11.74
CA ASP B 21 -10.28 -1.97 -10.48
C ASP B 21 -9.42 -0.81 -9.96
N THR B 22 -10.10 0.27 -9.58
CA THR B 22 -9.41 1.46 -9.06
C THR B 22 -8.85 1.22 -7.67
N ILE B 23 -7.78 1.95 -7.34
CA ILE B 23 -7.13 1.82 -6.03
C ILE B 23 -8.15 2.04 -4.91
N ASP B 24 -9.02 3.02 -5.09
CA ASP B 24 -10.05 3.33 -4.10
C ASP B 24 -10.84 2.07 -3.73
N ASN B 25 -11.30 1.34 -4.74
CA ASN B 25 -12.05 0.12 -4.51
C ASN B 25 -11.21 -0.88 -3.72
N VAL B 26 -9.92 -0.96 -4.07
CA VAL B 26 -9.01 -1.86 -3.37
C VAL B 26 -9.04 -1.58 -1.88
N LYS B 27 -9.02 -0.29 -1.53
CA LYS B 27 -9.06 0.13 -0.14
C LYS B 27 -10.37 -0.34 0.50
N SER B 28 -11.46 -0.23 -0.23
CA SER B 28 -12.76 -0.65 0.27
C SER B 28 -12.72 -2.11 0.69
N LYS B 29 -12.15 -2.95 -0.16
CA LYS B 29 -12.03 -4.38 0.13
C LYS B 29 -11.20 -4.60 1.39
N ILE B 30 -10.07 -3.90 1.47
CA ILE B 30 -9.20 -4.01 2.64
C ILE B 30 -9.95 -3.62 3.90
N GLN B 31 -10.82 -2.62 3.77
CA GLN B 31 -11.61 -2.14 4.89
C GLN B 31 -12.57 -3.23 5.38
N ASP B 32 -13.17 -3.93 4.43
CA ASP B 32 -14.12 -4.99 4.76
C ASP B 32 -13.44 -6.14 5.50
N LYS B 33 -12.28 -6.57 5.00
CA LYS B 33 -11.54 -7.67 5.61
C LYS B 33 -10.82 -7.24 6.88
N GLU B 34 -9.90 -6.29 6.74
CA GLU B 34 -9.11 -5.80 7.88
C GLU B 34 -9.95 -5.02 8.88
N GLY B 35 -10.86 -4.19 8.37
CA GLY B 35 -11.70 -3.39 9.25
C GLY B 35 -11.02 -2.09 9.64
N ILE B 36 -10.49 -1.39 8.64
CA ILE B 36 -9.80 -0.12 8.86
C ILE B 36 -10.17 0.90 7.79
N PRO B 37 -10.44 2.15 8.18
CA PRO B 37 -10.80 3.21 7.24
C PRO B 37 -9.84 3.29 6.05
N PRO B 38 -10.38 3.27 4.82
CA PRO B 38 -9.56 3.34 3.60
C PRO B 38 -8.64 4.54 3.58
N ASP B 39 -9.19 5.70 3.94
CA ASP B 39 -8.42 6.94 3.97
C ASP B 39 -7.20 6.78 4.88
N GLN B 40 -7.42 6.21 6.06
CA GLN B 40 -6.35 5.99 7.02
C GLN B 40 -5.31 5.04 6.45
N GLN B 41 -5.78 4.05 5.70
CA GLN B 41 -4.91 3.04 5.09
C GLN B 41 -4.12 3.62 3.92
N ARG B 42 -2.81 3.39 3.92
CA ARG B 42 -1.93 3.87 2.85
C ARG B 42 -1.07 2.73 2.32
N LEU B 43 -1.22 2.44 1.03
CA LEU B 43 -0.45 1.38 0.39
C LEU B 43 0.71 1.96 -0.41
N ILE B 44 1.86 1.27 -0.37
CA ILE B 44 3.05 1.71 -1.08
C ILE B 44 3.69 0.56 -1.86
N PHE B 45 4.22 0.87 -3.04
CA PHE B 45 4.87 -0.14 -3.87
C PHE B 45 5.93 0.50 -4.76
N ALA B 46 7.08 -0.16 -4.87
CA ALA B 46 8.18 0.35 -5.67
C ALA B 46 8.47 1.81 -5.35
N GLY B 47 8.35 2.14 -4.06
CA GLY B 47 8.60 3.50 -3.63
C GLY B 47 7.42 4.44 -3.91
N LYS B 48 6.69 4.16 -4.99
CA LYS B 48 5.55 4.99 -5.36
C LYS B 48 4.28 4.59 -4.61
N GLN B 49 3.64 5.56 -3.97
CA GLN B 49 2.41 5.32 -3.22
C GLN B 49 1.22 5.17 -4.17
N LEU B 50 0.34 4.23 -3.88
CA LEU B 50 -0.84 4.00 -4.71
C LEU B 50 -1.83 5.15 -4.60
N GLU B 51 -2.20 5.72 -5.75
CA GLU B 51 -3.15 6.82 -5.79
C GLU B 51 -4.57 6.30 -5.95
N ASP B 52 -5.47 6.73 -5.07
CA ASP B 52 -6.87 6.30 -5.12
C ASP B 52 -7.49 6.61 -6.48
N GLY B 53 -8.32 5.69 -6.97
CA GLY B 53 -8.98 5.88 -8.25
C GLY B 53 -8.15 5.40 -9.42
N ARG B 54 -6.83 5.41 -9.26
CA ARG B 54 -5.92 4.98 -10.33
C ARG B 54 -6.06 3.49 -10.60
N THR B 55 -5.97 3.14 -11.88
CA THR B 55 -6.08 1.74 -12.31
C THR B 55 -4.81 0.96 -12.02
N LEU B 56 -4.97 -0.30 -11.60
CA LEU B 56 -3.84 -1.16 -11.29
C LEU B 56 -3.02 -1.48 -12.53
N SER B 57 -3.71 -1.65 -13.67
CA SER B 57 -3.06 -1.97 -14.93
C SER B 57 -1.93 -0.99 -15.23
N ASP B 58 -2.19 0.30 -15.01
CA ASP B 58 -1.19 1.33 -15.26
C ASP B 58 0.08 1.07 -14.46
N TYR B 59 -0.09 0.64 -13.22
CA TYR B 59 1.03 0.36 -12.33
C TYR B 59 1.74 -0.93 -12.74
N ASN B 60 0.98 -1.87 -13.33
CA ASN B 60 1.54 -3.15 -13.77
C ASN B 60 2.08 -3.93 -12.58
N ILE B 61 1.28 -3.98 -11.51
CA ILE B 61 1.67 -4.69 -10.29
C ILE B 61 1.86 -6.18 -10.56
N GLN B 62 2.98 -6.72 -10.08
CA GLN B 62 3.29 -8.13 -10.26
C GLN B 62 2.33 -9.00 -9.45
N LYS B 63 1.99 -10.16 -9.99
CA LYS B 63 1.08 -11.08 -9.33
C LYS B 63 1.58 -11.43 -7.92
N GLU B 64 0.67 -11.35 -6.94
CA GLU B 64 1.01 -11.66 -5.55
C GLU B 64 2.13 -10.74 -5.05
N SER B 65 2.05 -9.46 -5.43
CA SER B 65 3.06 -8.49 -5.01
C SER B 65 2.77 -7.96 -3.61
N THR B 66 3.83 -7.72 -2.84
CA THR B 66 3.71 -7.22 -1.49
C THR B 66 3.68 -5.69 -1.47
N LEU B 67 2.73 -5.12 -0.71
CA LEU B 67 2.60 -3.67 -0.62
C LEU B 67 2.71 -3.22 0.84
N HIS B 68 3.51 -2.18 1.08
CA HIS B 68 3.70 -1.66 2.43
C HIS B 68 2.47 -0.88 2.92
N LEU B 69 2.02 -1.19 4.13
CA LEU B 69 0.86 -0.53 4.72
C LEU B 69 1.30 0.65 5.59
N VAL B 70 0.48 1.70 5.63
CA VAL B 70 0.76 2.88 6.43
C VAL B 70 -0.53 3.44 7.02
N LEU B 71 -0.62 3.44 8.34
CA LEU B 71 -1.82 3.93 9.02
C LEU B 71 -1.63 5.37 9.50
N ARG B 72 -2.49 6.25 9.00
CA ARG B 72 -2.44 7.66 9.39
C ARG B 72 -2.96 7.84 10.82
N LEU B 73 -2.27 8.66 11.60
CA LEU B 73 -2.66 8.91 12.98
C LEU B 73 -4.01 9.59 13.05
N ARG B 74 -4.93 9.02 13.82
CA ARG B 74 -6.27 9.58 13.98
C ARG B 74 -6.25 10.77 14.91
N GLY B 75 -5.52 10.65 16.02
CA GLY B 75 -5.44 11.74 16.97
C GLY B 75 -4.49 11.42 18.11
N GLY B 76 -4.56 10.20 18.62
CA GLY B 76 -3.70 9.80 19.72
C GLY B 76 -3.91 8.35 20.13
N TYR A 1 -5.49 -19.56 -16.18
CA TYR A 1 -6.57 -18.81 -15.50
C TYR A 1 -6.03 -18.03 -14.30
N PRO A 2 -5.07 -17.12 -14.54
CA PRO A 2 -4.48 -16.31 -13.47
C PRO A 2 -5.50 -15.39 -12.81
N GLU A 3 -5.53 -15.40 -11.48
CA GLU A 3 -6.46 -14.57 -10.73
C GLU A 3 -6.22 -13.09 -11.02
N ASP A 4 -7.30 -12.35 -11.24
CA ASP A 4 -7.20 -10.92 -11.52
C ASP A 4 -6.54 -10.19 -10.35
N GLU A 5 -6.91 -10.58 -9.14
CA GLU A 5 -6.36 -9.99 -7.93
C GLU A 5 -4.85 -10.17 -7.87
N GLU A 6 -4.41 -11.41 -8.11
CA GLU A 6 -2.99 -11.74 -8.07
C GLU A 6 -2.24 -10.97 -9.15
N GLU A 7 -2.84 -10.86 -10.33
CA GLU A 7 -2.21 -10.16 -11.45
C GLU A 7 -1.95 -8.69 -11.11
N LEU A 8 -2.94 -8.04 -10.51
CA LEU A 8 -2.81 -6.63 -10.15
C LEU A 8 -1.74 -6.46 -9.06
N ILE A 9 -1.82 -7.30 -8.03
CA ILE A 9 -0.87 -7.25 -6.94
C ILE A 9 0.56 -7.44 -7.43
N ARG A 10 0.79 -8.47 -8.25
CA ARG A 10 2.12 -8.73 -8.77
C ARG A 10 2.59 -7.59 -9.65
N LYS A 11 1.66 -6.98 -10.39
CA LYS A 11 2.00 -5.85 -11.24
C LYS A 11 2.65 -4.78 -10.37
N ALA A 12 2.00 -4.50 -9.25
CA ALA A 12 2.52 -3.54 -8.29
C ALA A 12 3.84 -4.04 -7.73
N ILE A 13 3.94 -5.36 -7.60
CA ILE A 13 5.16 -5.98 -7.09
C ILE A 13 6.33 -5.68 -8.02
N GLU A 14 6.09 -5.76 -9.33
CA GLU A 14 7.11 -5.49 -10.32
C GLU A 14 7.57 -4.05 -10.24
N LEU A 15 6.63 -3.11 -10.24
CA LEU A 15 6.94 -1.69 -10.17
C LEU A 15 7.74 -1.35 -8.91
N SER A 16 7.25 -1.86 -7.77
CA SER A 16 7.89 -1.61 -6.48
C SER A 16 9.33 -2.13 -6.45
N LEU A 17 9.53 -3.34 -6.96
CA LEU A 17 10.86 -3.95 -6.98
C LEU A 17 11.82 -3.16 -7.86
N LYS A 18 11.34 -2.68 -9.00
CA LYS A 18 12.16 -1.91 -9.92
C LYS A 18 12.76 -0.68 -9.24
N GLU A 19 11.94 0.01 -8.45
CA GLU A 19 12.40 1.20 -7.75
C GLU A 19 13.52 0.86 -6.77
N SER A 20 13.26 -0.15 -5.94
CA SER A 20 14.25 -0.59 -4.95
C SER A 20 15.22 -1.60 -5.56
N ARG A 21 15.61 -1.37 -6.81
CA ARG A 21 16.53 -2.26 -7.50
C ARG A 21 17.93 -2.17 -6.91
N ASN A 22 18.37 -0.94 -6.63
CA ASN A 22 19.69 -0.71 -6.06
C ASN A 22 19.84 0.74 -5.59
N SER A 23 20.39 0.92 -4.40
CA SER A 23 20.58 2.25 -3.83
C SER A 23 19.25 2.97 -3.67
N ALA A 24 18.25 2.25 -3.16
CA ALA A 24 16.92 2.82 -2.96
C ALA A 24 16.96 3.96 -1.95
N MET B 1 4.95 10.99 10.31
CA MET B 1 5.67 10.85 9.02
C MET B 1 4.71 10.84 7.84
N GLN B 2 5.03 11.61 6.81
CA GLN B 2 4.18 11.69 5.62
C GLN B 2 4.47 10.52 4.68
N ILE B 3 3.41 10.03 4.02
CA ILE B 3 3.55 8.93 3.08
C ILE B 3 2.55 9.08 1.94
N PHE B 4 2.97 8.74 0.73
CA PHE B 4 2.10 8.86 -0.43
C PHE B 4 1.62 7.51 -0.94
N VAL B 5 0.33 7.42 -1.22
CA VAL B 5 -0.27 6.20 -1.74
C VAL B 5 -0.60 6.36 -3.21
N LYS B 6 -0.03 5.51 -4.05
CA LYS B 6 -0.26 5.57 -5.48
C LYS B 6 -1.26 4.54 -5.95
N THR B 7 -2.19 4.96 -6.79
CA THR B 7 -3.22 4.08 -7.33
C THR B 7 -2.78 3.49 -8.66
N LEU B 8 -3.33 2.34 -9.02
CA LEU B 8 -2.99 1.68 -10.28
C LEU B 8 -3.14 2.63 -11.45
N THR B 9 -4.18 3.47 -11.40
CA THR B 9 -4.42 4.44 -12.46
C THR B 9 -3.26 5.42 -12.60
N GLY B 10 -2.80 5.95 -11.47
CA GLY B 10 -1.70 6.89 -11.49
C GLY B 10 -1.97 8.12 -10.67
N LYS B 11 -2.16 7.95 -9.36
CA LYS B 11 -2.44 9.09 -8.48
C LYS B 11 -1.89 8.84 -7.08
N THR B 12 -1.01 9.73 -6.64
CA THR B 12 -0.40 9.64 -5.32
C THR B 12 -1.05 10.64 -4.38
N ILE B 13 -1.33 10.22 -3.14
CA ILE B 13 -1.95 11.09 -2.17
C ILE B 13 -1.18 11.15 -0.85
N THR B 14 -1.08 12.36 -0.30
CA THR B 14 -0.38 12.58 0.97
C THR B 14 -1.17 11.96 2.12
N LEU B 15 -0.47 11.33 3.06
CA LEU B 15 -1.13 10.73 4.21
C LEU B 15 -0.19 10.69 5.41
N GLU B 16 -0.62 11.31 6.50
CA GLU B 16 0.17 11.35 7.72
C GLU B 16 -0.11 10.13 8.59
N VAL B 17 0.96 9.51 9.10
CA VAL B 17 0.84 8.33 9.94
C VAL B 17 1.96 8.29 10.99
N GLU B 18 1.57 8.08 12.24
CA GLU B 18 2.53 8.02 13.33
C GLU B 18 3.27 6.68 13.32
N SER B 19 4.57 6.73 13.52
CA SER B 19 5.40 5.52 13.53
C SER B 19 4.91 4.53 14.58
N SER B 20 4.51 5.06 15.74
CA SER B 20 4.01 4.22 16.83
C SER B 20 2.78 3.43 16.42
N ASP B 21 1.82 4.12 15.79
CA ASP B 21 0.59 3.48 15.34
C ASP B 21 0.88 2.39 14.32
N THR B 22 0.21 1.25 14.47
CA THR B 22 0.40 0.12 13.56
C THR B 22 -0.22 0.41 12.19
N ILE B 23 -0.63 -0.65 11.49
CA ILE B 23 -1.23 -0.52 10.17
C ILE B 23 -2.71 -0.16 10.27
N ASP B 24 -3.41 -0.74 11.24
CA ASP B 24 -4.84 -0.50 11.43
C ASP B 24 -5.13 1.00 11.49
N ASN B 25 -4.33 1.73 12.26
CA ASN B 25 -4.53 3.17 12.39
C ASN B 25 -4.37 3.86 11.04
N VAL B 26 -3.35 3.45 10.29
CA VAL B 26 -3.09 4.02 8.97
C VAL B 26 -4.30 3.83 8.06
N LYS B 27 -4.89 2.65 8.11
CA LYS B 27 -6.06 2.33 7.30
C LYS B 27 -7.25 3.20 7.70
N SER B 28 -7.37 3.45 9.01
CA SER B 28 -8.47 4.27 9.51
C SER B 28 -8.40 5.67 8.91
N LYS B 29 -7.21 6.27 8.95
CA LYS B 29 -7.02 7.61 8.40
C LYS B 29 -7.30 7.63 6.91
N ILE B 30 -6.76 6.65 6.19
CA ILE B 30 -6.96 6.55 4.75
C ILE B 30 -8.43 6.37 4.42
N GLN B 31 -9.13 5.58 5.22
CA GLN B 31 -10.55 5.32 5.01
C GLN B 31 -11.36 6.61 5.13
N ASP B 32 -11.04 7.41 6.14
CA ASP B 32 -11.75 8.67 6.37
C ASP B 32 -11.52 9.65 5.22
N LYS B 33 -10.28 9.77 4.78
CA LYS B 33 -9.93 10.69 3.70
C LYS B 33 -10.37 10.17 2.34
N GLU B 34 -9.77 9.07 1.90
CA GLU B 34 -10.08 8.48 0.60
C GLU B 34 -11.52 7.96 0.54
N GLY B 35 -12.00 7.41 1.65
CA GLY B 35 -13.35 6.87 1.68
C GLY B 35 -13.42 5.46 1.14
N ILE B 36 -12.53 4.60 1.62
CA ILE B 36 -12.47 3.22 1.19
C ILE B 36 -12.09 2.29 2.34
N PRO B 37 -12.81 1.17 2.51
CA PRO B 37 -12.55 0.20 3.57
C PRO B 37 -11.15 -0.40 3.48
N PRO B 38 -10.47 -0.61 4.62
CA PRO B 38 -9.12 -1.19 4.65
C PRO B 38 -9.04 -2.57 4.03
N ASP B 39 -10.08 -3.37 4.23
CA ASP B 39 -10.13 -4.72 3.69
C ASP B 39 -9.97 -4.73 2.17
N GLN B 40 -10.72 -3.86 1.50
CA GLN B 40 -10.67 -3.78 0.04
C GLN B 40 -9.31 -3.32 -0.46
N GLN B 41 -8.88 -2.14 -0.03
CA GLN B 41 -7.60 -1.60 -0.45
C GLN B 41 -6.43 -2.40 0.12
N ARG B 42 -5.47 -2.73 -0.74
CA ARG B 42 -4.31 -3.50 -0.33
C ARG B 42 -3.03 -2.69 -0.59
N LEU B 43 -2.22 -2.53 0.44
CA LEU B 43 -0.97 -1.77 0.33
C LEU B 43 0.21 -2.69 0.04
N ILE B 44 1.10 -2.25 -0.84
CA ILE B 44 2.28 -3.02 -1.20
C ILE B 44 3.51 -2.12 -1.25
N PHE B 45 4.63 -2.66 -0.77
CA PHE B 45 5.88 -1.91 -0.74
C PHE B 45 7.07 -2.85 -0.63
N ALA B 46 8.13 -2.57 -1.38
CA ALA B 46 9.33 -3.39 -1.36
C ALA B 46 8.98 -4.85 -1.63
N GLY B 47 8.04 -5.07 -2.54
CA GLY B 47 7.61 -6.41 -2.87
C GLY B 47 7.05 -7.16 -1.68
N LYS B 48 6.34 -6.45 -0.81
CA LYS B 48 5.74 -7.04 0.38
C LYS B 48 4.47 -6.30 0.78
N GLN B 49 3.38 -7.04 0.95
CA GLN B 49 2.11 -6.45 1.34
C GLN B 49 2.10 -6.09 2.83
N LEU B 50 1.66 -4.89 3.15
CA LEU B 50 1.60 -4.43 4.53
C LEU B 50 0.50 -5.17 5.30
N GLU B 51 0.86 -5.67 6.48
CA GLU B 51 -0.08 -6.40 7.32
C GLU B 51 -1.20 -5.47 7.81
N ASP B 52 -1.67 -5.74 9.02
CA ASP B 52 -2.74 -4.93 9.61
C ASP B 52 -2.71 -5.02 11.14
N GLY B 53 -1.51 -4.91 11.71
CA GLY B 53 -1.37 -4.99 13.16
C GLY B 53 0.09 -4.97 13.59
N ARG B 54 0.88 -4.07 13.01
CA ARG B 54 2.29 -3.96 13.34
C ARG B 54 2.77 -2.52 13.18
N THR B 55 3.58 -2.08 14.13
CA THR B 55 4.12 -0.72 14.12
C THR B 55 4.95 -0.46 12.87
N LEU B 56 4.77 0.71 12.28
CA LEU B 56 5.51 1.10 11.08
C LEU B 56 7.02 1.12 11.33
N SER B 57 7.39 1.37 12.59
CA SER B 57 8.80 1.43 12.97
C SER B 57 9.55 0.18 12.51
N ASP B 58 8.91 -0.98 12.65
CA ASP B 58 9.51 -2.23 12.25
C ASP B 58 9.81 -2.22 10.74
N TYR B 59 8.83 -1.80 9.97
CA TYR B 59 8.97 -1.72 8.52
C TYR B 59 9.98 -0.64 8.14
N ASN B 60 10.33 0.21 9.11
CA ASN B 60 11.28 1.30 8.91
C ASN B 60 10.99 2.05 7.61
N ILE B 61 9.71 2.31 7.36
CA ILE B 61 9.29 3.02 6.17
C ILE B 61 9.85 4.44 6.15
N GLN B 62 10.63 4.75 5.11
CA GLN B 62 11.23 6.08 4.98
C GLN B 62 10.18 7.12 4.62
N LYS B 63 10.35 8.33 5.15
CA LYS B 63 9.41 9.43 4.89
C LYS B 63 9.23 9.63 3.39
N GLU B 64 8.02 10.06 3.01
CA GLU B 64 7.69 10.31 1.60
C GLU B 64 7.81 9.02 0.79
N SER B 65 7.39 7.92 1.39
CA SER B 65 7.44 6.61 0.74
C SER B 65 6.20 6.36 -0.12
N THR B 66 6.41 5.82 -1.32
CA THR B 66 5.32 5.51 -2.22
C THR B 66 4.76 4.12 -1.93
N LEU B 67 3.44 4.00 -1.86
CA LEU B 67 2.81 2.73 -1.57
C LEU B 67 1.86 2.31 -2.70
N HIS B 68 2.11 1.14 -3.25
CA HIS B 68 1.29 0.61 -4.34
C HIS B 68 -0.08 0.14 -3.84
N LEU B 69 -1.12 0.65 -4.46
CA LEU B 69 -2.50 0.32 -4.09
C LEU B 69 -3.01 -0.90 -4.86
N VAL B 70 -3.84 -1.71 -4.21
CA VAL B 70 -4.43 -2.88 -4.85
C VAL B 70 -5.86 -3.09 -4.34
N LEU B 71 -6.82 -2.56 -5.09
CA LEU B 71 -8.22 -2.67 -4.72
C LEU B 71 -8.76 -4.08 -4.92
N ARG B 72 -9.44 -4.60 -3.90
CA ARG B 72 -10.01 -5.93 -3.96
C ARG B 72 -11.19 -5.98 -4.94
N LEU B 73 -11.26 -7.05 -5.72
CA LEU B 73 -12.34 -7.22 -6.69
C LEU B 73 -13.69 -7.29 -5.98
N ARG B 74 -14.67 -6.57 -6.50
CA ARG B 74 -16.01 -6.55 -5.92
C ARG B 74 -16.62 -7.94 -5.95
N GLY B 75 -17.16 -8.37 -4.81
CA GLY B 75 -17.78 -9.68 -4.73
C GLY B 75 -18.96 -9.83 -5.66
N GLY B 76 -19.82 -8.81 -5.69
CA GLY B 76 -20.98 -8.86 -6.54
C GLY B 76 -21.84 -7.59 -6.44
N TYR A 1 7.83 7.97 22.90
CA TYR A 1 7.14 8.83 21.90
C TYR A 1 6.77 8.02 20.66
N PRO A 2 5.52 8.18 20.17
CA PRO A 2 5.04 7.45 18.99
C PRO A 2 5.89 7.74 17.75
N GLU A 3 6.25 6.70 17.03
CA GLU A 3 7.06 6.83 15.82
C GLU A 3 6.29 7.59 14.74
N ASP A 4 7.00 8.46 14.02
CA ASP A 4 6.39 9.25 12.95
C ASP A 4 5.74 8.35 11.92
N GLU A 5 6.42 7.27 11.57
CA GLU A 5 5.91 6.32 10.59
C GLU A 5 4.56 5.75 11.01
N GLU A 6 4.45 5.42 12.29
CA GLU A 6 3.21 4.86 12.82
C GLU A 6 2.04 5.82 12.63
N GLU A 7 2.26 7.09 12.95
CA GLU A 7 1.22 8.10 12.81
C GLU A 7 0.82 8.27 11.34
N LEU A 8 1.82 8.29 10.47
CA LEU A 8 1.57 8.45 9.04
C LEU A 8 0.78 7.26 8.50
N ILE A 9 1.19 6.06 8.89
CA ILE A 9 0.53 4.83 8.48
C ILE A 9 -0.94 4.85 8.85
N ARG A 10 -1.26 5.18 10.10
CA ARG A 10 -2.64 5.22 10.55
C ARG A 10 -3.42 6.27 9.78
N LYS A 11 -2.77 7.40 9.45
CA LYS A 11 -3.44 8.43 8.68
C LYS A 11 -3.97 7.81 7.40
N ALA A 12 -3.11 7.04 6.74
CA ALA A 12 -3.48 6.35 5.52
C ALA A 12 -4.57 5.33 5.82
N ILE A 13 -4.52 4.75 7.01
CA ILE A 13 -5.50 3.76 7.45
C ILE A 13 -6.91 4.36 7.43
N GLU A 14 -7.06 5.52 8.05
CA GLU A 14 -8.34 6.20 8.11
C GLU A 14 -8.82 6.57 6.70
N LEU A 15 -7.91 7.10 5.89
CA LEU A 15 -8.23 7.49 4.53
C LEU A 15 -8.77 6.29 3.74
N SER A 16 -8.17 5.13 3.99
CA SER A 16 -8.59 3.90 3.32
C SER A 16 -9.99 3.50 3.74
N LEU A 17 -10.26 3.57 5.04
CA LEU A 17 -11.56 3.22 5.58
C LEU A 17 -12.68 4.04 4.92
N LYS A 18 -12.45 5.34 4.80
CA LYS A 18 -13.43 6.24 4.19
C LYS A 18 -13.70 5.86 2.74
N GLU A 19 -12.64 5.54 2.01
CA GLU A 19 -12.75 5.15 0.60
C GLU A 19 -13.63 3.91 0.45
N SER A 20 -13.40 2.93 1.32
CA SER A 20 -14.15 1.68 1.28
C SER A 20 -15.65 1.94 1.41
N ARG A 21 -16.01 2.88 2.28
CA ARG A 21 -17.42 3.25 2.52
C ARG A 21 -18.12 2.19 3.35
N ASN A 22 -17.88 0.92 3.04
CA ASN A 22 -18.49 -0.19 3.75
C ASN A 22 -17.94 -0.29 5.18
N SER A 23 -17.67 -1.52 5.63
CA SER A 23 -17.14 -1.73 6.97
C SER A 23 -16.71 -3.19 7.14
N ALA A 24 -15.95 -3.70 6.17
CA ALA A 24 -15.48 -5.08 6.22
C ALA A 24 -14.44 -5.33 5.13
N MET B 1 -4.53 -7.98 -12.69
CA MET B 1 -5.33 -6.73 -12.68
C MET B 1 -4.45 -5.50 -12.44
N GLN B 2 -4.70 -4.45 -13.20
CA GLN B 2 -3.93 -3.21 -13.07
C GLN B 2 -4.37 -2.44 -11.83
N ILE B 3 -3.41 -1.88 -11.11
CA ILE B 3 -3.71 -1.11 -9.91
C ILE B 3 -2.76 0.09 -9.77
N PHE B 4 -3.26 1.17 -9.16
CA PHE B 4 -2.46 2.37 -8.98
C PHE B 4 -1.99 2.53 -7.54
N VAL B 5 -0.70 2.80 -7.39
CA VAL B 5 -0.12 2.99 -6.05
C VAL B 5 0.07 4.49 -5.78
N LYS B 6 -0.62 4.99 -4.77
CA LYS B 6 -0.51 6.40 -4.40
C LYS B 6 0.53 6.59 -3.31
N THR B 7 1.52 7.44 -3.59
CA THR B 7 2.56 7.72 -2.61
C THR B 7 2.09 8.71 -1.57
N LEU B 8 2.55 8.53 -0.34
CA LEU B 8 2.17 9.41 0.76
C LEU B 8 2.33 10.87 0.34
N THR B 9 3.38 11.13 -0.42
CA THR B 9 3.66 12.49 -0.90
C THR B 9 2.52 12.99 -1.77
N GLY B 10 2.07 12.17 -2.71
CA GLY B 10 0.98 12.55 -3.59
C GLY B 10 1.26 12.23 -5.06
N LYS B 11 1.40 10.93 -5.36
CA LYS B 11 1.67 10.52 -6.73
C LYS B 11 1.21 9.08 -6.99
N THR B 12 0.27 8.92 -7.90
CA THR B 12 -0.25 7.60 -8.25
C THR B 12 0.51 7.03 -9.44
N ILE B 13 0.83 5.74 -9.40
CA ILE B 13 1.55 5.10 -10.49
C ILE B 13 0.90 3.78 -10.90
N THR B 14 0.87 3.54 -12.21
CA THR B 14 0.29 2.31 -12.76
C THR B 14 1.16 1.10 -12.42
N LEU B 15 0.52 -0.01 -12.08
CA LEU B 15 1.24 -1.23 -11.75
C LEU B 15 0.33 -2.45 -11.91
N GLU B 16 0.60 -3.26 -12.93
CA GLU B 16 -0.19 -4.45 -13.20
C GLU B 16 0.31 -5.64 -12.40
N VAL B 17 -0.61 -6.35 -11.76
CA VAL B 17 -0.28 -7.53 -10.96
C VAL B 17 -1.46 -8.49 -10.90
N GLU B 18 -1.18 -9.76 -11.13
CA GLU B 18 -2.21 -10.79 -11.10
C GLU B 18 -2.82 -10.91 -9.70
N SER B 19 -4.11 -11.20 -9.64
CA SER B 19 -4.79 -11.34 -8.35
C SER B 19 -4.10 -12.38 -7.48
N SER B 20 -3.73 -13.50 -8.09
CA SER B 20 -3.04 -14.57 -7.37
C SER B 20 -1.55 -14.28 -7.24
N ASP B 21 -1.20 -13.04 -6.97
CA ASP B 21 0.20 -12.65 -6.81
C ASP B 21 0.53 -12.32 -5.37
N THR B 22 1.63 -12.89 -4.88
CA THR B 22 2.07 -12.67 -3.51
C THR B 22 2.52 -11.23 -3.30
N ILE B 23 2.24 -10.70 -2.12
CA ILE B 23 2.59 -9.32 -1.79
C ILE B 23 4.08 -9.05 -2.02
N ASP B 24 4.92 -10.02 -1.63
CA ASP B 24 6.36 -9.89 -1.79
C ASP B 24 6.73 -9.65 -3.25
N ASN B 25 6.21 -10.48 -4.14
CA ASN B 25 6.48 -10.35 -5.56
C ASN B 25 6.04 -8.98 -6.07
N VAL B 26 4.86 -8.55 -5.63
CA VAL B 26 4.32 -7.26 -6.02
C VAL B 26 5.28 -6.14 -5.62
N LYS B 27 5.81 -6.24 -4.41
CA LYS B 27 6.75 -5.25 -3.90
C LYS B 27 7.97 -5.16 -4.80
N SER B 28 8.46 -6.33 -5.23
CA SER B 28 9.63 -6.37 -6.11
C SER B 28 9.35 -5.60 -7.40
N LYS B 29 8.20 -5.86 -8.00
CA LYS B 29 7.82 -5.18 -9.23
C LYS B 29 7.72 -3.68 -9.00
N ILE B 30 7.13 -3.29 -7.87
CA ILE B 30 6.99 -1.88 -7.54
C ILE B 30 8.35 -1.23 -7.36
N GLN B 31 9.29 -1.98 -6.79
CA GLN B 31 10.64 -1.47 -6.58
C GLN B 31 11.31 -1.14 -7.91
N ASP B 32 11.23 -2.07 -8.86
CA ASP B 32 11.82 -1.87 -10.16
C ASP B 32 11.13 -0.75 -10.93
N LYS B 33 9.80 -0.70 -10.83
CA LYS B 33 9.01 0.31 -11.52
C LYS B 33 9.20 1.70 -10.92
N GLU B 34 8.71 1.88 -9.69
CA GLU B 34 8.81 3.16 -9.00
C GLU B 34 10.23 3.49 -8.57
N GLY B 35 10.95 2.49 -8.08
CA GLY B 35 12.31 2.71 -7.62
C GLY B 35 12.37 3.10 -6.16
N ILE B 36 11.71 2.30 -5.33
CA ILE B 36 11.66 2.55 -3.89
C ILE B 36 11.83 1.24 -3.10
N PRO B 37 12.63 1.26 -2.01
CA PRO B 37 12.86 0.06 -1.20
C PRO B 37 11.57 -0.57 -0.71
N PRO B 38 11.44 -1.90 -0.82
CA PRO B 38 10.23 -2.62 -0.37
C PRO B 38 9.94 -2.40 1.11
N ASP B 39 10.99 -2.45 1.92
CA ASP B 39 10.87 -2.28 3.37
C ASP B 39 10.51 -0.83 3.71
N GLN B 40 11.18 0.12 3.07
CA GLN B 40 10.94 1.54 3.33
C GLN B 40 9.49 1.92 3.03
N GLN B 41 9.05 1.67 1.80
CA GLN B 41 7.67 1.99 1.42
C GLN B 41 6.68 0.98 1.99
N ARG B 42 5.56 1.47 2.50
CA ARG B 42 4.55 0.59 3.09
C ARG B 42 3.21 0.74 2.36
N LEU B 43 2.73 -0.37 1.82
CA LEU B 43 1.45 -0.38 1.09
C LEU B 43 0.29 -0.61 2.06
N ILE B 44 -0.78 0.15 1.86
CA ILE B 44 -1.97 0.03 2.71
C ILE B 44 -3.24 0.10 1.88
N PHE B 45 -4.20 -0.75 2.25
CA PHE B 45 -5.48 -0.81 1.56
C PHE B 45 -6.58 -1.32 2.48
N ALA B 46 -7.77 -0.75 2.36
CA ALA B 46 -8.90 -1.15 3.18
C ALA B 46 -8.52 -1.12 4.67
N GLY B 47 -7.71 -0.14 5.03
CA GLY B 47 -7.27 -0.01 6.41
C GLY B 47 -6.51 -1.23 6.88
N LYS B 48 -5.67 -1.79 6.02
CA LYS B 48 -4.87 -2.96 6.37
C LYS B 48 -3.51 -2.94 5.68
N GLN B 49 -2.46 -3.13 6.47
CA GLN B 49 -1.11 -3.15 5.93
C GLN B 49 -0.85 -4.44 5.17
N LEU B 50 -0.36 -4.31 3.94
CA LEU B 50 -0.09 -5.49 3.11
C LEU B 50 1.05 -6.32 3.70
N GLU B 51 0.74 -7.56 4.05
CA GLU B 51 1.73 -8.47 4.63
C GLU B 51 2.48 -9.22 3.53
N ASP B 52 3.80 -9.29 3.66
CA ASP B 52 4.62 -9.98 2.68
C ASP B 52 4.25 -11.46 2.60
N GLY B 53 4.10 -11.97 1.38
CA GLY B 53 3.73 -13.36 1.19
C GLY B 53 2.26 -13.64 1.43
N ARG B 54 1.40 -12.75 0.95
CA ARG B 54 -0.04 -12.91 1.11
C ARG B 54 -0.77 -12.70 -0.22
N THR B 55 -1.70 -13.59 -0.52
CA THR B 55 -2.47 -13.51 -1.76
C THR B 55 -3.39 -12.29 -1.77
N LEU B 56 -3.47 -11.62 -2.92
CA LEU B 56 -4.32 -10.45 -3.07
C LEU B 56 -5.79 -10.80 -2.88
N SER B 57 -6.16 -12.00 -3.34
CA SER B 57 -7.54 -12.47 -3.24
C SER B 57 -8.05 -12.36 -1.81
N ASP B 58 -7.21 -12.73 -0.85
CA ASP B 58 -7.59 -12.68 0.56
C ASP B 58 -8.04 -11.27 0.94
N TYR B 59 -7.30 -10.28 0.44
CA TYR B 59 -7.62 -8.88 0.70
C TYR B 59 -8.83 -8.43 -0.12
N ASN B 60 -9.06 -9.11 -1.24
CA ASN B 60 -10.17 -8.79 -2.13
C ASN B 60 -9.97 -7.41 -2.75
N ILE B 61 -8.74 -7.14 -3.20
CA ILE B 61 -8.41 -5.87 -3.81
C ILE B 61 -9.14 -5.69 -5.15
N GLN B 62 -9.83 -4.56 -5.30
CA GLN B 62 -10.55 -4.26 -6.52
C GLN B 62 -9.61 -3.81 -7.62
N LYS B 63 -9.92 -4.16 -8.86
CA LYS B 63 -9.08 -3.77 -10.00
C LYS B 63 -9.10 -2.25 -10.18
N GLU B 64 -7.93 -1.68 -10.49
CA GLU B 64 -7.79 -0.25 -10.68
C GLU B 64 -8.03 0.51 -9.38
N SER B 65 -7.55 -0.04 -8.28
CA SER B 65 -7.70 0.57 -6.98
C SER B 65 -6.45 1.34 -6.56
N THR B 66 -6.64 2.38 -5.76
CA THR B 66 -5.55 3.21 -5.27
C THR B 66 -5.04 2.68 -3.93
N LEU B 67 -3.72 2.50 -3.84
CA LEU B 67 -3.10 2.02 -2.61
C LEU B 67 -2.35 3.13 -1.89
N HIS B 68 -2.60 3.30 -0.60
CA HIS B 68 -1.94 4.34 0.17
C HIS B 68 -0.54 3.89 0.61
N LEU B 69 0.45 4.72 0.31
CA LEU B 69 1.83 4.41 0.66
C LEU B 69 2.27 5.18 1.91
N VAL B 70 3.20 4.60 2.68
CA VAL B 70 3.72 5.24 3.88
C VAL B 70 5.22 4.97 3.98
N LEU B 71 6.01 6.05 3.97
CA LEU B 71 7.46 5.93 4.05
C LEU B 71 7.92 5.69 5.48
N ARG B 72 8.77 4.67 5.65
CA ARG B 72 9.29 4.32 6.97
C ARG B 72 10.31 5.36 7.43
N LEU B 73 9.90 6.19 8.39
CA LEU B 73 10.77 7.24 8.94
C LEU B 73 11.19 8.23 7.85
N ARG B 74 10.98 9.52 8.12
CA ARG B 74 11.34 10.57 7.18
C ARG B 74 11.15 11.94 7.81
N GLY B 75 12.16 12.79 7.68
CA GLY B 75 12.08 14.14 8.24
C GLY B 75 11.87 14.13 9.74
N GLY B 76 10.95 14.98 10.20
CA GLY B 76 10.66 15.06 11.63
C GLY B 76 9.54 16.03 11.93
N TYR A 1 -2.83 -20.14 -8.14
CA TYR A 1 -4.04 -20.10 -9.01
C TYR A 1 -4.15 -18.74 -9.73
N PRO A 2 -4.66 -18.76 -10.98
CA PRO A 2 -4.82 -17.53 -11.78
C PRO A 2 -5.74 -16.52 -11.11
N GLU A 3 -5.38 -15.25 -11.20
CA GLU A 3 -6.19 -14.18 -10.61
C GLU A 3 -5.74 -12.82 -11.11
N ASP A 4 -6.72 -11.98 -11.47
CA ASP A 4 -6.45 -10.64 -11.98
C ASP A 4 -5.77 -9.78 -10.92
N GLU A 5 -6.13 -10.00 -9.66
CA GLU A 5 -5.56 -9.23 -8.56
C GLU A 5 -4.04 -9.36 -8.52
N GLU A 6 -3.54 -10.57 -8.74
CA GLU A 6 -2.11 -10.82 -8.73
C GLU A 6 -1.38 -9.95 -9.76
N GLU A 7 -2.03 -9.71 -10.89
CA GLU A 7 -1.45 -8.90 -11.95
C GLU A 7 -1.14 -7.49 -11.46
N LEU A 8 -2.12 -6.84 -10.85
CA LEU A 8 -1.94 -5.48 -10.34
C LEU A 8 -0.92 -5.47 -9.20
N ILE A 9 -1.04 -6.44 -8.30
CA ILE A 9 -0.13 -6.54 -7.16
C ILE A 9 1.32 -6.64 -7.62
N ARG A 10 1.60 -7.54 -8.55
CA ARG A 10 2.96 -7.70 -9.05
C ARG A 10 3.44 -6.44 -9.75
N LYS A 11 2.53 -5.77 -10.47
CA LYS A 11 2.89 -4.53 -11.15
C LYS A 11 3.46 -3.57 -10.11
N ALA A 12 2.79 -3.51 -8.97
CA ALA A 12 3.23 -2.68 -7.87
C ALA A 12 4.57 -3.18 -7.35
N ILE A 13 4.74 -4.51 -7.38
CA ILE A 13 5.97 -5.13 -6.93
C ILE A 13 7.16 -4.65 -7.76
N GLU A 14 6.99 -4.64 -9.07
CA GLU A 14 8.05 -4.20 -9.98
C GLU A 14 8.39 -2.73 -9.78
N LEU A 15 7.36 -1.89 -9.69
CA LEU A 15 7.56 -0.45 -9.50
C LEU A 15 8.31 -0.18 -8.20
N SER A 16 7.88 -0.84 -7.14
CA SER A 16 8.49 -0.68 -5.82
C SER A 16 9.97 -1.09 -5.84
N LEU A 17 10.26 -2.24 -6.43
CA LEU A 17 11.62 -2.74 -6.51
C LEU A 17 12.50 -1.78 -7.31
N LYS A 18 11.95 -1.27 -8.42
CA LYS A 18 12.70 -0.34 -9.27
C LYS A 18 13.17 0.87 -8.46
N GLU A 19 12.29 1.37 -7.61
CA GLU A 19 12.63 2.53 -6.76
C GLU A 19 13.80 2.20 -5.85
N SER A 20 13.81 0.97 -5.33
CA SER A 20 14.86 0.51 -4.43
C SER A 20 16.14 0.18 -5.21
N ARG A 21 16.62 1.14 -6.00
CA ARG A 21 17.82 0.95 -6.80
C ARG A 21 19.00 0.53 -5.93
N ASN A 22 19.21 1.25 -4.83
CA ASN A 22 20.30 0.95 -3.91
C ASN A 22 19.99 1.52 -2.52
N SER A 23 18.74 1.40 -2.11
CA SER A 23 18.31 1.88 -0.79
C SER A 23 18.88 1.01 0.32
N ALA A 24 18.78 -0.31 0.13
CA ALA A 24 19.29 -1.26 1.12
C ALA A 24 20.79 -1.09 1.32
N MET B 1 3.24 13.28 10.49
CA MET B 1 3.62 12.19 9.55
C MET B 1 2.49 11.91 8.57
N GLN B 2 2.83 11.81 7.29
CA GLN B 2 1.84 11.54 6.25
C GLN B 2 2.47 10.78 5.09
N ILE B 3 1.70 9.87 4.50
CA ILE B 3 2.15 9.05 3.38
C ILE B 3 1.15 9.07 2.23
N PHE B 4 1.65 9.03 1.00
CA PHE B 4 0.79 9.04 -0.18
C PHE B 4 0.46 7.63 -0.64
N VAL B 5 -0.82 7.37 -0.85
CA VAL B 5 -1.28 6.08 -1.33
C VAL B 5 -1.36 6.08 -2.85
N LYS B 6 -0.74 5.09 -3.48
CA LYS B 6 -0.74 4.98 -4.94
C LYS B 6 -1.70 3.90 -5.41
N THR B 7 -2.47 4.22 -6.45
CA THR B 7 -3.42 3.28 -7.02
C THR B 7 -3.00 2.87 -8.43
N LEU B 8 -3.18 1.60 -8.76
CA LEU B 8 -2.83 1.09 -10.09
C LEU B 8 -3.44 1.96 -11.19
N THR B 9 -4.61 2.52 -10.90
CA THR B 9 -5.29 3.38 -11.86
C THR B 9 -4.44 4.60 -12.20
N GLY B 10 -3.86 5.21 -11.18
CA GLY B 10 -3.03 6.38 -11.40
C GLY B 10 -3.40 7.54 -10.48
N LYS B 11 -3.44 7.28 -9.18
CA LYS B 11 -3.78 8.32 -8.22
C LYS B 11 -2.96 8.23 -6.94
N THR B 12 -2.47 9.37 -6.49
CA THR B 12 -1.68 9.46 -5.27
C THR B 12 -2.38 10.42 -4.30
N ILE B 13 -2.65 9.96 -3.08
CA ILE B 13 -3.33 10.81 -2.12
C ILE B 13 -2.65 10.82 -0.75
N THR B 14 -2.60 12.00 -0.14
CA THR B 14 -1.99 12.17 1.16
C THR B 14 -2.83 11.50 2.25
N LEU B 15 -2.16 10.84 3.19
CA LEU B 15 -2.87 10.17 4.28
C LEU B 15 -2.02 10.20 5.54
N GLU B 16 -2.50 10.93 6.55
CA GLU B 16 -1.78 11.07 7.81
C GLU B 16 -1.78 9.75 8.58
N VAL B 17 -0.61 9.40 9.11
CA VAL B 17 -0.46 8.16 9.88
C VAL B 17 0.58 8.32 10.98
N GLU B 18 0.23 7.87 12.19
CA GLU B 18 1.13 7.95 13.33
C GLU B 18 2.32 7.00 13.14
N SER B 19 3.46 7.38 13.69
CA SER B 19 4.67 6.56 13.57
C SER B 19 4.40 5.12 14.02
N SER B 20 3.79 4.98 15.19
CA SER B 20 3.47 3.65 15.73
C SER B 20 2.02 3.30 15.49
N ASP B 21 1.48 3.75 14.36
CA ASP B 21 0.08 3.48 14.01
C ASP B 21 -0.07 2.07 13.42
N THR B 22 -1.04 1.33 13.94
CA THR B 22 -1.30 -0.03 13.47
C THR B 22 -1.84 -0.02 12.04
N ILE B 23 -1.42 -1.01 11.25
CA ILE B 23 -1.86 -1.12 9.86
C ILE B 23 -3.38 -1.07 9.76
N ASP B 24 -4.05 -1.76 10.68
CA ASP B 24 -5.51 -1.79 10.70
C ASP B 24 -6.07 -0.38 10.82
N ASN B 25 -5.54 0.39 11.76
CA ASN B 25 -5.98 1.77 11.97
C ASN B 25 -5.78 2.57 10.69
N VAL B 26 -4.64 2.36 10.04
CA VAL B 26 -4.33 3.05 8.80
C VAL B 26 -5.40 2.79 7.75
N LYS B 27 -5.81 1.53 7.65
CA LYS B 27 -6.84 1.13 6.70
C LYS B 27 -8.14 1.88 6.98
N SER B 28 -8.48 2.00 8.26
CA SER B 28 -9.68 2.71 8.67
C SER B 28 -9.66 4.15 8.17
N LYS B 29 -8.54 4.82 8.38
CA LYS B 29 -8.38 6.20 7.94
C LYS B 29 -8.50 6.30 6.42
N ILE B 30 -7.84 5.38 5.73
CA ILE B 30 -7.89 5.34 4.27
C ILE B 30 -9.31 5.10 3.80
N GLN B 31 -10.05 4.29 4.54
CA GLN B 31 -11.43 3.98 4.21
C GLN B 31 -12.29 5.23 4.21
N ASP B 32 -12.24 5.98 5.29
CA ASP B 32 -13.02 7.20 5.41
C ASP B 32 -12.62 8.23 4.35
N LYS B 33 -11.31 8.33 4.09
CA LYS B 33 -10.79 9.27 3.12
C LYS B 33 -11.09 8.83 1.68
N GLU B 34 -10.40 7.79 1.22
CA GLU B 34 -10.56 7.30 -0.15
C GLU B 34 -11.86 6.52 -0.35
N GLY B 35 -12.26 5.73 0.64
CA GLY B 35 -13.47 4.94 0.52
C GLY B 35 -13.23 3.60 -0.13
N ILE B 36 -12.12 2.97 0.23
CA ILE B 36 -11.76 1.66 -0.31
C ILE B 36 -11.71 0.61 0.79
N PRO B 37 -12.29 -0.59 0.55
CA PRO B 37 -12.29 -1.66 1.55
C PRO B 37 -10.88 -1.99 2.04
N PRO B 38 -10.70 -2.12 3.37
CA PRO B 38 -9.39 -2.45 3.96
C PRO B 38 -8.85 -3.78 3.45
N ASP B 39 -9.70 -4.80 3.44
CA ASP B 39 -9.32 -6.12 2.98
C ASP B 39 -9.01 -6.13 1.48
N GLN B 40 -9.86 -5.47 0.71
CA GLN B 40 -9.69 -5.40 -0.74
C GLN B 40 -8.36 -4.77 -1.11
N GLN B 41 -8.07 -3.61 -0.54
CA GLN B 41 -6.82 -2.89 -0.82
C GLN B 41 -5.64 -3.61 -0.17
N ARG B 42 -4.55 -3.76 -0.93
CA ARG B 42 -3.35 -4.43 -0.41
C ARG B 42 -2.16 -3.47 -0.38
N LEU B 43 -1.53 -3.36 0.78
CA LEU B 43 -0.37 -2.48 0.94
C LEU B 43 0.90 -3.14 0.42
N ILE B 44 1.73 -2.36 -0.27
CA ILE B 44 2.98 -2.86 -0.83
C ILE B 44 4.06 -1.79 -0.79
N PHE B 45 5.27 -2.20 -0.44
CA PHE B 45 6.40 -1.28 -0.35
C PHE B 45 7.72 -2.03 -0.23
N ALA B 46 8.74 -1.54 -0.92
CA ALA B 46 10.06 -2.17 -0.91
C ALA B 46 9.96 -3.64 -1.30
N GLY B 47 9.13 -3.93 -2.29
CA GLY B 47 8.95 -5.29 -2.75
C GLY B 47 8.47 -6.22 -1.65
N LYS B 48 7.67 -5.68 -0.74
CA LYS B 48 7.13 -6.47 0.37
C LYS B 48 5.77 -5.93 0.81
N GLN B 49 4.77 -6.80 0.83
CA GLN B 49 3.42 -6.40 1.24
C GLN B 49 3.35 -6.16 2.74
N LEU B 50 2.64 -5.11 3.12
CA LEU B 50 2.49 -4.77 4.54
C LEU B 50 1.43 -5.64 5.20
N GLU B 51 1.68 -6.02 6.44
CA GLU B 51 0.76 -6.85 7.20
C GLU B 51 -0.56 -6.12 7.46
N ASP B 52 -1.20 -6.44 8.58
CA ASP B 52 -2.46 -5.82 8.95
C ASP B 52 -2.61 -5.78 10.47
N GLY B 53 -1.51 -5.48 11.15
CA GLY B 53 -1.52 -5.41 12.60
C GLY B 53 -0.13 -5.18 13.17
N ARG B 54 0.59 -4.22 12.57
CA ARG B 54 1.93 -3.90 13.02
C ARG B 54 2.21 -2.40 12.90
N THR B 55 2.85 -1.84 13.92
CA THR B 55 3.16 -0.42 13.95
C THR B 55 4.11 -0.05 12.81
N LEU B 56 3.83 1.08 12.16
CA LEU B 56 4.66 1.56 11.05
C LEU B 56 6.10 1.77 11.50
N SER B 57 6.28 2.08 12.79
CA SER B 57 7.60 2.32 13.34
C SER B 57 8.56 1.18 13.01
N ASP B 58 8.06 -0.06 13.08
CA ASP B 58 8.86 -1.23 12.79
C ASP B 58 9.41 -1.17 11.37
N TYR B 59 8.56 -0.78 10.43
CA TYR B 59 8.96 -0.68 9.03
C TYR B 59 9.89 0.51 8.80
N ASN B 60 9.72 1.54 9.63
CA ASN B 60 10.52 2.76 9.52
C ASN B 60 10.25 3.47 8.19
N ILE B 61 8.98 3.57 7.84
CA ILE B 61 8.58 4.23 6.60
C ILE B 61 8.94 5.71 6.61
N GLN B 62 9.63 6.15 5.56
CA GLN B 62 10.05 7.54 5.43
C GLN B 62 8.85 8.45 5.13
N LYS B 63 8.87 9.66 5.67
CA LYS B 63 7.80 10.62 5.45
C LYS B 63 7.63 10.92 3.96
N GLU B 64 6.39 11.20 3.55
CA GLU B 64 6.07 11.49 2.15
C GLU B 64 6.38 10.28 1.26
N SER B 65 6.16 9.09 1.80
CA SER B 65 6.41 7.87 1.05
C SER B 65 5.17 7.43 0.28
N THR B 66 5.37 7.06 -0.98
CA THR B 66 4.27 6.60 -1.82
C THR B 66 4.10 5.10 -1.72
N LEU B 67 3.14 4.66 -0.89
CA LEU B 67 2.90 3.24 -0.70
C LEU B 67 2.03 2.68 -1.82
N HIS B 68 2.47 1.56 -2.40
CA HIS B 68 1.72 0.92 -3.48
C HIS B 68 0.50 0.18 -2.92
N LEU B 69 -0.67 0.49 -3.49
CA LEU B 69 -1.91 -0.14 -3.07
C LEU B 69 -2.54 -0.90 -4.23
N VAL B 70 -3.02 -2.11 -3.96
CA VAL B 70 -3.65 -2.93 -4.98
C VAL B 70 -5.04 -3.35 -4.54
N LEU B 71 -6.06 -2.73 -5.12
CA LEU B 71 -7.43 -3.05 -4.77
C LEU B 71 -7.92 -4.28 -5.54
N ARG B 72 -8.33 -5.30 -4.80
CA ARG B 72 -8.82 -6.54 -5.39
C ARG B 72 -10.09 -6.29 -6.20
N LEU B 73 -10.19 -6.96 -7.35
CA LEU B 73 -11.35 -6.82 -8.22
C LEU B 73 -11.36 -7.90 -9.30
N ARG B 74 -12.52 -8.54 -9.50
CA ARG B 74 -12.65 -9.59 -10.49
C ARG B 74 -12.55 -9.02 -11.90
N GLY B 75 -13.23 -7.91 -12.13
CA GLY B 75 -13.20 -7.28 -13.45
C GLY B 75 -14.12 -7.97 -14.44
N GLY B 76 -14.13 -9.30 -14.41
CA GLY B 76 -14.99 -10.05 -15.31
C GLY B 76 -14.56 -9.90 -16.76
N TYR A 1 6.72 14.43 21.17
CA TYR A 1 5.71 13.38 20.91
C TYR A 1 5.73 12.90 19.45
N PRO A 2 6.92 12.56 18.91
CA PRO A 2 7.06 12.08 17.53
C PRO A 2 6.44 10.70 17.33
N GLU A 3 7.11 9.88 16.51
CA GLU A 3 6.63 8.53 16.22
C GLU A 3 5.20 8.56 15.68
N ASP A 4 4.93 9.53 14.81
CA ASP A 4 3.60 9.66 14.21
C ASP A 4 3.40 8.66 13.08
N GLU A 5 4.28 7.68 13.00
CA GLU A 5 4.20 6.66 11.96
C GLU A 5 2.88 5.91 12.05
N GLU A 6 2.50 5.55 13.26
CA GLU A 6 1.25 4.82 13.49
C GLU A 6 0.04 5.64 13.05
N GLU A 7 0.12 6.96 13.27
CA GLU A 7 -0.96 7.87 12.91
C GLU A 7 -1.24 7.81 11.40
N LEU A 8 -0.19 7.93 10.61
CA LEU A 8 -0.32 7.90 9.16
C LEU A 8 -0.80 6.52 8.68
N ILE A 9 -0.22 5.47 9.24
CA ILE A 9 -0.59 4.11 8.86
C ILE A 9 -2.07 3.85 9.07
N ARG A 10 -2.57 4.08 10.28
CA ARG A 10 -3.98 3.86 10.58
C ARG A 10 -4.85 4.78 9.74
N LYS A 11 -4.37 6.01 9.50
CA LYS A 11 -5.12 6.96 8.70
C LYS A 11 -5.42 6.32 7.36
N ALA A 12 -4.41 5.72 6.76
CA ALA A 12 -4.55 5.02 5.50
C ALA A 12 -5.50 3.85 5.68
N ILE A 13 -5.44 3.24 6.86
CA ILE A 13 -6.29 2.12 7.18
C ILE A 13 -7.77 2.54 7.17
N GLU A 14 -8.03 3.72 7.70
CA GLU A 14 -9.40 4.24 7.76
C GLU A 14 -9.94 4.48 6.35
N LEU A 15 -9.17 5.21 5.54
CA LEU A 15 -9.58 5.51 4.17
C LEU A 15 -9.76 4.22 3.38
N SER A 16 -8.83 3.29 3.55
CA SER A 16 -8.88 2.02 2.86
C SER A 16 -10.18 1.27 3.17
N LEU A 17 -10.54 1.24 4.46
CA LEU A 17 -11.77 0.57 4.88
C LEU A 17 -12.99 1.20 4.23
N LYS A 18 -13.02 2.52 4.18
CA LYS A 18 -14.14 3.25 3.59
C LYS A 18 -14.34 2.86 2.13
N GLU A 19 -13.24 2.78 1.38
CA GLU A 19 -13.30 2.42 -0.03
C GLU A 19 -13.90 1.03 -0.22
N SER A 20 -13.47 0.10 0.62
CA SER A 20 -13.96 -1.28 0.55
C SER A 20 -15.35 -1.41 1.18
N ARG A 21 -16.28 -0.55 0.75
CA ARG A 21 -17.63 -0.58 1.27
C ARG A 21 -18.28 -1.94 1.00
N ASN A 22 -18.18 -2.40 -0.25
CA ASN A 22 -18.75 -3.68 -0.63
C ASN A 22 -18.07 -4.82 0.12
N SER A 23 -16.74 -4.78 0.18
CA SER A 23 -15.97 -5.81 0.86
C SER A 23 -15.96 -5.57 2.37
N ALA A 24 -17.12 -5.20 2.92
CA ALA A 24 -17.24 -4.94 4.34
C ALA A 24 -16.87 -6.17 5.17
N MET B 1 -2.88 -6.50 -14.30
CA MET B 1 -3.48 -5.61 -13.28
C MET B 1 -2.79 -4.24 -13.27
N GLN B 2 -3.60 -3.18 -13.26
CA GLN B 2 -3.07 -1.82 -13.25
C GLN B 2 -3.55 -1.07 -12.00
N ILE B 3 -2.93 -1.38 -10.86
CA ILE B 3 -3.30 -0.75 -9.60
C ILE B 3 -2.50 0.54 -9.38
N PHE B 4 -3.14 1.53 -8.78
CA PHE B 4 -2.48 2.81 -8.51
C PHE B 4 -2.05 2.93 -7.04
N VAL B 5 -0.79 3.26 -6.83
CA VAL B 5 -0.25 3.43 -5.49
C VAL B 5 -0.51 4.86 -5.01
N LYS B 6 -1.02 4.99 -3.79
CA LYS B 6 -1.32 6.29 -3.23
C LYS B 6 -0.40 6.62 -2.04
N THR B 7 0.27 7.76 -2.12
CA THR B 7 1.17 8.20 -1.07
C THR B 7 0.44 9.02 0.00
N LEU B 8 0.96 9.00 1.22
CA LEU B 8 0.37 9.73 2.34
C LEU B 8 0.09 11.19 1.94
N THR B 9 1.04 11.79 1.22
CA THR B 9 0.90 13.18 0.80
C THR B 9 -0.31 13.36 -0.11
N GLY B 10 -0.43 12.51 -1.12
CA GLY B 10 -1.55 12.60 -2.04
C GLY B 10 -1.13 12.47 -3.49
N LYS B 11 -0.68 11.28 -3.89
CA LYS B 11 -0.25 11.06 -5.25
C LYS B 11 -0.47 9.61 -5.68
N THR B 12 -1.14 9.43 -6.81
CA THR B 12 -1.42 8.10 -7.35
C THR B 12 -0.50 7.78 -8.53
N ILE B 13 -0.02 6.55 -8.58
CA ILE B 13 0.87 6.13 -9.66
C ILE B 13 0.46 4.78 -10.25
N THR B 14 0.48 4.69 -11.58
CA THR B 14 0.13 3.46 -12.26
C THR B 14 1.10 2.36 -11.88
N LEU B 15 0.59 1.18 -11.57
CA LEU B 15 1.44 0.06 -11.19
C LEU B 15 0.89 -1.26 -11.69
N GLU B 16 1.62 -1.87 -12.62
CA GLU B 16 1.22 -3.15 -13.20
C GLU B 16 1.83 -4.29 -12.41
N VAL B 17 0.98 -5.25 -12.01
CA VAL B 17 1.46 -6.40 -11.24
C VAL B 17 0.59 -7.63 -11.49
N GLU B 18 1.26 -8.76 -11.77
CA GLU B 18 0.56 -10.01 -12.02
C GLU B 18 0.10 -10.65 -10.72
N SER B 19 -1.09 -11.25 -10.75
CA SER B 19 -1.65 -11.89 -9.56
C SER B 19 -0.67 -12.89 -8.96
N SER B 20 0.05 -13.60 -9.82
CA SER B 20 1.02 -14.59 -9.37
C SER B 20 2.07 -13.97 -8.46
N ASP B 21 2.58 -12.80 -8.86
CA ASP B 21 3.59 -12.11 -8.08
C ASP B 21 3.04 -11.69 -6.72
N THR B 22 3.78 -12.01 -5.66
CA THR B 22 3.35 -11.68 -4.31
C THR B 22 3.47 -10.18 -4.04
N ILE B 23 3.61 -9.81 -2.77
CA ILE B 23 3.73 -8.41 -2.39
C ILE B 23 5.16 -7.91 -2.63
N ASP B 24 6.14 -8.70 -2.24
CA ASP B 24 7.55 -8.34 -2.41
C ASP B 24 7.80 -7.83 -3.83
N ASN B 25 7.26 -8.54 -4.81
CA ASN B 25 7.41 -8.16 -6.21
C ASN B 25 6.88 -6.74 -6.43
N VAL B 26 5.67 -6.51 -5.92
CA VAL B 26 5.05 -5.19 -6.04
C VAL B 26 5.96 -4.12 -5.45
N LYS B 27 6.56 -4.45 -4.31
CA LYS B 27 7.48 -3.54 -3.64
C LYS B 27 8.65 -3.19 -4.55
N SER B 28 9.15 -4.18 -5.27
CA SER B 28 10.26 -3.97 -6.20
C SER B 28 9.89 -2.95 -7.26
N LYS B 29 8.71 -3.13 -7.86
CA LYS B 29 8.24 -2.21 -8.90
C LYS B 29 8.01 -0.81 -8.32
N ILE B 30 7.38 -0.76 -7.16
CA ILE B 30 7.10 0.52 -6.50
C ILE B 30 8.41 1.27 -6.25
N GLN B 31 9.42 0.54 -5.79
CA GLN B 31 10.72 1.12 -5.51
C GLN B 31 11.37 1.60 -6.80
N ASP B 32 11.13 0.87 -7.88
CA ASP B 32 11.69 1.20 -9.19
C ASP B 32 11.23 2.59 -9.65
N LYS B 33 9.92 2.83 -9.60
CA LYS B 33 9.37 4.12 -10.03
C LYS B 33 9.44 5.16 -8.91
N GLU B 34 8.81 4.87 -7.78
CA GLU B 34 8.78 5.79 -6.65
C GLU B 34 10.17 6.07 -6.11
N GLY B 35 11.02 5.05 -6.08
CA GLY B 35 12.36 5.22 -5.57
C GLY B 35 12.39 5.27 -4.05
N ILE B 36 11.71 4.32 -3.42
CA ILE B 36 11.63 4.25 -1.97
C ILE B 36 11.87 2.82 -1.48
N PRO B 37 12.72 2.63 -0.46
CA PRO B 37 13.02 1.30 0.09
C PRO B 37 11.76 0.53 0.47
N PRO B 38 11.71 -0.78 0.15
CA PRO B 38 10.55 -1.62 0.46
C PRO B 38 10.18 -1.60 1.94
N ASP B 39 11.20 -1.71 2.80
CA ASP B 39 11.00 -1.70 4.24
C ASP B 39 10.46 -0.33 4.70
N GLN B 40 10.99 0.73 4.12
CA GLN B 40 10.59 2.08 4.46
C GLN B 40 9.09 2.29 4.24
N GLN B 41 8.63 1.95 3.04
CA GLN B 41 7.21 2.10 2.68
C GLN B 41 6.39 0.91 3.16
N ARG B 42 5.13 1.17 3.52
CA ARG B 42 4.24 0.11 3.97
C ARG B 42 2.88 0.24 3.28
N LEU B 43 2.56 -0.74 2.44
CA LEU B 43 1.30 -0.75 1.72
C LEU B 43 0.15 -1.25 2.57
N ILE B 44 -1.01 -0.62 2.41
CA ILE B 44 -2.21 -0.97 3.15
C ILE B 44 -3.40 -1.12 2.22
N PHE B 45 -4.21 -2.15 2.46
CA PHE B 45 -5.39 -2.41 1.65
C PHE B 45 -6.44 -3.15 2.47
N ALA B 46 -7.70 -2.78 2.27
CA ALA B 46 -8.81 -3.39 3.01
C ALA B 46 -8.54 -3.31 4.51
N GLY B 47 -7.93 -2.20 4.92
CA GLY B 47 -7.63 -1.99 6.33
C GLY B 47 -6.70 -3.06 6.88
N LYS B 48 -5.73 -3.49 6.08
CA LYS B 48 -4.79 -4.52 6.50
C LYS B 48 -3.45 -4.36 5.80
N GLN B 49 -2.37 -4.46 6.57
CA GLN B 49 -1.02 -4.34 6.03
C GLN B 49 -0.70 -5.51 5.10
N LEU B 50 -0.18 -5.21 3.92
CA LEU B 50 0.17 -6.24 2.95
C LEU B 50 1.38 -7.05 3.43
N GLU B 51 1.20 -8.36 3.55
CA GLU B 51 2.28 -9.25 3.99
C GLU B 51 3.31 -9.44 2.87
N ASP B 52 4.59 -9.30 3.22
CA ASP B 52 5.67 -9.46 2.24
C ASP B 52 5.91 -10.93 1.90
N GLY B 53 4.84 -11.62 1.53
CA GLY B 53 4.95 -13.03 1.17
C GLY B 53 3.62 -13.66 0.85
N ARG B 54 2.79 -12.95 0.09
CA ARG B 54 1.46 -13.43 -0.28
C ARG B 54 1.10 -13.02 -1.70
N THR B 55 0.61 -13.98 -2.48
CA THR B 55 0.23 -13.71 -3.86
C THR B 55 -1.05 -12.87 -3.93
N LEU B 56 -1.04 -11.87 -4.83
CA LEU B 56 -2.20 -10.99 -5.00
C LEU B 56 -3.42 -11.78 -5.46
N SER B 57 -3.19 -12.90 -6.15
CA SER B 57 -4.27 -13.73 -6.66
C SER B 57 -5.28 -14.06 -5.56
N ASP B 58 -4.77 -14.44 -4.39
CA ASP B 58 -5.64 -14.78 -3.27
C ASP B 58 -6.50 -13.60 -2.88
N TYR B 59 -5.92 -12.40 -2.94
CA TYR B 59 -6.64 -11.18 -2.59
C TYR B 59 -7.74 -10.89 -3.62
N ASN B 60 -7.50 -11.31 -4.86
CA ASN B 60 -8.47 -11.08 -5.94
C ASN B 60 -8.63 -9.59 -6.21
N ILE B 61 -7.51 -8.87 -6.16
CA ILE B 61 -7.51 -7.44 -6.39
C ILE B 61 -7.96 -7.12 -7.82
N GLN B 62 -8.91 -6.19 -7.95
CA GLN B 62 -9.42 -5.80 -9.25
C GLN B 62 -8.39 -4.99 -10.03
N LYS B 63 -8.87 -4.00 -10.79
CA LYS B 63 -7.99 -3.15 -11.58
C LYS B 63 -8.14 -1.69 -11.19
N GLU B 64 -7.05 -0.93 -11.25
CA GLU B 64 -7.06 0.48 -10.90
C GLU B 64 -7.41 0.67 -9.43
N SER B 65 -7.00 -0.28 -8.59
CA SER B 65 -7.25 -0.22 -7.17
C SER B 65 -6.33 0.80 -6.49
N THR B 66 -6.90 1.62 -5.62
CA THR B 66 -6.12 2.63 -4.91
C THR B 66 -5.51 2.07 -3.63
N LEU B 67 -4.27 1.58 -3.74
CA LEU B 67 -3.58 1.02 -2.58
C LEU B 67 -2.91 2.13 -1.77
N HIS B 68 -3.08 2.07 -0.46
CA HIS B 68 -2.52 3.08 0.43
C HIS B 68 -1.05 2.78 0.75
N LEU B 69 -0.25 3.84 0.87
CA LEU B 69 1.17 3.69 1.19
C LEU B 69 1.55 4.61 2.34
N VAL B 70 2.26 4.07 3.33
CA VAL B 70 2.68 4.86 4.48
C VAL B 70 4.21 4.91 4.56
N LEU B 71 4.75 6.13 4.57
CA LEU B 71 6.19 6.30 4.65
C LEU B 71 6.67 6.28 6.10
N ARG B 72 7.52 5.32 6.42
CA ARG B 72 8.07 5.19 7.77
C ARG B 72 9.07 6.31 8.04
N LEU B 73 9.02 6.87 9.24
CA LEU B 73 9.94 7.94 9.62
C LEU B 73 9.90 8.20 11.12
N ARG B 74 11.07 8.39 11.72
CA ARG B 74 11.17 8.64 13.15
C ARG B 74 10.76 10.07 13.48
N GLY B 75 11.45 10.70 14.43
CA GLY B 75 11.11 12.07 14.81
C GLY B 75 11.98 12.58 15.95
N GLY B 76 13.27 12.29 15.87
CA GLY B 76 14.19 12.73 16.91
C GLY B 76 15.62 12.28 16.64
N TYR A 1 7.98 13.19 21.83
CA TYR A 1 7.78 13.31 20.36
C TYR A 1 7.33 11.97 19.76
N PRO A 2 6.14 11.48 20.17
CA PRO A 2 5.60 10.21 19.67
C PRO A 2 5.59 10.14 18.14
N GLU A 3 6.04 9.01 17.61
CA GLU A 3 6.08 8.82 16.17
C GLU A 3 4.68 8.91 15.54
N ASP A 4 4.58 9.61 14.43
CA ASP A 4 3.30 9.78 13.74
C ASP A 4 3.11 8.71 12.66
N GLU A 5 3.94 7.67 12.71
CA GLU A 5 3.86 6.58 11.74
C GLU A 5 2.62 5.72 11.98
N GLU A 6 2.39 5.37 13.24
CA GLU A 6 1.25 4.54 13.60
C GLU A 6 -0.07 5.24 13.26
N GLU A 7 -0.17 6.51 13.65
CA GLU A 7 -1.37 7.29 13.38
C GLU A 7 -1.61 7.41 11.87
N LEU A 8 -0.56 7.68 11.13
CA LEU A 8 -0.66 7.80 9.67
C LEU A 8 -1.17 6.49 9.07
N ILE A 9 -0.59 5.39 9.51
CA ILE A 9 -0.97 4.06 9.02
C ILE A 9 -2.46 3.81 9.24
N ARG A 10 -2.96 4.05 10.45
CA ARG A 10 -4.37 3.83 10.72
C ARG A 10 -5.22 4.79 9.91
N LYS A 11 -4.71 5.99 9.64
CA LYS A 11 -5.44 6.95 8.82
C LYS A 11 -5.76 6.30 7.50
N ALA A 12 -4.77 5.61 6.94
CA ALA A 12 -4.93 4.90 5.69
C ALA A 12 -5.95 3.79 5.87
N ILE A 13 -5.90 3.14 7.03
CA ILE A 13 -6.80 2.04 7.35
C ILE A 13 -8.26 2.50 7.33
N GLU A 14 -8.57 3.56 8.05
CA GLU A 14 -9.92 4.09 8.13
C GLU A 14 -10.41 4.56 6.76
N LEU A 15 -9.57 5.31 6.06
CA LEU A 15 -9.93 5.82 4.74
C LEU A 15 -10.30 4.67 3.80
N SER A 16 -9.51 3.61 3.83
CA SER A 16 -9.76 2.44 2.99
C SER A 16 -11.11 1.82 3.33
N LEU A 17 -11.39 1.70 4.63
CA LEU A 17 -12.65 1.13 5.09
C LEU A 17 -13.83 1.89 4.51
N LYS A 18 -13.73 3.22 4.53
CA LYS A 18 -14.79 4.08 4.03
C LYS A 18 -15.02 3.84 2.54
N GLU A 19 -13.94 3.57 1.81
CA GLU A 19 -14.02 3.34 0.37
C GLU A 19 -15.02 2.23 0.06
N SER A 20 -14.87 1.07 0.71
CA SER A 20 -15.76 -0.06 0.50
C SER A 20 -17.15 0.25 1.06
N ARG A 21 -18.17 0.07 0.22
CA ARG A 21 -19.54 0.35 0.64
C ARG A 21 -20.09 -0.77 1.52
N ASN A 22 -20.04 -2.00 1.03
CA ASN A 22 -20.54 -3.15 1.78
C ASN A 22 -19.64 -3.46 2.97
N SER A 23 -18.38 -3.75 2.69
CA SER A 23 -17.40 -4.08 3.73
C SER A 23 -16.03 -4.35 3.13
N ALA A 24 -14.99 -3.82 3.76
CA ALA A 24 -13.63 -4.00 3.29
C ALA A 24 -13.26 -5.48 3.26
N MET B 1 -2.20 -6.73 -13.89
CA MET B 1 -3.19 -5.71 -13.48
C MET B 1 -2.51 -4.43 -13.03
N GLN B 2 -3.02 -3.29 -13.50
CA GLN B 2 -2.47 -1.99 -13.14
C GLN B 2 -2.95 -1.53 -11.78
N ILE B 3 -2.07 -0.87 -11.03
CA ILE B 3 -2.39 -0.36 -9.70
C ILE B 3 -1.61 0.91 -9.41
N PHE B 4 -2.28 1.89 -8.79
CA PHE B 4 -1.64 3.15 -8.45
C PHE B 4 -1.15 3.20 -7.02
N VAL B 5 0.15 3.35 -6.84
CA VAL B 5 0.74 3.45 -5.52
C VAL B 5 0.59 4.89 -5.04
N LYS B 6 0.22 5.08 -3.78
CA LYS B 6 0.02 6.43 -3.26
C LYS B 6 0.47 6.58 -1.82
N THR B 7 1.25 7.62 -1.57
CA THR B 7 1.75 7.92 -0.24
C THR B 7 0.77 8.86 0.47
N LEU B 8 0.67 8.73 1.79
CA LEU B 8 -0.23 9.57 2.58
C LEU B 8 0.33 10.98 2.74
N THR B 9 0.72 11.59 1.62
CA THR B 9 1.26 12.95 1.63
C THR B 9 0.89 13.68 0.34
N GLY B 10 1.12 13.03 -0.80
CA GLY B 10 0.79 13.66 -2.07
C GLY B 10 1.59 13.10 -3.24
N LYS B 11 1.44 11.80 -3.52
CA LYS B 11 2.16 11.17 -4.61
C LYS B 11 1.47 9.88 -5.08
N THR B 12 1.34 9.76 -6.40
CA THR B 12 0.71 8.60 -7.02
C THR B 12 1.48 8.16 -8.25
N ILE B 13 1.62 6.84 -8.45
CA ILE B 13 2.35 6.30 -9.60
C ILE B 13 1.78 4.97 -10.07
N THR B 14 1.69 4.80 -11.39
CA THR B 14 1.18 3.57 -11.98
C THR B 14 2.16 2.43 -11.78
N LEU B 15 1.65 1.23 -11.58
CA LEU B 15 2.50 0.05 -11.39
C LEU B 15 1.78 -1.20 -11.89
N GLU B 16 2.41 -1.90 -12.83
CA GLU B 16 1.85 -3.11 -13.40
C GLU B 16 2.33 -4.36 -12.68
N VAL B 17 1.38 -5.23 -12.33
CA VAL B 17 1.68 -6.48 -11.65
C VAL B 17 0.55 -7.49 -11.82
N GLU B 18 0.90 -8.69 -12.28
CA GLU B 18 -0.07 -9.75 -12.49
C GLU B 18 -0.61 -10.26 -11.15
N SER B 19 -1.91 -10.56 -11.12
CA SER B 19 -2.54 -11.06 -9.90
C SER B 19 -1.74 -12.21 -9.29
N SER B 20 -1.15 -13.02 -10.16
CA SER B 20 -0.36 -14.17 -9.72
C SER B 20 0.87 -13.73 -8.91
N ASP B 21 1.48 -12.61 -9.30
CA ASP B 21 2.65 -12.10 -8.62
C ASP B 21 2.35 -11.74 -7.17
N THR B 22 3.19 -12.22 -6.27
CA THR B 22 3.03 -11.96 -4.85
C THR B 22 3.32 -10.50 -4.53
N ILE B 23 2.76 -10.02 -3.42
CA ILE B 23 2.94 -8.64 -3.00
C ILE B 23 4.42 -8.26 -3.00
N ASP B 24 5.27 -9.20 -2.58
CA ASP B 24 6.72 -8.96 -2.53
C ASP B 24 7.25 -8.48 -3.88
N ASN B 25 6.88 -9.20 -4.94
CA ASN B 25 7.32 -8.85 -6.29
C ASN B 25 6.89 -7.44 -6.63
N VAL B 26 5.64 -7.12 -6.31
CA VAL B 26 5.10 -5.80 -6.56
C VAL B 26 5.97 -4.75 -5.89
N LYS B 27 6.40 -5.06 -4.66
CA LYS B 27 7.26 -4.16 -3.90
C LYS B 27 8.56 -3.92 -4.66
N SER B 28 9.10 -4.99 -5.25
CA SER B 28 10.34 -4.89 -6.01
C SER B 28 10.20 -3.84 -7.11
N LYS B 29 9.13 -3.97 -7.90
CA LYS B 29 8.87 -3.02 -8.98
C LYS B 29 8.73 -1.62 -8.41
N ILE B 30 8.06 -1.50 -7.26
CA ILE B 30 7.88 -0.23 -6.59
C ILE B 30 9.21 0.37 -6.20
N GLN B 31 10.13 -0.49 -5.77
CA GLN B 31 11.46 -0.06 -5.35
C GLN B 31 12.20 0.58 -6.52
N ASP B 32 12.15 -0.07 -7.67
CA ASP B 32 12.82 0.43 -8.86
C ASP B 32 12.23 1.77 -9.32
N LYS B 33 10.90 1.88 -9.28
CA LYS B 33 10.23 3.11 -9.71
C LYS B 33 10.47 4.26 -8.75
N GLU B 34 9.90 4.17 -7.55
CA GLU B 34 10.02 5.22 -6.55
C GLU B 34 11.42 5.29 -5.94
N GLY B 35 12.02 4.13 -5.69
CA GLY B 35 13.34 4.10 -5.09
C GLY B 35 13.29 4.04 -3.57
N ILE B 36 12.48 3.11 -3.06
CA ILE B 36 12.31 2.95 -1.62
C ILE B 36 12.24 1.46 -1.25
N PRO B 37 12.97 1.04 -0.20
CA PRO B 37 12.98 -0.35 0.25
C PRO B 37 11.56 -0.87 0.54
N PRO B 38 11.25 -2.11 0.12
CA PRO B 38 9.93 -2.72 0.33
C PRO B 38 9.52 -2.72 1.80
N ASP B 39 10.42 -3.14 2.67
CA ASP B 39 10.14 -3.19 4.11
C ASP B 39 9.84 -1.80 4.67
N GLN B 40 10.67 -0.83 4.31
CA GLN B 40 10.51 0.54 4.80
C GLN B 40 9.10 1.06 4.54
N GLN B 41 8.61 0.87 3.32
CA GLN B 41 7.28 1.34 2.95
C GLN B 41 6.20 0.32 3.33
N ARG B 42 5.10 0.83 3.90
CA ARG B 42 3.98 -0.02 4.29
C ARG B 42 2.75 0.32 3.45
N LEU B 43 2.12 -0.71 2.88
CA LEU B 43 0.95 -0.52 2.05
C LEU B 43 -0.34 -0.84 2.80
N ILE B 44 -1.34 0.02 2.63
CA ILE B 44 -2.63 -0.14 3.27
C ILE B 44 -3.74 -0.27 2.23
N PHE B 45 -4.69 -1.17 2.48
CA PHE B 45 -5.80 -1.40 1.58
C PHE B 45 -6.94 -2.10 2.31
N ALA B 46 -8.16 -1.61 2.10
CA ALA B 46 -9.34 -2.19 2.75
C ALA B 46 -9.12 -2.27 4.26
N GLY B 47 -8.43 -1.28 4.81
CA GLY B 47 -8.17 -1.25 6.23
C GLY B 47 -7.34 -2.43 6.69
N LYS B 48 -6.38 -2.83 5.86
CA LYS B 48 -5.50 -3.97 6.19
C LYS B 48 -4.15 -3.84 5.48
N GLN B 49 -3.07 -4.11 6.20
CA GLN B 49 -1.74 -4.04 5.64
C GLN B 49 -1.48 -5.20 4.67
N LEU B 50 -0.97 -4.88 3.49
CA LEU B 50 -0.68 -5.91 2.48
C LEU B 50 0.49 -6.79 2.90
N GLU B 51 0.26 -8.10 2.93
CA GLU B 51 1.29 -9.06 3.30
C GLU B 51 2.08 -9.49 2.07
N ASP B 52 3.41 -9.48 2.18
CA ASP B 52 4.28 -9.87 1.08
C ASP B 52 3.99 -11.29 0.60
N GLY B 53 3.87 -12.22 1.55
CA GLY B 53 3.61 -13.60 1.20
C GLY B 53 2.16 -13.88 0.86
N ARG B 54 1.57 -13.03 0.03
CA ARG B 54 0.17 -13.20 -0.38
C ARG B 54 -0.05 -12.76 -1.82
N THR B 55 -0.81 -13.57 -2.55
CA THR B 55 -1.11 -13.28 -3.96
C THR B 55 -2.19 -12.20 -4.08
N LEU B 56 -2.08 -11.40 -5.13
CA LEU B 56 -3.05 -10.32 -5.38
C LEU B 56 -4.46 -10.87 -5.44
N SER B 57 -4.62 -12.04 -6.07
CA SER B 57 -5.91 -12.69 -6.21
C SER B 57 -6.63 -12.84 -4.88
N ASP B 58 -5.86 -13.16 -3.83
CA ASP B 58 -6.42 -13.34 -2.50
C ASP B 58 -7.23 -12.12 -2.06
N TYR B 59 -6.63 -10.94 -2.20
CA TYR B 59 -7.29 -9.70 -1.81
C TYR B 59 -8.37 -9.31 -2.81
N ASN B 60 -8.25 -9.81 -4.03
CA ASN B 60 -9.21 -9.50 -5.09
C ASN B 60 -9.19 -8.01 -5.41
N ILE B 61 -7.98 -7.45 -5.44
CA ILE B 61 -7.79 -6.03 -5.73
C ILE B 61 -8.27 -5.69 -7.13
N GLN B 62 -9.15 -4.70 -7.23
CA GLN B 62 -9.67 -4.28 -8.52
C GLN B 62 -8.67 -3.40 -9.27
N LYS B 63 -8.66 -3.51 -10.59
CA LYS B 63 -7.74 -2.74 -11.42
C LYS B 63 -7.82 -1.25 -11.09
N GLU B 64 -6.68 -0.57 -11.20
CA GLU B 64 -6.59 0.86 -10.91
C GLU B 64 -6.93 1.15 -9.46
N SER B 65 -6.43 0.30 -8.57
CA SER B 65 -6.65 0.46 -7.14
C SER B 65 -5.59 1.35 -6.49
N THR B 66 -6.01 2.20 -5.58
CA THR B 66 -5.09 3.10 -4.89
C THR B 66 -4.59 2.47 -3.59
N LEU B 67 -3.27 2.36 -3.46
CA LEU B 67 -2.66 1.78 -2.27
C LEU B 67 -2.01 2.86 -1.42
N HIS B 68 -2.30 2.87 -0.12
CA HIS B 68 -1.73 3.85 0.79
C HIS B 68 -0.34 3.43 1.24
N LEU B 69 0.58 4.39 1.34
CA LEU B 69 1.95 4.10 1.76
C LEU B 69 2.31 4.87 3.03
N VAL B 70 3.03 4.21 3.94
CA VAL B 70 3.46 4.82 5.19
C VAL B 70 4.91 4.43 5.48
N LEU B 71 5.77 5.42 5.64
CA LEU B 71 7.19 5.17 5.91
C LEU B 71 7.41 4.77 7.36
N ARG B 72 8.14 3.67 7.56
CA ARG B 72 8.45 3.16 8.90
C ARG B 72 9.48 4.07 9.59
N LEU B 73 9.04 5.25 9.99
CA LEU B 73 9.91 6.22 10.66
C LEU B 73 10.97 6.75 9.71
N ARG B 74 11.13 8.07 9.69
CA ARG B 74 12.12 8.70 8.83
C ARG B 74 13.53 8.24 9.18
N GLY B 75 14.30 7.90 8.15
CA GLY B 75 15.66 7.45 8.37
C GLY B 75 16.54 8.53 8.99
N GLY B 76 17.29 8.15 10.01
CA GLY B 76 18.17 9.10 10.68
C GLY B 76 17.40 10.27 11.27
N TYR A 1 12.22 19.55 12.60
CA TYR A 1 12.25 18.09 12.89
C TYR A 1 11.38 17.31 11.91
N PRO A 2 11.88 16.18 11.40
CA PRO A 2 11.14 15.34 10.45
C PRO A 2 9.92 14.70 11.10
N GLU A 3 8.79 14.75 10.40
CA GLU A 3 7.55 14.17 10.92
C GLU A 3 7.68 12.66 11.08
N ASP A 4 7.19 12.15 12.21
CA ASP A 4 7.25 10.72 12.49
C ASP A 4 6.49 9.92 11.44
N GLU A 5 5.33 10.42 11.04
CA GLU A 5 4.51 9.76 10.04
C GLU A 5 5.28 9.54 8.75
N GLU A 6 5.98 10.59 8.31
CA GLU A 6 6.78 10.52 7.10
C GLU A 6 7.82 9.42 7.19
N GLU A 7 8.42 9.27 8.37
CA GLU A 7 9.44 8.25 8.59
C GLU A 7 8.90 6.87 8.28
N LEU A 8 7.69 6.57 8.76
CA LEU A 8 7.06 5.28 8.52
C LEU A 8 6.79 5.06 7.04
N ILE A 9 6.23 6.08 6.39
CA ILE A 9 5.93 5.98 4.96
C ILE A 9 7.19 5.69 4.14
N ARG A 10 8.21 6.52 4.30
CA ARG A 10 9.46 6.32 3.57
C ARG A 10 10.12 5.00 3.95
N LYS A 11 9.95 4.60 5.22
CA LYS A 11 10.51 3.34 5.69
C LYS A 11 10.03 2.22 4.78
N ALA A 12 8.72 2.20 4.55
CA ALA A 12 8.12 1.21 3.68
C ALA A 12 8.61 1.42 2.25
N ILE A 13 8.81 2.68 1.88
CA ILE A 13 9.29 3.02 0.55
C ILE A 13 10.63 2.36 0.25
N GLU A 14 11.56 2.44 1.21
CA GLU A 14 12.87 1.84 1.06
C GLU A 14 12.78 0.33 1.00
N LEU A 15 11.98 -0.25 1.90
CA LEU A 15 11.79 -1.69 1.96
C LEU A 15 11.28 -2.24 0.62
N SER A 16 10.33 -1.53 0.03
CA SER A 16 9.76 -1.93 -1.25
C SER A 16 10.77 -1.81 -2.37
N LEU A 17 11.52 -0.72 -2.38
CA LEU A 17 12.54 -0.48 -3.41
C LEU A 17 13.57 -1.60 -3.44
N LYS A 18 13.97 -2.08 -2.26
CA LYS A 18 14.95 -3.15 -2.17
C LYS A 18 14.50 -4.38 -2.96
N GLU A 19 13.23 -4.75 -2.78
CA GLU A 19 12.66 -5.91 -3.46
C GLU A 19 12.54 -5.63 -4.97
N SER A 20 12.06 -4.43 -5.30
CA SER A 20 11.87 -4.03 -6.69
C SER A 20 13.20 -3.60 -7.31
N ARG A 21 14.17 -4.52 -7.32
CA ARG A 21 15.48 -4.24 -7.88
C ARG A 21 15.36 -3.73 -9.32
N ASN A 22 14.44 -4.32 -10.08
CA ASN A 22 14.23 -3.92 -11.47
C ASN A 22 12.95 -4.54 -12.02
N SER A 23 12.73 -5.82 -11.72
CA SER A 23 11.55 -6.53 -12.19
C SER A 23 11.29 -7.78 -11.35
N ALA A 24 11.30 -7.60 -10.02
CA ALA A 24 11.07 -8.71 -9.10
C ALA A 24 10.88 -8.20 -7.68
N MET B 1 -6.62 -11.17 -9.50
CA MET B 1 -5.27 -11.32 -8.90
C MET B 1 -5.29 -10.97 -7.41
N GLN B 2 -4.67 -11.84 -6.61
CA GLN B 2 -4.62 -11.63 -5.17
C GLN B 2 -3.35 -10.88 -4.77
N ILE B 3 -3.45 -10.09 -3.71
CA ILE B 3 -2.31 -9.32 -3.21
C ILE B 3 -2.37 -9.19 -1.69
N PHE B 4 -1.22 -9.34 -1.04
CA PHE B 4 -1.16 -9.24 0.42
C PHE B 4 -0.88 -7.82 0.88
N VAL B 5 -1.73 -7.32 1.77
CA VAL B 5 -1.56 -5.98 2.32
C VAL B 5 -0.65 -6.03 3.53
N LYS B 6 0.34 -5.14 3.56
CA LYS B 6 1.30 -5.08 4.66
C LYS B 6 1.29 -3.69 5.29
N THR B 7 0.92 -3.62 6.56
CA THR B 7 0.88 -2.34 7.26
C THR B 7 2.18 -2.06 7.99
N LEU B 8 2.12 -1.18 9.00
CA LEU B 8 3.30 -0.82 9.79
C LEU B 8 3.52 -1.80 10.94
N THR B 9 2.42 -2.25 11.55
CA THR B 9 2.50 -3.18 12.67
C THR B 9 2.80 -4.60 12.20
N GLY B 10 3.61 -4.73 11.15
CA GLY B 10 3.97 -6.03 10.63
C GLY B 10 2.77 -6.92 10.36
N LYS B 11 1.68 -6.31 9.90
CA LYS B 11 0.46 -7.05 9.61
C LYS B 11 0.36 -7.38 8.12
N THR B 12 -0.07 -8.60 7.80
CA THR B 12 -0.20 -9.02 6.41
C THR B 12 -1.49 -9.82 6.22
N ILE B 13 -2.26 -9.46 5.19
CA ILE B 13 -3.53 -10.15 4.91
C ILE B 13 -3.85 -10.18 3.42
N THR B 14 -4.37 -11.32 2.97
CA THR B 14 -4.75 -11.51 1.58
C THR B 14 -5.83 -10.51 1.17
N LEU B 15 -5.75 -10.03 -0.06
CA LEU B 15 -6.73 -9.09 -0.58
C LEU B 15 -6.90 -9.25 -2.09
N GLU B 16 -8.05 -9.80 -2.48
CA GLU B 16 -8.35 -10.03 -3.90
C GLU B 16 -8.79 -8.73 -4.58
N VAL B 17 -8.21 -8.45 -5.73
CA VAL B 17 -8.55 -7.25 -6.49
C VAL B 17 -8.32 -7.45 -7.98
N GLU B 18 -9.33 -7.12 -8.78
CA GLU B 18 -9.24 -7.26 -10.23
C GLU B 18 -8.34 -6.19 -10.82
N SER B 19 -7.52 -6.57 -11.80
CA SER B 19 -6.60 -5.63 -12.44
C SER B 19 -7.36 -4.39 -12.94
N SER B 20 -8.58 -4.60 -13.43
CA SER B 20 -9.39 -3.50 -13.93
C SER B 20 -9.68 -2.47 -12.84
N ASP B 21 -10.04 -2.95 -11.65
CA ASP B 21 -10.35 -2.06 -10.54
C ASP B 21 -9.16 -1.16 -10.21
N THR B 22 -9.44 0.13 -10.03
CA THR B 22 -8.40 1.11 -9.72
C THR B 22 -7.90 0.95 -8.29
N ILE B 23 -7.41 2.04 -7.71
CA ILE B 23 -6.89 2.03 -6.35
C ILE B 23 -8.01 2.16 -5.33
N ASP B 24 -8.96 3.06 -5.60
CA ASP B 24 -10.09 3.29 -4.71
C ASP B 24 -10.80 1.99 -4.37
N ASN B 25 -10.97 1.12 -5.36
CA ASN B 25 -11.63 -0.17 -5.14
C ASN B 25 -10.90 -0.96 -4.07
N VAL B 26 -9.58 -1.01 -4.18
CA VAL B 26 -8.75 -1.73 -3.21
C VAL B 26 -8.97 -1.16 -1.81
N LYS B 27 -9.00 0.17 -1.72
CA LYS B 27 -9.20 0.84 -0.43
C LYS B 27 -10.55 0.48 0.16
N SER B 28 -11.58 0.42 -0.71
CA SER B 28 -12.92 0.09 -0.27
C SER B 28 -12.94 -1.28 0.40
N LYS B 29 -12.32 -2.26 -0.24
CA LYS B 29 -12.26 -3.61 0.30
C LYS B 29 -11.50 -3.63 1.62
N ILE B 30 -10.39 -2.90 1.68
CA ILE B 30 -9.57 -2.83 2.88
C ILE B 30 -10.38 -2.25 4.04
N GLN B 31 -11.13 -1.19 3.76
CA GLN B 31 -11.95 -0.53 4.78
C GLN B 31 -13.01 -1.49 5.32
N ASP B 32 -13.63 -2.24 4.42
CA ASP B 32 -14.66 -3.19 4.80
C ASP B 32 -14.11 -4.30 5.69
N LYS B 33 -12.95 -4.84 5.32
CA LYS B 33 -12.32 -5.92 6.07
C LYS B 33 -11.66 -5.42 7.36
N GLU B 34 -10.62 -4.61 7.20
CA GLU B 34 -9.87 -4.08 8.34
C GLU B 34 -10.69 -3.08 9.15
N GLY B 35 -11.48 -2.26 8.48
CA GLY B 35 -12.29 -1.28 9.19
C GLY B 35 -11.51 -0.01 9.47
N ILE B 36 -10.92 0.58 8.44
CA ILE B 36 -10.13 1.79 8.58
C ILE B 36 -10.34 2.71 7.37
N PRO B 37 -10.52 4.03 7.60
CA PRO B 37 -10.73 5.00 6.52
C PRO B 37 -9.67 4.89 5.43
N PRO B 38 -10.09 4.97 4.14
CA PRO B 38 -9.18 4.87 3.00
C PRO B 38 -8.17 6.01 2.96
N ASP B 39 -8.65 7.23 3.17
CA ASP B 39 -7.77 8.41 3.14
C ASP B 39 -6.69 8.30 4.22
N GLN B 40 -7.08 7.85 5.40
CA GLN B 40 -6.16 7.69 6.51
C GLN B 40 -5.01 6.74 6.15
N GLN B 41 -5.34 5.69 5.43
CA GLN B 41 -4.34 4.70 5.03
C GLN B 41 -3.58 5.14 3.79
N ARG B 42 -2.25 5.21 3.91
CA ARG B 42 -1.41 5.60 2.79
C ARG B 42 -0.91 4.37 2.04
N LEU B 43 -1.32 4.23 0.79
CA LEU B 43 -0.93 3.07 -0.02
C LEU B 43 0.42 3.31 -0.68
N ILE B 44 1.31 2.32 -0.57
CA ILE B 44 2.64 2.41 -1.15
C ILE B 44 3.03 1.13 -1.87
N PHE B 45 3.70 1.27 -3.01
CA PHE B 45 4.14 0.13 -3.80
C PHE B 45 5.31 0.51 -4.69
N ALA B 46 6.27 -0.40 -4.82
CA ALA B 46 7.45 -0.17 -5.64
C ALA B 46 8.14 1.13 -5.25
N GLY B 47 8.15 1.41 -3.95
CA GLY B 47 8.78 2.62 -3.45
C GLY B 47 8.19 3.88 -4.07
N LYS B 48 6.88 3.86 -4.29
CA LYS B 48 6.19 5.01 -4.87
C LYS B 48 4.77 5.11 -4.34
N GLN B 49 4.36 6.34 -4.03
CA GLN B 49 3.02 6.59 -3.51
C GLN B 49 1.96 6.25 -4.55
N LEU B 50 1.02 5.39 -4.19
CA LEU B 50 -0.04 5.01 -5.12
C LEU B 50 -1.19 6.02 -5.06
N GLU B 51 -1.66 6.44 -6.23
CA GLU B 51 -2.74 7.41 -6.31
C GLU B 51 -4.06 6.83 -5.80
N ASP B 52 -5.17 7.46 -6.18
CA ASP B 52 -6.50 7.02 -5.76
C ASP B 52 -7.46 6.96 -6.94
N GLY B 53 -7.00 6.39 -8.05
CA GLY B 53 -7.83 6.30 -9.23
C GLY B 53 -7.08 5.82 -10.46
N ARG B 54 -6.32 4.74 -10.28
CA ARG B 54 -5.54 4.18 -11.38
C ARG B 54 -5.67 2.66 -11.41
N THR B 55 -5.92 2.12 -12.60
CA THR B 55 -6.06 0.68 -12.77
C THR B 55 -4.75 -0.05 -12.49
N LEU B 56 -4.82 -1.09 -11.68
CA LEU B 56 -3.64 -1.88 -11.33
C LEU B 56 -3.08 -2.58 -12.56
N SER B 57 -3.96 -2.92 -13.50
CA SER B 57 -3.56 -3.60 -14.73
C SER B 57 -2.41 -2.87 -15.42
N ASP B 58 -2.48 -1.54 -15.44
CA ASP B 58 -1.45 -0.74 -16.08
C ASP B 58 -0.12 -0.88 -15.35
N TYR B 59 -0.17 -0.88 -14.02
CA TYR B 59 1.02 -1.02 -13.19
C TYR B 59 1.74 -2.34 -13.46
N ASN B 60 0.99 -3.34 -13.94
CA ASN B 60 1.56 -4.66 -14.22
C ASN B 60 2.03 -5.33 -12.94
N ILE B 61 1.23 -5.19 -11.89
CA ILE B 61 1.55 -5.79 -10.59
C ILE B 61 1.55 -7.31 -10.65
N GLN B 62 2.57 -7.92 -10.08
CA GLN B 62 2.70 -9.37 -10.07
C GLN B 62 1.69 -9.99 -9.10
N LYS B 63 1.29 -11.23 -9.36
CA LYS B 63 0.34 -11.92 -8.52
C LYS B 63 0.93 -12.22 -7.15
N GLU B 64 0.10 -12.14 -6.12
CA GLU B 64 0.53 -12.40 -4.74
C GLU B 64 1.61 -11.43 -4.29
N SER B 65 1.49 -10.17 -4.72
CA SER B 65 2.45 -9.14 -4.35
C SER B 65 2.05 -8.47 -3.04
N THR B 66 3.05 -8.16 -2.22
CA THR B 66 2.81 -7.50 -0.93
C THR B 66 2.89 -5.99 -1.05
N LEU B 67 1.75 -5.32 -0.91
CA LEU B 67 1.70 -3.86 -1.00
C LEU B 67 1.93 -3.24 0.38
N HIS B 68 2.72 -2.17 0.43
CA HIS B 68 3.01 -1.51 1.69
C HIS B 68 1.89 -0.53 2.08
N LEU B 69 1.72 -0.34 3.39
CA LEU B 69 0.68 0.54 3.90
C LEU B 69 1.19 1.30 5.13
N VAL B 70 0.79 2.57 5.25
CA VAL B 70 1.21 3.40 6.36
C VAL B 70 0.02 4.15 6.96
N LEU B 71 -0.28 3.88 8.23
CA LEU B 71 -1.40 4.53 8.91
C LEU B 71 -1.08 6.00 9.19
N ARG B 72 -2.00 6.88 8.79
CA ARG B 72 -1.83 8.31 9.02
C ARG B 72 -1.69 8.61 10.51
N LEU B 73 -0.46 8.95 10.93
CA LEU B 73 -0.18 9.26 12.33
C LEU B 73 -0.80 8.18 13.24
N ARG B 74 -1.45 8.61 14.32
CA ARG B 74 -2.08 7.68 15.25
C ARG B 74 -2.85 8.44 16.33
N GLY B 75 -2.25 9.51 16.83
CA GLY B 75 -2.90 10.31 17.85
C GLY B 75 -2.05 11.48 18.28
N GLY B 76 -1.45 12.18 17.31
CA GLY B 76 -0.62 13.32 17.62
C GLY B 76 0.04 13.91 16.39
N TYR A 1 -1.66 -18.62 -17.67
CA TYR A 1 -1.48 -17.17 -17.89
C TYR A 1 -1.07 -16.45 -16.60
N PRO A 2 -0.24 -15.40 -16.69
CA PRO A 2 0.22 -14.65 -15.52
C PRO A 2 -0.89 -13.82 -14.90
N GLU A 3 -1.02 -13.90 -13.58
CA GLU A 3 -2.04 -13.15 -12.86
C GLU A 3 -1.78 -11.65 -12.93
N ASP A 4 -2.82 -10.89 -13.25
CA ASP A 4 -2.69 -9.43 -13.37
C ASP A 4 -2.40 -8.79 -12.01
N GLU A 5 -3.10 -9.24 -10.98
CA GLU A 5 -2.94 -8.71 -9.64
C GLU A 5 -1.50 -8.91 -9.15
N GLU A 6 -0.95 -10.09 -9.42
CA GLU A 6 0.42 -10.40 -9.01
C GLU A 6 1.42 -9.56 -9.77
N GLU A 7 1.19 -9.40 -11.06
CA GLU A 7 2.08 -8.60 -11.91
C GLU A 7 2.17 -7.17 -11.39
N LEU A 8 1.02 -6.59 -11.07
CA LEU A 8 0.97 -5.23 -10.55
C LEU A 8 1.68 -5.14 -9.21
N ILE A 9 1.46 -6.13 -8.36
CA ILE A 9 2.08 -6.17 -7.04
C ILE A 9 3.60 -6.06 -7.12
N ARG A 10 4.22 -6.96 -7.89
CA ARG A 10 5.66 -6.96 -8.03
C ARG A 10 6.16 -5.67 -8.66
N LYS A 11 5.45 -5.16 -9.66
CA LYS A 11 5.84 -3.91 -10.29
C LYS A 11 5.98 -2.84 -9.23
N ALA A 12 5.00 -2.79 -8.35
CA ALA A 12 5.01 -1.84 -7.25
C ALA A 12 6.17 -2.15 -6.32
N ILE A 13 6.47 -3.44 -6.17
CA ILE A 13 7.56 -3.89 -5.32
C ILE A 13 8.90 -3.35 -5.83
N GLU A 14 9.10 -3.44 -7.14
CA GLU A 14 10.32 -2.97 -7.77
C GLU A 14 10.46 -1.45 -7.60
N LEU A 15 9.36 -0.74 -7.80
CA LEU A 15 9.35 0.71 -7.67
C LEU A 15 9.77 1.13 -6.26
N SER A 16 9.21 0.45 -5.26
CA SER A 16 9.53 0.75 -3.86
C SER A 16 11.01 0.56 -3.60
N LEU A 17 11.55 -0.57 -4.03
CA LEU A 17 12.96 -0.87 -3.85
C LEU A 17 13.83 0.19 -4.52
N LYS A 18 13.38 0.66 -5.69
CA LYS A 18 14.09 1.67 -6.44
C LYS A 18 14.26 2.94 -5.60
N GLU A 19 13.18 3.36 -4.94
CA GLU A 19 13.20 4.55 -4.10
C GLU A 19 14.15 4.36 -2.93
N SER A 20 14.04 3.20 -2.27
CA SER A 20 14.88 2.89 -1.12
C SER A 20 16.27 2.42 -1.56
N ARG A 21 16.97 3.27 -2.31
CA ARG A 21 18.31 2.95 -2.78
C ARG A 21 19.21 2.54 -1.63
N ASN A 22 19.12 3.27 -0.52
CA ASN A 22 19.92 2.99 0.66
C ASN A 22 19.49 3.86 1.83
N SER A 23 19.36 3.26 3.01
CA SER A 23 18.95 3.99 4.21
C SER A 23 19.31 3.21 5.46
N ALA A 24 19.05 1.91 5.45
CA ALA A 24 19.35 1.05 6.59
C ALA A 24 20.85 1.04 6.89
N MET B 1 0.88 11.07 11.03
CA MET B 1 1.57 11.46 9.77
C MET B 1 0.76 11.06 8.55
N GLN B 2 0.64 11.99 7.60
CA GLN B 2 -0.10 11.73 6.37
C GLN B 2 0.78 11.05 5.32
N ILE B 3 0.17 10.15 4.55
CA ILE B 3 0.87 9.43 3.50
C ILE B 3 0.00 9.28 2.26
N PHE B 4 0.62 9.40 1.09
CA PHE B 4 -0.12 9.28 -0.17
C PHE B 4 -0.27 7.82 -0.61
N VAL B 5 -1.47 7.48 -1.08
CA VAL B 5 -1.75 6.15 -1.57
C VAL B 5 -1.80 6.18 -3.10
N LYS B 6 -0.91 5.41 -3.73
CA LYS B 6 -0.85 5.37 -5.19
C LYS B 6 -1.13 3.98 -5.73
N THR B 7 -1.97 3.92 -6.77
CA THR B 7 -2.31 2.65 -7.40
C THR B 7 -1.32 2.31 -8.52
N LEU B 8 -1.79 1.55 -9.51
CA LEU B 8 -0.94 1.18 -10.64
C LEU B 8 -1.09 2.16 -11.79
N THR B 9 -2.32 2.58 -12.04
CA THR B 9 -2.60 3.53 -13.13
C THR B 9 -1.88 4.86 -12.91
N GLY B 10 -2.03 5.43 -11.73
CA GLY B 10 -1.38 6.70 -11.44
C GLY B 10 -2.05 7.45 -10.31
N LYS B 11 -3.35 7.21 -10.12
CA LYS B 11 -4.13 7.87 -9.08
C LYS B 11 -3.40 7.83 -7.73
N THR B 12 -3.44 8.96 -7.02
CA THR B 12 -2.80 9.07 -5.72
C THR B 12 -3.55 10.06 -4.83
N ILE B 13 -3.72 9.71 -3.56
CA ILE B 13 -4.44 10.57 -2.63
C ILE B 13 -3.89 10.49 -1.19
N THR B 14 -3.85 11.64 -0.53
CA THR B 14 -3.37 11.73 0.84
C THR B 14 -4.25 10.92 1.79
N LEU B 15 -3.63 10.37 2.83
CA LEU B 15 -4.36 9.58 3.81
C LEU B 15 -3.66 9.65 5.16
N GLU B 16 -4.32 10.26 6.14
CA GLU B 16 -3.76 10.41 7.48
C GLU B 16 -3.68 9.08 8.21
N VAL B 17 -2.51 8.82 8.82
CA VAL B 17 -2.30 7.60 9.57
C VAL B 17 -1.29 7.81 10.70
N GLU B 18 -1.71 7.47 11.92
CA GLU B 18 -0.86 7.61 13.09
C GLU B 18 0.09 6.42 13.22
N SER B 19 1.29 6.67 13.75
CA SER B 19 2.28 5.63 13.92
C SER B 19 1.69 4.44 14.68
N SER B 20 0.94 4.73 15.73
CA SER B 20 0.30 3.70 16.54
C SER B 20 -0.80 2.99 15.76
N ASP B 21 -1.47 3.75 14.89
CA ASP B 21 -2.55 3.20 14.07
C ASP B 21 -2.12 1.92 13.35
N THR B 22 -2.93 0.88 13.48
CA THR B 22 -2.65 -0.41 12.87
C THR B 22 -2.97 -0.40 11.37
N ILE B 23 -2.25 -1.22 10.61
CA ILE B 23 -2.45 -1.31 9.16
C ILE B 23 -3.94 -1.48 8.85
N ASP B 24 -4.60 -2.34 9.62
CA ASP B 24 -6.03 -2.60 9.41
C ASP B 24 -6.81 -1.29 9.48
N ASN B 25 -6.53 -0.48 10.49
CA ASN B 25 -7.20 0.80 10.67
C ASN B 25 -6.97 1.68 9.45
N VAL B 26 -5.73 1.68 8.96
CA VAL B 26 -5.38 2.47 7.78
C VAL B 26 -6.29 2.11 6.62
N LYS B 27 -6.51 0.81 6.43
CA LYS B 27 -7.36 0.31 5.37
C LYS B 27 -8.78 0.79 5.56
N SER B 28 -9.23 0.83 6.81
CA SER B 28 -10.57 1.29 7.13
C SER B 28 -10.77 2.72 6.62
N LYS B 29 -9.79 3.57 6.87
CA LYS B 29 -9.84 4.96 6.43
C LYS B 29 -9.89 5.02 4.90
N ILE B 30 -9.04 4.22 4.26
CA ILE B 30 -8.99 4.17 2.80
C ILE B 30 -10.34 3.75 2.24
N GLN B 31 -10.98 2.81 2.90
CA GLN B 31 -12.29 2.32 2.48
C GLN B 31 -13.31 3.44 2.52
N ASP B 32 -13.32 4.19 3.61
CA ASP B 32 -14.26 5.30 3.77
C ASP B 32 -14.07 6.33 2.65
N LYS B 33 -12.82 6.58 2.29
CA LYS B 33 -12.50 7.57 1.26
C LYS B 33 -12.86 7.08 -0.15
N GLU B 34 -12.15 6.06 -0.62
CA GLU B 34 -12.37 5.52 -1.96
C GLU B 34 -13.61 4.62 -2.03
N GLY B 35 -13.77 3.75 -1.05
CA GLY B 35 -14.91 2.84 -1.04
C GLY B 35 -14.56 1.50 -1.66
N ILE B 36 -13.40 0.97 -1.29
CA ILE B 36 -12.93 -0.31 -1.80
C ILE B 36 -12.72 -1.31 -0.67
N PRO B 37 -13.19 -2.57 -0.85
CA PRO B 37 -13.05 -3.62 0.17
C PRO B 37 -11.60 -3.80 0.63
N PRO B 38 -11.39 -3.95 1.95
CA PRO B 38 -10.04 -4.14 2.51
C PRO B 38 -9.33 -5.37 1.97
N ASP B 39 -10.07 -6.48 1.90
CA ASP B 39 -9.49 -7.73 1.40
C ASP B 39 -8.94 -7.56 -0.01
N GLN B 40 -9.65 -6.81 -0.85
CA GLN B 40 -9.21 -6.57 -2.22
C GLN B 40 -7.93 -5.74 -2.25
N GLN B 41 -7.91 -4.68 -1.45
CA GLN B 41 -6.76 -3.78 -1.39
C GLN B 41 -5.53 -4.49 -0.83
N ARG B 42 -4.41 -4.37 -1.53
CA ARG B 42 -3.15 -4.97 -1.10
C ARG B 42 -2.11 -3.87 -0.90
N LEU B 43 -1.75 -3.63 0.36
CA LEU B 43 -0.78 -2.60 0.69
C LEU B 43 0.65 -3.08 0.45
N ILE B 44 1.43 -2.26 -0.24
CA ILE B 44 2.82 -2.60 -0.55
C ILE B 44 3.73 -1.39 -0.36
N PHE B 45 4.91 -1.64 0.20
CA PHE B 45 5.89 -0.57 0.45
C PHE B 45 7.24 -1.17 0.84
N ALA B 46 8.32 -0.47 0.48
CA ALA B 46 9.67 -0.91 0.80
C ALA B 46 9.90 -2.36 0.36
N GLY B 47 9.34 -2.70 -0.79
CA GLY B 47 9.48 -4.05 -1.32
C GLY B 47 8.88 -5.11 -0.40
N LYS B 48 7.74 -4.80 0.21
CA LYS B 48 7.07 -5.75 1.09
C LYS B 48 5.64 -5.34 1.39
N GLN B 49 4.72 -6.30 1.28
CA GLN B 49 3.32 -6.03 1.54
C GLN B 49 3.09 -5.88 3.04
N LEU B 50 2.44 -4.79 3.43
CA LEU B 50 2.17 -4.52 4.83
C LEU B 50 1.00 -5.35 5.34
N GLU B 51 1.24 -6.11 6.41
CA GLU B 51 0.21 -6.96 7.00
C GLU B 51 -0.74 -6.15 7.87
N ASP B 52 -2.03 -6.38 7.70
CA ASP B 52 -3.06 -5.67 8.46
C ASP B 52 -2.93 -5.94 9.96
N GLY B 53 -3.23 -4.92 10.77
CA GLY B 53 -3.15 -5.06 12.21
C GLY B 53 -1.82 -4.61 12.79
N ARG B 54 -0.74 -4.80 12.03
CA ARG B 54 0.59 -4.41 12.48
C ARG B 54 0.69 -2.90 12.63
N THR B 55 1.31 -2.45 13.71
CA THR B 55 1.49 -1.02 13.98
C THR B 55 2.48 -0.39 13.00
N LEU B 56 2.17 0.80 12.52
CA LEU B 56 3.03 1.51 11.59
C LEU B 56 4.41 1.76 12.19
N SER B 57 4.44 1.97 13.51
CA SER B 57 5.70 2.24 14.21
C SER B 57 6.74 1.17 13.90
N ASP B 58 6.31 -0.08 13.82
CA ASP B 58 7.20 -1.20 13.53
C ASP B 58 7.96 -0.96 12.22
N TYR B 59 7.21 -0.61 11.18
CA TYR B 59 7.80 -0.35 9.87
C TYR B 59 8.59 0.96 9.86
N ASN B 60 8.15 1.92 10.69
CA ASN B 60 8.80 3.22 10.78
C ASN B 60 8.67 3.96 9.45
N ILE B 61 7.44 4.09 8.98
CA ILE B 61 7.16 4.77 7.72
C ILE B 61 7.45 6.27 7.82
N GLN B 62 8.17 6.78 6.82
CA GLN B 62 8.52 8.20 6.79
C GLN B 62 7.33 9.05 6.35
N LYS B 63 7.23 10.26 6.89
CA LYS B 63 6.14 11.17 6.57
C LYS B 63 6.07 11.42 5.06
N GLU B 64 4.85 11.57 4.54
CA GLU B 64 4.63 11.81 3.11
C GLU B 64 5.10 10.61 2.29
N SER B 65 4.83 9.42 2.79
CA SER B 65 5.22 8.20 2.09
C SER B 65 4.17 7.77 1.08
N THR B 66 4.62 7.22 -0.05
CA THR B 66 3.71 6.76 -1.09
C THR B 66 3.63 5.24 -1.11
N LEU B 67 2.52 4.71 -0.59
CA LEU B 67 2.30 3.26 -0.56
C LEU B 67 1.53 2.79 -1.78
N HIS B 68 2.02 1.70 -2.39
CA HIS B 68 1.39 1.14 -3.57
C HIS B 68 0.20 0.25 -3.20
N LEU B 69 -0.86 0.33 -3.99
CA LEU B 69 -2.06 -0.45 -3.73
C LEU B 69 -2.39 -1.36 -4.92
N VAL B 70 -2.65 -2.63 -4.63
CA VAL B 70 -3.00 -3.60 -5.67
C VAL B 70 -4.33 -4.26 -5.32
N LEU B 71 -5.29 -4.17 -6.22
CA LEU B 71 -6.61 -4.74 -5.98
C LEU B 71 -6.73 -6.13 -6.61
N ARG B 72 -6.97 -7.12 -5.77
CA ARG B 72 -7.13 -8.49 -6.22
C ARG B 72 -8.29 -8.63 -7.20
N LEU B 73 -8.05 -9.36 -8.29
CA LEU B 73 -9.08 -9.56 -9.31
C LEU B 73 -10.29 -10.28 -8.71
N ARG B 74 -11.49 -9.78 -9.03
CA ARG B 74 -12.72 -10.37 -8.52
C ARG B 74 -12.83 -10.20 -7.01
N GLY B 75 -14.00 -9.77 -6.54
CA GLY B 75 -14.20 -9.59 -5.12
C GLY B 75 -15.61 -9.13 -4.78
N GLY B 76 -16.12 -8.19 -5.58
CA GLY B 76 -17.46 -7.67 -5.34
C GLY B 76 -18.52 -8.76 -5.42
N TYR A 1 6.84 8.24 23.22
CA TYR A 1 6.21 8.99 22.10
C TYR A 1 6.15 8.13 20.84
N PRO A 2 4.94 7.95 20.26
CA PRO A 2 4.75 7.14 19.05
C PRO A 2 5.50 7.73 17.85
N GLU A 3 6.16 6.87 17.10
CA GLU A 3 6.92 7.30 15.92
C GLU A 3 6.00 7.97 14.91
N ASP A 4 6.51 8.99 14.24
CA ASP A 4 5.74 9.74 13.23
C ASP A 4 5.15 8.79 12.19
N GLU A 5 5.79 7.64 12.01
CA GLU A 5 5.34 6.65 11.04
C GLU A 5 3.91 6.20 11.33
N GLU A 6 3.62 5.96 12.61
CA GLU A 6 2.29 5.52 13.03
C GLU A 6 1.20 6.48 12.56
N GLU A 7 1.47 7.78 12.66
CA GLU A 7 0.50 8.79 12.26
C GLU A 7 0.12 8.65 10.79
N LEU A 8 1.11 8.60 9.91
CA LEU A 8 0.85 8.47 8.47
C LEU A 8 0.11 7.17 8.16
N ILE A 9 0.61 6.07 8.68
CA ILE A 9 0.00 4.77 8.46
C ILE A 9 -1.50 4.77 8.79
N ARG A 10 -1.84 5.20 10.00
CA ARG A 10 -3.25 5.25 10.41
C ARG A 10 -4.04 6.20 9.54
N LYS A 11 -3.43 7.31 9.14
CA LYS A 11 -4.12 8.27 8.28
C LYS A 11 -4.65 7.54 7.05
N ALA A 12 -3.80 6.72 6.46
CA ALA A 12 -4.17 5.94 5.30
C ALA A 12 -5.24 4.92 5.68
N ILE A 13 -5.13 4.41 6.92
CA ILE A 13 -6.07 3.43 7.43
C ILE A 13 -7.48 3.98 7.48
N GLU A 14 -7.65 5.17 8.06
CA GLU A 14 -8.96 5.80 8.18
C GLU A 14 -9.52 6.18 6.83
N LEU A 15 -8.69 6.79 5.98
CA LEU A 15 -9.13 7.21 4.65
C LEU A 15 -9.62 6.01 3.84
N SER A 16 -8.89 4.91 3.92
CA SER A 16 -9.24 3.69 3.21
C SER A 16 -10.58 3.13 3.71
N LEU A 17 -10.72 3.08 5.03
CA LEU A 17 -11.94 2.57 5.64
C LEU A 17 -13.16 3.39 5.22
N LYS A 18 -12.96 4.69 5.10
CA LYS A 18 -14.04 5.59 4.71
C LYS A 18 -14.61 5.22 3.34
N GLU A 19 -13.73 4.90 2.41
CA GLU A 19 -14.14 4.52 1.07
C GLU A 19 -14.90 3.20 1.07
N SER A 20 -14.37 2.21 1.77
CA SER A 20 -15.00 0.90 1.86
C SER A 20 -16.41 1.00 2.45
N ARG A 21 -16.55 1.86 3.45
CA ARG A 21 -17.84 2.06 4.11
C ARG A 21 -18.31 0.79 4.80
N ASN A 22 -17.48 0.29 5.73
CA ASN A 22 -17.79 -0.93 6.48
C ASN A 22 -17.84 -2.16 5.58
N SER A 23 -17.22 -3.24 6.03
CA SER A 23 -17.19 -4.50 5.29
C SER A 23 -16.43 -4.34 3.98
N ALA A 24 -15.48 -5.25 3.74
CA ALA A 24 -14.68 -5.23 2.52
C ALA A 24 -13.77 -6.45 2.44
N MET B 1 -4.34 -6.97 -13.32
CA MET B 1 -5.13 -5.71 -13.14
C MET B 1 -4.23 -4.55 -12.71
N GLN B 2 -4.50 -3.38 -13.29
CA GLN B 2 -3.74 -2.18 -12.98
C GLN B 2 -4.15 -1.58 -11.65
N ILE B 3 -3.18 -1.04 -10.92
CA ILE B 3 -3.43 -0.41 -9.62
C ILE B 3 -2.49 0.76 -9.41
N PHE B 4 -2.98 1.84 -8.82
CA PHE B 4 -2.16 3.02 -8.58
C PHE B 4 -1.61 3.06 -7.15
N VAL B 5 -0.30 3.19 -7.03
CA VAL B 5 0.35 3.28 -5.74
C VAL B 5 0.43 4.75 -5.33
N LYS B 6 -0.01 5.07 -4.11
CA LYS B 6 0.03 6.45 -3.64
C LYS B 6 0.62 6.54 -2.24
N THR B 7 1.54 7.50 -2.09
CA THR B 7 2.18 7.72 -0.80
C THR B 7 1.28 8.53 0.12
N LEU B 8 1.88 9.30 1.02
CA LEU B 8 1.13 10.12 1.95
C LEU B 8 1.68 11.54 1.99
N THR B 9 1.89 12.10 0.81
CA THR B 9 2.42 13.45 0.67
C THR B 9 1.95 14.09 -0.64
N GLY B 10 2.00 13.32 -1.73
CA GLY B 10 1.57 13.84 -3.01
C GLY B 10 2.19 13.10 -4.19
N LYS B 11 1.93 11.80 -4.29
CA LYS B 11 2.48 11.01 -5.39
C LYS B 11 1.66 9.75 -5.65
N THR B 12 1.40 9.49 -6.94
CA THR B 12 0.64 8.32 -7.37
C THR B 12 1.11 7.87 -8.74
N ILE B 13 1.23 6.54 -8.93
CA ILE B 13 1.70 6.00 -10.21
C ILE B 13 1.09 4.64 -10.52
N THR B 14 0.83 4.41 -11.80
CA THR B 14 0.26 3.16 -12.29
C THR B 14 1.16 1.98 -11.96
N LEU B 15 0.56 0.82 -11.71
CA LEU B 15 1.32 -0.38 -11.39
C LEU B 15 0.51 -1.63 -11.74
N GLU B 16 0.99 -2.38 -12.73
CA GLU B 16 0.33 -3.60 -13.17
C GLU B 16 0.68 -4.76 -12.25
N VAL B 17 -0.34 -5.48 -11.78
CA VAL B 17 -0.12 -6.62 -10.89
C VAL B 17 -1.18 -7.70 -11.08
N GLU B 18 -0.72 -8.94 -11.25
CA GLU B 18 -1.62 -10.07 -11.43
C GLU B 18 -2.24 -10.49 -10.10
N SER B 19 -3.53 -10.82 -10.12
CA SER B 19 -4.23 -11.24 -8.91
C SER B 19 -3.51 -12.41 -8.25
N SER B 20 -3.05 -13.35 -9.06
CA SER B 20 -2.34 -14.53 -8.55
C SER B 20 -1.04 -14.12 -7.88
N ASP B 21 -0.32 -13.18 -8.48
CA ASP B 21 0.95 -12.72 -7.94
C ASP B 21 0.79 -12.21 -6.50
N THR B 22 1.69 -12.66 -5.63
CA THR B 22 1.67 -12.25 -4.23
C THR B 22 2.17 -10.83 -4.05
N ILE B 23 1.87 -10.24 -2.88
CA ILE B 23 2.30 -8.88 -2.57
C ILE B 23 3.78 -8.70 -2.82
N ASP B 24 4.57 -9.72 -2.52
CA ASP B 24 6.02 -9.67 -2.71
C ASP B 24 6.34 -9.23 -4.13
N ASN B 25 5.64 -9.80 -5.10
CA ASN B 25 5.84 -9.46 -6.50
C ASN B 25 5.65 -7.96 -6.71
N VAL B 26 4.59 -7.43 -6.13
CA VAL B 26 4.29 -6.00 -6.23
C VAL B 26 5.46 -5.17 -5.74
N LYS B 27 6.02 -5.57 -4.60
CA LYS B 27 7.16 -4.86 -4.03
C LYS B 27 8.34 -4.86 -5.00
N SER B 28 8.55 -5.99 -5.67
CA SER B 28 9.65 -6.10 -6.63
C SER B 28 9.51 -5.09 -7.75
N LYS B 29 8.30 -5.00 -8.31
CA LYS B 29 8.04 -4.05 -9.39
C LYS B 29 8.18 -2.60 -8.92
N ILE B 30 7.62 -2.29 -7.76
CA ILE B 30 7.69 -0.95 -7.21
C ILE B 30 9.14 -0.54 -6.94
N GLN B 31 9.91 -1.46 -6.37
CA GLN B 31 11.31 -1.20 -6.06
C GLN B 31 12.09 -0.91 -7.33
N ASP B 32 11.82 -1.69 -8.38
CA ASP B 32 12.50 -1.53 -9.66
C ASP B 32 12.20 -0.17 -10.29
N LYS B 33 10.94 0.22 -10.32
CA LYS B 33 10.52 1.48 -10.92
C LYS B 33 10.90 2.68 -10.05
N GLU B 34 10.29 2.77 -8.87
CA GLU B 34 10.54 3.88 -7.95
C GLU B 34 11.97 3.88 -7.44
N GLY B 35 12.52 2.69 -7.22
CA GLY B 35 13.87 2.58 -6.69
C GLY B 35 13.90 2.76 -5.19
N ILE B 36 12.91 2.17 -4.52
CA ILE B 36 12.80 2.25 -3.07
C ILE B 36 12.68 0.85 -2.46
N PRO B 37 13.42 0.57 -1.37
CA PRO B 37 13.39 -0.73 -0.71
C PRO B 37 11.96 -1.18 -0.38
N PRO B 38 11.65 -2.47 -0.56
CA PRO B 38 10.32 -3.02 -0.29
C PRO B 38 9.90 -2.83 1.16
N ASP B 39 10.81 -3.15 2.09
CA ASP B 39 10.53 -3.02 3.51
C ASP B 39 10.25 -1.57 3.87
N GLN B 40 11.02 -0.66 3.28
CA GLN B 40 10.86 0.77 3.53
C GLN B 40 9.42 1.21 3.28
N GLN B 41 8.88 0.80 2.15
CA GLN B 41 7.51 1.14 1.78
C GLN B 41 6.51 0.27 2.51
N ARG B 42 5.43 0.87 3.01
CA ARG B 42 4.39 0.12 3.72
C ARG B 42 3.03 0.31 3.05
N LEU B 43 2.64 -0.68 2.26
CA LEU B 43 1.35 -0.64 1.56
C LEU B 43 0.19 -0.99 2.48
N ILE B 44 -0.91 -0.26 2.32
CA ILE B 44 -2.11 -0.48 3.13
C ILE B 44 -3.36 -0.45 2.25
N PHE B 45 -4.31 -1.33 2.54
CA PHE B 45 -5.55 -1.40 1.78
C PHE B 45 -6.72 -1.80 2.68
N ALA B 46 -7.90 -1.23 2.37
CA ALA B 46 -9.11 -1.50 3.15
C ALA B 46 -8.96 -1.00 4.58
N GLY B 47 -8.16 -1.71 5.36
CA GLY B 47 -7.93 -1.33 6.74
C GLY B 47 -6.86 -2.19 7.39
N LYS B 48 -5.85 -2.55 6.61
CA LYS B 48 -4.75 -3.38 7.11
C LYS B 48 -3.60 -3.45 6.12
N GLN B 49 -2.40 -3.72 6.64
CA GLN B 49 -1.20 -3.82 5.83
C GLN B 49 -1.35 -4.94 4.80
N LEU B 50 -0.79 -4.72 3.61
CA LEU B 50 -0.87 -5.71 2.54
C LEU B 50 0.11 -6.85 2.75
N GLU B 51 0.28 -7.27 4.01
CA GLU B 51 1.17 -8.38 4.34
C GLU B 51 2.46 -8.33 3.51
N ASP B 52 2.97 -9.51 3.16
CA ASP B 52 4.18 -9.62 2.36
C ASP B 52 4.36 -11.05 1.87
N GLY B 53 3.26 -11.70 1.52
CA GLY B 53 3.31 -13.06 1.04
C GLY B 53 1.93 -13.67 0.91
N ARG B 54 1.00 -12.92 0.34
CA ARG B 54 -0.37 -13.38 0.17
C ARG B 54 -0.90 -13.01 -1.22
N THR B 55 -1.55 -13.95 -1.88
CA THR B 55 -2.10 -13.72 -3.21
C THR B 55 -3.22 -12.67 -3.17
N LEU B 56 -3.21 -11.78 -4.15
CA LEU B 56 -4.22 -10.72 -4.23
C LEU B 56 -5.63 -11.29 -4.36
N SER B 57 -5.73 -12.49 -4.93
CA SER B 57 -7.02 -13.14 -5.12
C SER B 57 -7.82 -13.18 -3.82
N ASP B 58 -7.18 -13.58 -2.74
CA ASP B 58 -7.84 -13.66 -1.44
C ASP B 58 -8.39 -12.29 -1.05
N TYR B 59 -7.59 -11.26 -1.27
CA TYR B 59 -7.98 -9.89 -0.94
C TYR B 59 -9.16 -9.46 -1.82
N ASN B 60 -9.22 -9.98 -3.04
CA ASN B 60 -10.28 -9.65 -3.98
C ASN B 60 -10.24 -8.17 -4.33
N ILE B 61 -9.04 -7.68 -4.64
CA ILE B 61 -8.87 -6.27 -4.99
C ILE B 61 -9.43 -5.98 -6.38
N GLN B 62 -10.27 -4.95 -6.46
CA GLN B 62 -10.88 -4.55 -7.73
C GLN B 62 -9.90 -3.76 -8.59
N LYS B 63 -10.00 -3.93 -9.90
CA LYS B 63 -9.12 -3.24 -10.84
C LYS B 63 -9.25 -1.73 -10.69
N GLU B 64 -8.15 -1.02 -10.96
CA GLU B 64 -8.11 0.44 -10.88
C GLU B 64 -8.31 0.93 -9.45
N SER B 65 -7.52 0.40 -8.52
CA SER B 65 -7.61 0.79 -7.12
C SER B 65 -6.30 1.43 -6.65
N THR B 66 -6.42 2.47 -5.83
CA THR B 66 -5.26 3.17 -5.31
C THR B 66 -4.86 2.63 -3.94
N LEU B 67 -3.67 2.04 -3.87
CA LEU B 67 -3.16 1.48 -2.63
C LEU B 67 -2.35 2.51 -1.84
N HIS B 68 -2.56 2.55 -0.53
CA HIS B 68 -1.85 3.50 0.32
C HIS B 68 -0.42 3.04 0.59
N LEU B 69 0.50 4.00 0.72
CA LEU B 69 1.90 3.69 0.98
C LEU B 69 2.44 4.59 2.10
N VAL B 70 3.19 3.99 3.03
CA VAL B 70 3.76 4.74 4.15
C VAL B 70 5.26 4.49 4.24
N LEU B 71 6.04 5.57 4.23
CA LEU B 71 7.49 5.46 4.31
C LEU B 71 7.94 5.34 5.77
N ARG B 72 8.67 4.28 6.07
CA ARG B 72 9.18 4.05 7.42
C ARG B 72 10.03 5.22 7.90
N LEU B 73 9.89 5.57 9.17
CA LEU B 73 10.65 6.68 9.75
C LEU B 73 12.15 6.38 9.66
N ARG B 74 12.91 7.37 9.20
CA ARG B 74 14.35 7.22 9.07
C ARG B 74 15.01 8.55 8.69
N GLY B 75 14.38 9.25 7.74
CA GLY B 75 14.91 10.53 7.29
C GLY B 75 14.83 11.61 8.36
N GLY B 76 14.35 12.78 7.98
CA GLY B 76 14.22 13.88 8.92
C GLY B 76 13.17 13.63 9.98
N TYR A 1 6.21 10.36 22.64
CA TYR A 1 5.02 10.56 21.77
C TYR A 1 5.08 9.68 20.53
N PRO A 2 3.93 9.11 20.13
CA PRO A 2 3.84 8.24 18.95
C PRO A 2 4.33 8.93 17.68
N GLU A 3 5.04 8.19 16.83
CA GLU A 3 5.57 8.73 15.59
C GLU A 3 4.47 9.42 14.79
N ASP A 4 4.78 10.60 14.27
CA ASP A 4 3.83 11.37 13.48
C ASP A 4 3.38 10.60 12.24
N GLU A 5 4.31 9.86 11.65
CA GLU A 5 4.02 9.07 10.46
C GLU A 5 2.96 8.02 10.75
N GLU A 6 3.01 7.47 11.96
CA GLU A 6 2.06 6.45 12.37
C GLU A 6 0.63 6.95 12.21
N GLU A 7 0.42 8.23 12.52
CA GLU A 7 -0.90 8.85 12.40
C GLU A 7 -1.41 8.72 10.97
N LEU A 8 -0.51 8.91 10.01
CA LEU A 8 -0.88 8.82 8.60
C LEU A 8 -1.21 7.38 8.22
N ILE A 9 -0.44 6.42 8.77
CA ILE A 9 -0.67 5.01 8.50
C ILE A 9 -2.08 4.62 8.89
N ARG A 10 -2.45 4.87 10.14
CA ARG A 10 -3.79 4.53 10.62
C ARG A 10 -4.85 5.32 9.89
N LYS A 11 -4.55 6.58 9.57
CA LYS A 11 -5.49 7.42 8.85
C LYS A 11 -5.88 6.71 7.56
N ALA A 12 -4.87 6.16 6.89
CA ALA A 12 -5.08 5.42 5.66
C ALA A 12 -5.88 4.16 5.98
N ILE A 13 -5.62 3.59 7.15
CA ILE A 13 -6.30 2.39 7.60
C ILE A 13 -7.80 2.64 7.75
N GLU A 14 -8.14 3.80 8.30
CA GLU A 14 -9.54 4.16 8.49
C GLU A 14 -10.23 4.36 7.15
N LEU A 15 -9.56 5.05 6.24
CA LEU A 15 -10.11 5.29 4.91
C LEU A 15 -10.40 3.99 4.18
N SER A 16 -9.47 3.03 4.29
CA SER A 16 -9.62 1.75 3.63
C SER A 16 -10.80 0.97 4.20
N LEU A 17 -10.92 0.95 5.53
CA LEU A 17 -12.01 0.24 6.18
C LEU A 17 -13.37 0.76 5.72
N LYS A 18 -13.52 2.07 5.68
CA LYS A 18 -14.77 2.68 5.24
C LYS A 18 -15.10 2.28 3.81
N GLU A 19 -14.08 2.30 2.96
CA GLU A 19 -14.25 1.93 1.55
C GLU A 19 -14.68 0.48 1.40
N SER A 20 -14.14 -0.40 2.24
CA SER A 20 -14.46 -1.82 2.21
C SER A 20 -15.82 -2.10 2.85
N ARG A 21 -16.86 -1.45 2.34
CA ARG A 21 -18.21 -1.63 2.86
C ARG A 21 -18.63 -3.10 2.82
N ASN A 22 -18.33 -3.76 1.70
CA ASN A 22 -18.68 -5.16 1.52
C ASN A 22 -18.06 -5.70 0.24
N SER A 23 -18.16 -4.93 -0.83
CA SER A 23 -17.63 -5.32 -2.13
C SER A 23 -17.46 -4.11 -3.04
N ALA A 24 -16.91 -3.03 -2.49
CA ALA A 24 -16.70 -1.80 -3.25
C ALA A 24 -18.02 -1.26 -3.79
N MET B 1 -2.41 -7.94 -13.01
CA MET B 1 -3.56 -7.06 -12.66
C MET B 1 -3.07 -5.67 -12.25
N GLN B 2 -3.69 -4.64 -12.81
CA GLN B 2 -3.33 -3.26 -12.51
C GLN B 2 -3.89 -2.82 -11.17
N ILE B 3 -3.12 -2.01 -10.44
CA ILE B 3 -3.54 -1.51 -9.14
C ILE B 3 -2.98 -0.12 -8.88
N PHE B 4 -3.81 0.75 -8.30
CA PHE B 4 -3.40 2.11 -8.00
C PHE B 4 -2.78 2.19 -6.61
N VAL B 5 -1.92 3.20 -6.42
CA VAL B 5 -1.26 3.41 -5.14
C VAL B 5 -1.28 4.88 -4.77
N LYS B 6 -1.97 5.20 -3.68
CA LYS B 6 -2.09 6.58 -3.22
C LYS B 6 -1.02 6.92 -2.19
N THR B 7 -0.34 8.04 -2.41
CA THR B 7 0.69 8.50 -1.50
C THR B 7 0.06 9.34 -0.39
N LEU B 8 0.63 9.27 0.82
CA LEU B 8 0.11 10.04 1.95
C LEU B 8 -0.14 11.49 1.57
N THR B 9 0.73 12.02 0.72
CA THR B 9 0.60 13.40 0.27
C THR B 9 -0.71 13.60 -0.50
N GLY B 10 -0.98 12.72 -1.45
CA GLY B 10 -2.21 12.82 -2.23
C GLY B 10 -1.98 12.61 -3.72
N LYS B 11 -1.47 11.44 -4.08
CA LYS B 11 -1.21 11.13 -5.49
C LYS B 11 -1.31 9.64 -5.76
N THR B 12 -2.28 9.26 -6.60
CA THR B 12 -2.50 7.87 -6.96
C THR B 12 -1.80 7.54 -8.27
N ILE B 13 -1.16 6.37 -8.33
CA ILE B 13 -0.46 5.96 -9.54
C ILE B 13 -0.73 4.49 -9.89
N THR B 14 -0.91 4.24 -11.19
CA THR B 14 -1.16 2.89 -11.69
C THR B 14 0.10 2.04 -11.63
N LEU B 15 -0.05 0.75 -11.33
CA LEU B 15 1.09 -0.15 -11.25
C LEU B 15 0.66 -1.58 -11.59
N GLU B 16 1.25 -2.12 -12.65
CA GLU B 16 0.93 -3.47 -13.11
C GLU B 16 1.64 -4.52 -12.25
N VAL B 17 0.89 -5.52 -11.78
CA VAL B 17 1.44 -6.58 -10.95
C VAL B 17 0.61 -7.86 -11.08
N GLU B 18 1.29 -8.98 -11.35
CA GLU B 18 0.61 -10.26 -11.49
C GLU B 18 0.15 -10.77 -10.12
N SER B 19 -1.06 -11.31 -10.08
CA SER B 19 -1.61 -11.84 -8.84
C SER B 19 -0.71 -12.91 -8.24
N SER B 20 -0.10 -13.71 -9.11
CA SER B 20 0.79 -14.78 -8.68
C SER B 20 1.98 -14.22 -7.89
N ASP B 21 2.58 -13.16 -8.41
CA ASP B 21 3.73 -12.52 -7.75
C ASP B 21 3.34 -12.00 -6.38
N THR B 22 4.23 -12.18 -5.41
CA THR B 22 3.98 -11.75 -4.04
C THR B 22 4.01 -10.22 -3.94
N ILE B 23 4.35 -9.71 -2.75
CA ILE B 23 4.41 -8.28 -2.50
C ILE B 23 5.77 -7.72 -2.90
N ASP B 24 6.83 -8.46 -2.59
CA ASP B 24 8.19 -8.03 -2.90
C ASP B 24 8.31 -7.61 -4.36
N ASN B 25 7.73 -8.41 -5.26
CA ASN B 25 7.77 -8.11 -6.68
C ASN B 25 7.15 -6.75 -6.96
N VAL B 26 6.01 -6.48 -6.33
CA VAL B 26 5.32 -5.21 -6.50
C VAL B 26 6.21 -4.06 -6.07
N LYS B 27 6.88 -4.22 -4.93
CA LYS B 27 7.77 -3.19 -4.41
C LYS B 27 8.91 -2.91 -5.39
N SER B 28 9.41 -3.96 -6.02
CA SER B 28 10.50 -3.82 -6.98
C SER B 28 10.06 -2.95 -8.16
N LYS B 29 8.89 -3.24 -8.70
CA LYS B 29 8.36 -2.49 -9.83
C LYS B 29 8.08 -1.04 -9.44
N ILE B 30 7.41 -0.85 -8.31
CA ILE B 30 7.10 0.49 -7.82
C ILE B 30 8.37 1.29 -7.58
N GLN B 31 9.38 0.63 -7.02
CA GLN B 31 10.66 1.27 -6.74
C GLN B 31 11.31 1.73 -8.04
N ASP B 32 11.23 0.89 -9.07
CA ASP B 32 11.81 1.22 -10.36
C ASP B 32 11.17 2.46 -10.97
N LYS B 33 9.85 2.54 -10.88
CA LYS B 33 9.10 3.67 -11.45
C LYS B 33 9.15 4.90 -10.53
N GLU B 34 8.58 4.76 -9.33
CA GLU B 34 8.52 5.86 -8.37
C GLU B 34 9.90 6.21 -7.82
N GLY B 35 10.71 5.20 -7.54
CA GLY B 35 12.03 5.45 -6.99
C GLY B 35 12.01 5.61 -5.49
N ILE B 36 11.43 4.63 -4.80
CA ILE B 36 11.35 4.66 -3.34
C ILE B 36 11.67 3.29 -2.75
N PRO B 37 12.52 3.24 -1.71
CA PRO B 37 12.91 1.98 -1.06
C PRO B 37 11.70 1.15 -0.63
N PRO B 38 11.72 -0.17 -0.90
CA PRO B 38 10.62 -1.07 -0.54
C PRO B 38 10.38 -1.11 0.97
N ASP B 39 11.48 -1.19 1.72
CA ASP B 39 11.40 -1.24 3.18
C ASP B 39 10.74 0.02 3.74
N GLN B 40 11.13 1.17 3.20
CA GLN B 40 10.57 2.44 3.65
C GLN B 40 9.07 2.51 3.41
N GLN B 41 8.66 2.50 2.14
CA GLN B 41 7.25 2.57 1.79
C GLN B 41 6.50 1.33 2.24
N ARG B 42 5.25 1.51 2.66
CA ARG B 42 4.44 0.39 3.13
C ARG B 42 3.01 0.52 2.61
N LEU B 43 2.52 -0.54 1.98
CA LEU B 43 1.16 -0.57 1.44
C LEU B 43 0.15 -0.98 2.50
N ILE B 44 -1.03 -0.36 2.45
CA ILE B 44 -2.09 -0.67 3.40
C ILE B 44 -3.43 -0.80 2.68
N PHE B 45 -4.23 -1.77 3.10
CA PHE B 45 -5.52 -2.03 2.48
C PHE B 45 -6.40 -2.86 3.42
N ALA B 46 -7.71 -2.63 3.34
CA ALA B 46 -8.66 -3.36 4.19
C ALA B 46 -8.24 -3.30 5.65
N GLY B 47 -7.70 -2.15 6.05
CA GLY B 47 -7.26 -1.96 7.42
C GLY B 47 -6.19 -2.94 7.82
N LYS B 48 -5.24 -3.20 6.92
CA LYS B 48 -4.15 -4.13 7.20
C LYS B 48 -3.02 -3.98 6.20
N GLN B 49 -1.80 -3.87 6.69
CA GLN B 49 -0.64 -3.73 5.81
C GLN B 49 -0.48 -4.98 4.95
N LEU B 50 -0.22 -4.78 3.66
CA LEU B 50 -0.06 -5.89 2.73
C LEU B 50 1.30 -6.55 2.87
N GLU B 51 1.84 -6.54 4.09
CA GLU B 51 3.13 -7.16 4.37
C GLU B 51 4.14 -6.85 3.27
N ASP B 52 5.05 -7.79 3.01
CA ASP B 52 6.08 -7.61 1.99
C ASP B 52 6.64 -8.96 1.58
N GLY B 53 5.76 -9.93 1.36
CA GLY B 53 6.18 -11.26 0.96
C GLY B 53 5.04 -12.25 0.92
N ARG B 54 3.94 -11.85 0.27
CA ARG B 54 2.76 -12.71 0.17
C ARG B 54 2.04 -12.49 -1.17
N THR B 55 1.58 -13.59 -1.76
CA THR B 55 0.88 -13.53 -3.05
C THR B 55 -0.37 -12.67 -2.96
N LEU B 56 -0.58 -11.85 -3.99
CA LEU B 56 -1.75 -10.98 -4.05
C LEU B 56 -3.04 -11.78 -4.10
N SER B 57 -3.01 -12.91 -4.80
CA SER B 57 -4.18 -13.78 -4.93
C SER B 57 -4.79 -14.10 -3.58
N ASP B 58 -3.95 -14.36 -2.59
CA ASP B 58 -4.42 -14.69 -1.25
C ASP B 58 -5.29 -13.56 -0.69
N TYR B 59 -4.83 -12.34 -0.86
CA TYR B 59 -5.57 -11.17 -0.37
C TYR B 59 -6.83 -10.92 -1.19
N ASN B 60 -6.80 -11.34 -2.45
CA ASN B 60 -7.94 -11.15 -3.35
C ASN B 60 -8.17 -9.66 -3.59
N ILE B 61 -7.09 -8.93 -3.85
CA ILE B 61 -7.15 -7.50 -4.10
C ILE B 61 -8.03 -7.18 -5.31
N GLN B 62 -8.88 -6.17 -5.16
CA GLN B 62 -9.78 -5.76 -6.22
C GLN B 62 -9.00 -5.12 -7.38
N LYS B 63 -9.44 -5.38 -8.60
CA LYS B 63 -8.80 -4.83 -9.79
C LYS B 63 -8.85 -3.30 -9.79
N GLU B 64 -7.72 -2.68 -10.10
CA GLU B 64 -7.61 -1.22 -10.14
C GLU B 64 -7.98 -0.60 -8.80
N SER B 65 -7.56 -1.26 -7.71
CA SER B 65 -7.84 -0.77 -6.37
C SER B 65 -6.71 0.14 -5.87
N THR B 66 -7.08 1.17 -5.12
CA THR B 66 -6.11 2.11 -4.56
C THR B 66 -5.43 1.52 -3.33
N LEU B 67 -4.12 1.66 -3.25
CA LEU B 67 -3.37 1.13 -2.11
C LEU B 67 -2.70 2.26 -1.33
N HIS B 68 -2.91 2.28 -0.02
CA HIS B 68 -2.34 3.29 0.84
C HIS B 68 -0.83 3.09 0.99
N LEU B 69 -0.06 4.15 0.77
CA LEU B 69 1.39 4.07 0.89
C LEU B 69 1.90 4.99 2.00
N VAL B 70 2.80 4.48 2.82
CA VAL B 70 3.37 5.26 3.91
C VAL B 70 4.88 5.08 4.00
N LEU B 71 5.61 6.19 4.01
CA LEU B 71 7.07 6.15 4.08
C LEU B 71 7.55 5.98 5.52
N ARG B 72 8.38 4.97 5.73
CA ARG B 72 8.92 4.70 7.07
C ARG B 72 9.96 5.76 7.44
N LEU B 73 9.96 6.16 8.71
CA LEU B 73 10.90 7.16 9.19
C LEU B 73 11.54 6.73 10.51
N ARG B 74 12.86 6.84 10.59
CA ARG B 74 13.60 6.47 11.80
C ARG B 74 13.26 7.41 12.95
N GLY B 75 13.21 8.70 12.66
CA GLY B 75 12.91 9.69 13.68
C GLY B 75 13.93 9.73 14.79
N GLY B 76 15.21 9.76 14.40
CA GLY B 76 16.28 9.80 15.38
C GLY B 76 17.65 9.91 14.74
N TYR A 1 5.96 11.94 22.50
CA TYR A 1 5.95 12.26 21.05
C TYR A 1 5.66 11.02 20.21
N PRO A 2 4.61 11.08 19.36
CA PRO A 2 4.22 9.95 18.51
C PRO A 2 5.33 9.53 17.56
N GLU A 3 5.54 8.22 17.43
CA GLU A 3 6.56 7.69 16.55
C GLU A 3 6.33 8.12 15.11
N ASP A 4 7.40 8.52 14.43
CA ASP A 4 7.30 8.97 13.04
C ASP A 4 6.81 7.85 12.13
N GLU A 5 7.36 6.66 12.32
CA GLU A 5 6.99 5.50 11.52
C GLU A 5 5.53 5.11 11.74
N GLU A 6 5.14 4.97 13.00
CA GLU A 6 3.78 4.59 13.35
C GLU A 6 2.78 5.64 12.88
N GLU A 7 3.13 6.92 13.07
CA GLU A 7 2.25 8.02 12.66
C GLU A 7 1.91 7.93 11.18
N LEU A 8 2.91 7.65 10.35
CA LEU A 8 2.71 7.56 8.92
C LEU A 8 1.85 6.34 8.57
N ILE A 9 2.19 5.19 9.14
CA ILE A 9 1.43 3.97 8.90
C ILE A 9 -0.04 4.14 9.25
N ARG A 10 -0.31 4.57 10.49
CA ARG A 10 -1.68 4.79 10.93
C ARG A 10 -2.35 5.86 10.09
N LYS A 11 -1.56 6.84 9.65
CA LYS A 11 -2.09 7.91 8.81
C LYS A 11 -2.77 7.29 7.60
N ALA A 12 -2.06 6.37 6.97
CA ALA A 12 -2.59 5.66 5.82
C ALA A 12 -3.78 4.81 6.25
N ILE A 13 -3.71 4.29 7.48
CA ILE A 13 -4.77 3.47 8.03
C ILE A 13 -6.10 4.23 8.07
N GLU A 14 -6.04 5.46 8.58
CA GLU A 14 -7.23 6.30 8.67
C GLU A 14 -7.76 6.64 7.28
N LEU A 15 -6.84 7.05 6.40
CA LEU A 15 -7.21 7.40 5.04
C LEU A 15 -7.94 6.25 4.35
N SER A 16 -7.47 5.03 4.63
CA SER A 16 -8.08 3.84 4.04
C SER A 16 -9.50 3.62 4.56
N LEU A 17 -9.65 3.67 5.88
CA LEU A 17 -10.97 3.49 6.50
C LEU A 17 -11.97 4.45 5.91
N LYS A 18 -11.56 5.70 5.73
CA LYS A 18 -12.44 6.72 5.16
C LYS A 18 -12.83 6.35 3.74
N GLU A 19 -11.88 5.81 2.99
CA GLU A 19 -12.11 5.39 1.62
C GLU A 19 -13.23 4.35 1.56
N SER A 20 -13.30 3.50 2.58
CA SER A 20 -14.32 2.45 2.64
C SER A 20 -14.54 2.01 4.09
N ARG A 21 -15.79 2.15 4.55
CA ARG A 21 -16.14 1.77 5.92
C ARG A 21 -16.16 0.25 6.07
N ASN A 22 -16.95 -0.42 5.24
CA ASN A 22 -17.05 -1.88 5.29
C ASN A 22 -15.72 -2.53 4.90
N SER A 23 -15.40 -3.64 5.56
CA SER A 23 -14.17 -4.36 5.29
C SER A 23 -14.10 -4.80 3.83
N ALA A 24 -12.98 -4.53 3.18
CA ALA A 24 -12.79 -4.89 1.79
C ALA A 24 -12.80 -6.41 1.61
N MET B 1 -5.32 -6.76 -13.74
CA MET B 1 -6.06 -5.67 -13.04
C MET B 1 -5.13 -4.53 -12.64
N GLN B 2 -5.58 -3.30 -12.85
CA GLN B 2 -4.78 -2.13 -12.51
C GLN B 2 -5.26 -1.49 -11.21
N ILE B 3 -4.31 -1.10 -10.37
CA ILE B 3 -4.63 -0.48 -9.09
C ILE B 3 -3.68 0.67 -8.80
N PHE B 4 -4.22 1.77 -8.28
CA PHE B 4 -3.41 2.94 -7.97
C PHE B 4 -2.51 2.70 -6.78
N VAL B 5 -1.65 3.68 -6.51
CA VAL B 5 -0.71 3.60 -5.40
C VAL B 5 -0.56 4.97 -4.74
N LYS B 6 -1.16 5.12 -3.56
CA LYS B 6 -1.11 6.39 -2.83
C LYS B 6 0.02 6.38 -1.80
N THR B 7 0.79 7.48 -1.77
CA THR B 7 1.89 7.61 -0.83
C THR B 7 1.43 8.22 0.50
N LEU B 8 2.35 8.90 1.19
CA LEU B 8 2.05 9.53 2.47
C LEU B 8 1.23 10.81 2.31
N THR B 9 1.74 11.75 1.53
CA THR B 9 1.07 13.01 1.30
C THR B 9 -0.28 12.80 0.62
N GLY B 10 -0.27 12.04 -0.47
CA GLY B 10 -1.49 11.76 -1.19
C GLY B 10 -1.27 11.59 -2.69
N LYS B 11 -0.05 11.19 -3.05
CA LYS B 11 0.28 10.99 -4.45
C LYS B 11 -0.20 9.63 -4.94
N THR B 12 -1.15 9.65 -5.87
CA THR B 12 -1.70 8.42 -6.43
C THR B 12 -1.07 8.11 -7.79
N ILE B 13 -0.66 6.86 -7.97
CA ILE B 13 -0.04 6.45 -9.22
C ILE B 13 -0.55 5.09 -9.66
N THR B 14 -0.96 4.99 -10.92
CA THR B 14 -1.46 3.74 -11.47
C THR B 14 -0.36 2.67 -11.49
N LEU B 15 -0.71 1.45 -11.12
CA LEU B 15 0.24 0.36 -11.10
C LEU B 15 -0.45 -0.95 -11.52
N GLU B 16 -0.07 -1.42 -12.71
CA GLU B 16 -0.62 -2.65 -13.27
C GLU B 16 -0.07 -3.87 -12.56
N VAL B 17 -0.94 -4.83 -12.27
CA VAL B 17 -0.52 -6.06 -11.60
C VAL B 17 -1.61 -7.13 -11.66
N GLU B 18 -1.23 -8.32 -12.08
CA GLU B 18 -2.16 -9.44 -12.19
C GLU B 18 -2.62 -9.90 -10.80
N SER B 19 -3.89 -10.27 -10.71
CA SER B 19 -4.46 -10.72 -9.44
C SER B 19 -3.68 -11.91 -8.90
N SER B 20 -3.28 -12.81 -9.80
CA SER B 20 -2.52 -14.00 -9.40
C SER B 20 -1.22 -13.60 -8.70
N ASP B 21 -0.58 -12.55 -9.20
CA ASP B 21 0.67 -12.08 -8.62
C ASP B 21 0.50 -11.77 -7.14
N THR B 22 1.45 -12.23 -6.32
CA THR B 22 1.41 -12.00 -4.88
C THR B 22 1.75 -10.55 -4.54
N ILE B 23 2.19 -10.33 -3.31
CA ILE B 23 2.56 -8.99 -2.87
C ILE B 23 3.96 -8.63 -3.35
N ASP B 24 4.89 -9.56 -3.17
CA ASP B 24 6.28 -9.34 -3.58
C ASP B 24 6.33 -8.91 -5.05
N ASN B 25 5.47 -9.50 -5.86
CA ASN B 25 5.39 -9.18 -7.28
C ASN B 25 5.02 -7.72 -7.48
N VAL B 26 4.01 -7.27 -6.74
CA VAL B 26 3.55 -5.89 -6.84
C VAL B 26 4.64 -4.91 -6.44
N LYS B 27 5.27 -5.16 -5.31
CA LYS B 27 6.33 -4.29 -4.80
C LYS B 27 7.49 -4.20 -5.78
N SER B 28 7.88 -5.33 -6.35
CA SER B 28 8.99 -5.35 -7.31
C SER B 28 8.67 -4.47 -8.52
N LYS B 29 7.47 -4.62 -9.05
CA LYS B 29 7.04 -3.82 -10.20
C LYS B 29 7.02 -2.33 -9.84
N ILE B 30 6.48 -2.03 -8.66
CA ILE B 30 6.43 -0.64 -8.19
C ILE B 30 7.83 -0.06 -8.11
N GLN B 31 8.78 -0.86 -7.65
CA GLN B 31 10.17 -0.44 -7.53
C GLN B 31 10.73 -0.08 -8.90
N ASP B 32 10.43 -0.90 -9.90
CA ASP B 32 10.92 -0.67 -11.25
C ASP B 32 10.41 0.66 -11.81
N LYS B 33 9.12 0.94 -11.61
CA LYS B 33 8.51 2.16 -12.11
C LYS B 33 8.88 3.38 -11.27
N GLU B 34 8.46 3.37 -10.00
CA GLU B 34 8.72 4.48 -9.09
C GLU B 34 10.18 4.55 -8.63
N GLY B 35 10.76 3.41 -8.29
CA GLY B 35 12.14 3.40 -7.84
C GLY B 35 12.26 3.52 -6.32
N ILE B 36 11.59 2.62 -5.60
CA ILE B 36 11.61 2.63 -4.14
C ILE B 36 11.74 1.21 -3.59
N PRO B 37 12.64 0.99 -2.62
CA PRO B 37 12.86 -0.33 -2.02
C PRO B 37 11.58 -0.91 -1.43
N PRO B 38 11.26 -2.18 -1.77
CA PRO B 38 10.06 -2.85 -1.26
C PRO B 38 10.04 -2.98 0.25
N ASP B 39 11.19 -3.37 0.82
CA ASP B 39 11.30 -3.55 2.26
C ASP B 39 10.99 -2.25 3.02
N GLN B 40 11.47 -1.13 2.50
CA GLN B 40 11.25 0.16 3.14
C GLN B 40 9.77 0.58 3.06
N GLN B 41 9.20 0.49 1.87
CA GLN B 41 7.80 0.86 1.66
C GLN B 41 6.86 -0.16 2.30
N ARG B 42 5.92 0.34 3.09
CA ARG B 42 4.94 -0.52 3.76
C ARG B 42 3.62 -0.50 3.00
N LEU B 43 3.07 -1.68 2.76
CA LEU B 43 1.82 -1.81 2.03
C LEU B 43 0.63 -1.81 2.99
N ILE B 44 -0.39 -1.03 2.66
CA ILE B 44 -1.59 -0.93 3.50
C ILE B 44 -2.84 -0.75 2.66
N PHE B 45 -3.94 -1.36 3.10
CA PHE B 45 -5.21 -1.27 2.39
C PHE B 45 -6.36 -1.73 3.29
N ALA B 46 -7.49 -1.04 3.17
CA ALA B 46 -8.68 -1.36 3.98
C ALA B 46 -8.35 -1.42 5.45
N GLY B 47 -7.55 -0.46 5.91
CA GLY B 47 -7.16 -0.41 7.32
C GLY B 47 -6.49 -1.67 7.79
N LYS B 48 -5.73 -2.31 6.89
CA LYS B 48 -5.02 -3.54 7.23
C LYS B 48 -3.75 -3.66 6.39
N GLN B 49 -2.62 -3.88 7.06
CA GLN B 49 -1.34 -4.01 6.38
C GLN B 49 -1.30 -5.29 5.54
N LEU B 50 -0.82 -5.17 4.31
CA LEU B 50 -0.72 -6.31 3.41
C LEU B 50 0.60 -7.03 3.60
N GLU B 51 0.55 -8.35 3.74
CA GLU B 51 1.75 -9.16 3.92
C GLU B 51 2.58 -9.17 2.64
N ASP B 52 3.40 -10.20 2.47
CA ASP B 52 4.24 -10.31 1.29
C ASP B 52 3.97 -11.61 0.54
N GLY B 53 4.09 -12.72 1.24
CA GLY B 53 3.86 -14.03 0.63
C GLY B 53 2.39 -14.36 0.53
N ARG B 54 1.60 -13.47 -0.08
CA ARG B 54 0.17 -13.69 -0.23
C ARG B 54 -0.34 -13.14 -1.56
N THR B 55 -1.16 -13.93 -2.23
CA THR B 55 -1.74 -13.53 -3.51
C THR B 55 -2.81 -12.46 -3.33
N LEU B 56 -2.84 -11.50 -4.25
CA LEU B 56 -3.81 -10.41 -4.19
C LEU B 56 -5.24 -10.96 -4.19
N SER B 57 -5.44 -12.07 -4.88
CA SER B 57 -6.77 -12.69 -4.96
C SER B 57 -7.36 -12.90 -3.57
N ASP B 58 -6.53 -13.36 -2.63
CA ASP B 58 -6.97 -13.59 -1.27
C ASP B 58 -7.58 -12.34 -0.66
N TYR B 59 -6.89 -11.22 -0.84
CA TYR B 59 -7.35 -9.94 -0.32
C TYR B 59 -8.61 -9.47 -1.05
N ASN B 60 -8.71 -9.85 -2.33
CA ASN B 60 -9.85 -9.47 -3.15
C ASN B 60 -9.91 -7.95 -3.30
N ILE B 61 -8.76 -7.35 -3.63
CA ILE B 61 -8.66 -5.91 -3.80
C ILE B 61 -9.53 -5.43 -4.96
N GLN B 62 -10.27 -4.36 -4.73
CA GLN B 62 -11.14 -3.78 -5.75
C GLN B 62 -10.35 -3.15 -6.88
N LYS B 63 -10.88 -3.22 -8.09
CA LYS B 63 -10.23 -2.65 -9.25
C LYS B 63 -10.15 -1.13 -9.14
N GLU B 64 -9.07 -0.54 -9.64
CA GLU B 64 -8.87 0.90 -9.60
C GLU B 64 -8.80 1.41 -8.16
N SER B 65 -8.19 0.62 -7.29
CA SER B 65 -8.05 0.98 -5.89
C SER B 65 -6.65 1.51 -5.60
N THR B 66 -6.58 2.53 -4.74
CA THR B 66 -5.32 3.13 -4.37
C THR B 66 -4.68 2.38 -3.21
N LEU B 67 -3.45 1.91 -3.40
CA LEU B 67 -2.73 1.18 -2.36
C LEU B 67 -1.95 2.16 -1.47
N HIS B 68 -2.22 2.10 -0.18
CA HIS B 68 -1.54 2.98 0.77
C HIS B 68 -0.12 2.50 1.04
N LEU B 69 0.84 3.42 0.94
CA LEU B 69 2.24 3.10 1.17
C LEU B 69 2.79 3.95 2.32
N VAL B 70 3.66 3.35 3.13
CA VAL B 70 4.25 4.05 4.26
C VAL B 70 5.75 3.78 4.37
N LEU B 71 6.56 4.84 4.22
CA LEU B 71 8.00 4.71 4.29
C LEU B 71 8.47 4.35 5.69
N ARG B 72 9.30 3.31 5.79
CA ARG B 72 9.82 2.86 7.08
C ARG B 72 10.83 3.85 7.63
N LEU B 73 10.66 4.25 8.89
CA LEU B 73 11.56 5.19 9.54
C LEU B 73 11.70 6.47 8.69
N ARG B 74 12.92 6.97 8.56
CA ARG B 74 13.18 8.17 7.77
C ARG B 74 12.76 7.98 6.32
N GLY B 75 12.09 8.98 5.75
CA GLY B 75 11.65 8.90 4.37
C GLY B 75 10.93 10.15 3.92
N GLY B 76 11.50 11.31 4.23
CA GLY B 76 10.90 12.57 3.84
C GLY B 76 11.73 13.77 4.22
#